data_5H1N
# 
_entry.id   5H1N 
# 
_audit_conform.dict_name       mmcif_pdbx.dic 
_audit_conform.dict_version    5.397 
_audit_conform.dict_location   http://mmcif.pdb.org/dictionaries/ascii/mmcif_pdbx.dic 
# 
loop_
_database_2.database_id 
_database_2.database_code 
_database_2.pdbx_database_accession 
_database_2.pdbx_DOI 
PDB   5H1N         pdb_00005h1n 10.2210/pdb5h1n/pdb 
WWPDB D_1300001376 ?            ?                   
# 
loop_
_pdbx_audit_revision_history.ordinal 
_pdbx_audit_revision_history.data_content_type 
_pdbx_audit_revision_history.major_revision 
_pdbx_audit_revision_history.minor_revision 
_pdbx_audit_revision_history.revision_date 
1 'Structure model' 1 0 2017-11-01 
2 'Structure model' 1 1 2024-10-23 
# 
_pdbx_audit_revision_details.ordinal             1 
_pdbx_audit_revision_details.revision_ordinal    1 
_pdbx_audit_revision_details.data_content_type   'Structure model' 
_pdbx_audit_revision_details.provider            repository 
_pdbx_audit_revision_details.type                'Initial release' 
_pdbx_audit_revision_details.description         ? 
_pdbx_audit_revision_details.details             ? 
# 
loop_
_pdbx_audit_revision_group.ordinal 
_pdbx_audit_revision_group.revision_ordinal 
_pdbx_audit_revision_group.data_content_type 
_pdbx_audit_revision_group.group 
1 2 'Structure model' 'Data collection'     
2 2 'Structure model' 'Database references' 
3 2 'Structure model' 'Structure summary'   
# 
loop_
_pdbx_audit_revision_category.ordinal 
_pdbx_audit_revision_category.revision_ordinal 
_pdbx_audit_revision_category.data_content_type 
_pdbx_audit_revision_category.category 
1 2 'Structure model' chem_comp_atom            
2 2 'Structure model' chem_comp_bond            
3 2 'Structure model' database_2                
4 2 'Structure model' pdbx_entry_details        
5 2 'Structure model' pdbx_modification_feature 
# 
loop_
_pdbx_audit_revision_item.ordinal 
_pdbx_audit_revision_item.revision_ordinal 
_pdbx_audit_revision_item.data_content_type 
_pdbx_audit_revision_item.item 
1 2 'Structure model' '_database_2.pdbx_DOI'                
2 2 'Structure model' '_database_2.pdbx_database_accession' 
# 
_pdbx_database_status.status_code                     REL 
_pdbx_database_status.status_code_sf                  REL 
_pdbx_database_status.status_code_mr                  ? 
_pdbx_database_status.entry_id                        5H1N 
_pdbx_database_status.recvd_initial_deposition_date   2016-10-11 
_pdbx_database_status.SG_entry                        N 
_pdbx_database_status.deposit_site                    PDBJ 
_pdbx_database_status.process_site                    PDBJ 
_pdbx_database_status.status_code_cs                  ? 
_pdbx_database_status.methods_development_category    ? 
_pdbx_database_status.pdb_format_compatible           Y 
_pdbx_database_status.status_code_nmr_data            ? 
# 
loop_
_audit_author.name 
_audit_author.pdbx_ordinal 
'Seo, M.D.'  1 
'Seok, S.H.' 2 
'Jung, B.J.' 3 
# 
_citation.abstract                  ? 
_citation.abstract_id_CAS           ? 
_citation.book_id_ISBN              ? 
_citation.book_publisher            ? 
_citation.book_publisher_city       ? 
_citation.book_title                ? 
_citation.coordinate_linkage        ? 
_citation.country                   ? 
_citation.database_id_Medline       ? 
_citation.details                   ? 
_citation.id                        primary 
_citation.journal_abbrev            'To Be Published' 
_citation.journal_id_ASTM           ? 
_citation.journal_id_CSD            0353 
_citation.journal_id_ISSN           ? 
_citation.journal_full              ? 
_citation.journal_issue             ? 
_citation.journal_volume            ? 
_citation.language                  ? 
_citation.page_first                ? 
_citation.page_last                 ? 
_citation.title                     'Crystal structure of SF173 from Shigella flexneri' 
_citation.year                      ? 
_citation.database_id_CSD           ? 
_citation.pdbx_database_id_DOI      ? 
_citation.pdbx_database_id_PubMed   ? 
_citation.unpublished_flag          ? 
# 
loop_
_citation_author.citation_id 
_citation_author.name 
_citation_author.ordinal 
_citation_author.identifier_ORCID 
primary 'Seo, M.D.'  1 ? 
primary 'Seok, S.H.' 2 ? 
primary 'Jung, B.J.' 3 ? 
primary 'Kim, J.H.'  4 ? 
primary 'Kim, H.N.'  5 ? 
# 
loop_
_entity.id 
_entity.type 
_entity.src_method 
_entity.pdbx_description 
_entity.formula_weight 
_entity.pdbx_number_of_molecules 
_entity.pdbx_ec 
_entity.pdbx_mutation 
_entity.pdbx_fragment 
_entity.details 
1 polymer man 'UPF0253 protein YaeP' 8386.146 2   ? ? ? ? 
2 water   nat water                  18.015   216 ? ? ? ? 
# 
_entity_poly.entity_id                      1 
_entity_poly.type                           'polypeptide(L)' 
_entity_poly.nstd_linkage                   no 
_entity_poly.nstd_monomer                   yes 
_entity_poly.pdbx_seq_one_letter_code       
;(MSE)EKYCELIRKRYAEIASGDLGYVPDALGCVLKVLNE(MSE)AADDALSEAVREKAAYAAANLLVSDYVNELEHHHH
HH
;
_entity_poly.pdbx_seq_one_letter_code_can   MEKYCELIRKRYAEIASGDLGYVPDALGCVLKVLNEMAADDALSEAVREKAAYAAANLLVSDYVNELEHHHHHH 
_entity_poly.pdbx_strand_id                 A,B 
_entity_poly.pdbx_target_identifier         ? 
# 
_pdbx_entity_nonpoly.entity_id   2 
_pdbx_entity_nonpoly.name        water 
_pdbx_entity_nonpoly.comp_id     HOH 
# 
loop_
_entity_poly_seq.entity_id 
_entity_poly_seq.num 
_entity_poly_seq.mon_id 
_entity_poly_seq.hetero 
1 1  MSE n 
1 2  GLU n 
1 3  LYS n 
1 4  TYR n 
1 5  CYS n 
1 6  GLU n 
1 7  LEU n 
1 8  ILE n 
1 9  ARG n 
1 10 LYS n 
1 11 ARG n 
1 12 TYR n 
1 13 ALA n 
1 14 GLU n 
1 15 ILE n 
1 16 ALA n 
1 17 SER n 
1 18 GLY n 
1 19 ASP n 
1 20 LEU n 
1 21 GLY n 
1 22 TYR n 
1 23 VAL n 
1 24 PRO n 
1 25 ASP n 
1 26 ALA n 
1 27 LEU n 
1 28 GLY n 
1 29 CYS n 
1 30 VAL n 
1 31 LEU n 
1 32 LYS n 
1 33 VAL n 
1 34 LEU n 
1 35 ASN n 
1 36 GLU n 
1 37 MSE n 
1 38 ALA n 
1 39 ALA n 
1 40 ASP n 
1 41 ASP n 
1 42 ALA n 
1 43 LEU n 
1 44 SER n 
1 45 GLU n 
1 46 ALA n 
1 47 VAL n 
1 48 ARG n 
1 49 GLU n 
1 50 LYS n 
1 51 ALA n 
1 52 ALA n 
1 53 TYR n 
1 54 ALA n 
1 55 ALA n 
1 56 ALA n 
1 57 ASN n 
1 58 LEU n 
1 59 LEU n 
1 60 VAL n 
1 61 SER n 
1 62 ASP n 
1 63 TYR n 
1 64 VAL n 
1 65 ASN n 
1 66 GLU n 
1 67 LEU n 
1 68 GLU n 
1 69 HIS n 
1 70 HIS n 
1 71 HIS n 
1 72 HIS n 
1 73 HIS n 
1 74 HIS n 
# 
_entity_src_gen.entity_id                          1 
_entity_src_gen.pdbx_src_id                        1 
_entity_src_gen.pdbx_alt_source_flag               sample 
_entity_src_gen.pdbx_seq_type                      'Biological sequence' 
_entity_src_gen.pdbx_beg_seq_num                   1 
_entity_src_gen.pdbx_end_seq_num                   74 
_entity_src_gen.gene_src_common_name               ? 
_entity_src_gen.gene_src_genus                     ? 
_entity_src_gen.pdbx_gene_src_gene                 'yaeP, SF0180, S0182.1' 
_entity_src_gen.gene_src_species                   ? 
_entity_src_gen.gene_src_strain                    M90T 
_entity_src_gen.gene_src_tissue                    ? 
_entity_src_gen.gene_src_tissue_fraction           ? 
_entity_src_gen.gene_src_details                   ? 
_entity_src_gen.pdbx_gene_src_fragment             ? 
_entity_src_gen.pdbx_gene_src_scientific_name      'Shigella flexneri' 
_entity_src_gen.pdbx_gene_src_ncbi_taxonomy_id     623 
_entity_src_gen.pdbx_gene_src_variant              ? 
_entity_src_gen.pdbx_gene_src_cell_line            ? 
_entity_src_gen.pdbx_gene_src_atcc                 ? 
_entity_src_gen.pdbx_gene_src_organ                ? 
_entity_src_gen.pdbx_gene_src_organelle            ? 
_entity_src_gen.pdbx_gene_src_cell                 ? 
_entity_src_gen.pdbx_gene_src_cellular_location    ? 
_entity_src_gen.host_org_common_name               ? 
_entity_src_gen.pdbx_host_org_scientific_name      'Escherichia coli' 
_entity_src_gen.pdbx_host_org_ncbi_taxonomy_id     562 
_entity_src_gen.host_org_genus                     ? 
_entity_src_gen.pdbx_host_org_gene                 ? 
_entity_src_gen.pdbx_host_org_organ                ? 
_entity_src_gen.host_org_species                   ? 
_entity_src_gen.pdbx_host_org_tissue               ? 
_entity_src_gen.pdbx_host_org_tissue_fraction      ? 
_entity_src_gen.pdbx_host_org_strain               ? 
_entity_src_gen.pdbx_host_org_variant              ? 
_entity_src_gen.pdbx_host_org_cell_line            ? 
_entity_src_gen.pdbx_host_org_atcc                 ? 
_entity_src_gen.pdbx_host_org_culture_collection   ? 
_entity_src_gen.pdbx_host_org_cell                 ? 
_entity_src_gen.pdbx_host_org_organelle            ? 
_entity_src_gen.pdbx_host_org_cellular_location    ? 
_entity_src_gen.pdbx_host_org_vector_type          ? 
_entity_src_gen.pdbx_host_org_vector               ? 
_entity_src_gen.host_org_details                   ? 
_entity_src_gen.expression_system_id               ? 
_entity_src_gen.plasmid_name                       ? 
_entity_src_gen.plasmid_details                    ? 
_entity_src_gen.pdbx_description                   ? 
# 
loop_
_chem_comp.id 
_chem_comp.type 
_chem_comp.mon_nstd_flag 
_chem_comp.name 
_chem_comp.pdbx_synonyms 
_chem_comp.formula 
_chem_comp.formula_weight 
ALA 'L-peptide linking' y ALANINE          ? 'C3 H7 N O2'     89.093  
ARG 'L-peptide linking' y ARGININE         ? 'C6 H15 N4 O2 1' 175.209 
ASN 'L-peptide linking' y ASPARAGINE       ? 'C4 H8 N2 O3'    132.118 
ASP 'L-peptide linking' y 'ASPARTIC ACID'  ? 'C4 H7 N O4'     133.103 
CYS 'L-peptide linking' y CYSTEINE         ? 'C3 H7 N O2 S'   121.158 
GLU 'L-peptide linking' y 'GLUTAMIC ACID'  ? 'C5 H9 N O4'     147.129 
GLY 'peptide linking'   y GLYCINE          ? 'C2 H5 N O2'     75.067  
HIS 'L-peptide linking' y HISTIDINE        ? 'C6 H10 N3 O2 1' 156.162 
HOH non-polymer         . WATER            ? 'H2 O'           18.015  
ILE 'L-peptide linking' y ISOLEUCINE       ? 'C6 H13 N O2'    131.173 
LEU 'L-peptide linking' y LEUCINE          ? 'C6 H13 N O2'    131.173 
LYS 'L-peptide linking' y LYSINE           ? 'C6 H15 N2 O2 1' 147.195 
MSE 'L-peptide linking' n SELENOMETHIONINE ? 'C5 H11 N O2 Se' 196.106 
PRO 'L-peptide linking' y PROLINE          ? 'C5 H9 N O2'     115.130 
SER 'L-peptide linking' y SERINE           ? 'C3 H7 N O3'     105.093 
TYR 'L-peptide linking' y TYROSINE         ? 'C9 H11 N O3'    181.189 
VAL 'L-peptide linking' y VALINE           ? 'C5 H11 N O2'    117.146 
# 
loop_
_pdbx_poly_seq_scheme.asym_id 
_pdbx_poly_seq_scheme.entity_id 
_pdbx_poly_seq_scheme.seq_id 
_pdbx_poly_seq_scheme.mon_id 
_pdbx_poly_seq_scheme.ndb_seq_num 
_pdbx_poly_seq_scheme.pdb_seq_num 
_pdbx_poly_seq_scheme.auth_seq_num 
_pdbx_poly_seq_scheme.pdb_mon_id 
_pdbx_poly_seq_scheme.auth_mon_id 
_pdbx_poly_seq_scheme.pdb_strand_id 
_pdbx_poly_seq_scheme.pdb_ins_code 
_pdbx_poly_seq_scheme.hetero 
A 1 1  MSE 1  1  1  MSE MSE A . n 
A 1 2  GLU 2  2  2  GLU GLU A . n 
A 1 3  LYS 3  3  3  LYS LYS A . n 
A 1 4  TYR 4  4  4  TYR TYR A . n 
A 1 5  CYS 5  5  5  CYS CYS A . n 
A 1 6  GLU 6  6  6  GLU GLU A . n 
A 1 7  LEU 7  7  7  LEU LEU A . n 
A 1 8  ILE 8  8  8  ILE ILE A . n 
A 1 9  ARG 9  9  9  ARG ARG A . n 
A 1 10 LYS 10 10 10 LYS LYS A . n 
A 1 11 ARG 11 11 11 ARG ARG A . n 
A 1 12 TYR 12 12 12 TYR TYR A . n 
A 1 13 ALA 13 13 13 ALA ALA A . n 
A 1 14 GLU 14 14 14 GLU GLU A . n 
A 1 15 ILE 15 15 15 ILE ILE A . n 
A 1 16 ALA 16 16 16 ALA ALA A . n 
A 1 17 SER 17 17 17 SER SER A . n 
A 1 18 GLY 18 18 18 GLY GLY A . n 
A 1 19 ASP 19 19 19 ASP ASP A . n 
A 1 20 LEU 20 20 20 LEU LEU A . n 
A 1 21 GLY 21 21 21 GLY GLY A . n 
A 1 22 TYR 22 22 22 TYR TYR A . n 
A 1 23 VAL 23 23 23 VAL VAL A . n 
A 1 24 PRO 24 24 24 PRO PRO A . n 
A 1 25 ASP 25 25 25 ASP ASP A . n 
A 1 26 ALA 26 26 26 ALA ALA A . n 
A 1 27 LEU 27 27 27 LEU LEU A . n 
A 1 28 GLY 28 28 28 GLY GLY A . n 
A 1 29 CYS 29 29 29 CYS CYS A . n 
A 1 30 VAL 30 30 30 VAL VAL A . n 
A 1 31 LEU 31 31 31 LEU LEU A . n 
A 1 32 LYS 32 32 32 LYS LYS A . n 
A 1 33 VAL 33 33 33 VAL VAL A . n 
A 1 34 LEU 34 34 34 LEU LEU A . n 
A 1 35 ASN 35 35 35 ASN ASN A . n 
A 1 36 GLU 36 36 36 GLU GLU A . n 
A 1 37 MSE 37 37 37 MSE MSE A . n 
A 1 38 ALA 38 38 38 ALA ALA A . n 
A 1 39 ALA 39 39 39 ALA ALA A . n 
A 1 40 ASP 40 40 40 ASP ASP A . n 
A 1 41 ASP 41 41 41 ASP ASP A . n 
A 1 42 ALA 42 42 42 ALA ALA A . n 
A 1 43 LEU 43 43 43 LEU LEU A . n 
A 1 44 SER 44 44 44 SER SER A . n 
A 1 45 GLU 45 45 45 GLU GLU A . n 
A 1 46 ALA 46 46 46 ALA ALA A . n 
A 1 47 VAL 47 47 47 VAL VAL A . n 
A 1 48 ARG 48 48 48 ARG ARG A . n 
A 1 49 GLU 49 49 49 GLU GLU A . n 
A 1 50 LYS 50 50 50 LYS LYS A . n 
A 1 51 ALA 51 51 51 ALA ALA A . n 
A 1 52 ALA 52 52 52 ALA ALA A . n 
A 1 53 TYR 53 53 53 TYR TYR A . n 
A 1 54 ALA 54 54 54 ALA ALA A . n 
A 1 55 ALA 55 55 55 ALA ALA A . n 
A 1 56 ALA 56 56 56 ALA ALA A . n 
A 1 57 ASN 57 57 57 ASN ASN A . n 
A 1 58 LEU 58 58 58 LEU LEU A . n 
A 1 59 LEU 59 59 59 LEU LEU A . n 
A 1 60 VAL 60 60 60 VAL VAL A . n 
A 1 61 SER 61 61 61 SER SER A . n 
A 1 62 ASP 62 62 62 ASP ASP A . n 
A 1 63 TYR 63 63 63 TYR TYR A . n 
A 1 64 VAL 64 64 64 VAL VAL A . n 
A 1 65 ASN 65 65 65 ASN ASN A . n 
A 1 66 GLU 66 66 66 GLU GLU A . n 
A 1 67 LEU 67 67 67 LEU LEU A . n 
A 1 68 GLU 68 68 68 GLU GLU A . n 
A 1 69 HIS 69 69 69 HIS HIS A . n 
A 1 70 HIS 70 70 70 HIS HIS A . n 
A 1 71 HIS 71 71 ?  ?   ?   A . n 
A 1 72 HIS 72 72 ?  ?   ?   A . n 
A 1 73 HIS 73 73 ?  ?   ?   A . n 
A 1 74 HIS 74 74 ?  ?   ?   A . n 
B 1 1  MSE 1  1  1  MSE MSE B . n 
B 1 2  GLU 2  2  2  GLU GLU B . n 
B 1 3  LYS 3  3  3  LYS LYS B . n 
B 1 4  TYR 4  4  4  TYR TYR B . n 
B 1 5  CYS 5  5  5  CYS CYS B . n 
B 1 6  GLU 6  6  6  GLU GLU B . n 
B 1 7  LEU 7  7  7  LEU LEU B . n 
B 1 8  ILE 8  8  8  ILE ILE B . n 
B 1 9  ARG 9  9  9  ARG ARG B . n 
B 1 10 LYS 10 10 10 LYS LYS B . n 
B 1 11 ARG 11 11 11 ARG ARG B . n 
B 1 12 TYR 12 12 12 TYR TYR B . n 
B 1 13 ALA 13 13 13 ALA ALA B . n 
B 1 14 GLU 14 14 14 GLU GLU B . n 
B 1 15 ILE 15 15 15 ILE ILE B . n 
B 1 16 ALA 16 16 16 ALA ALA B . n 
B 1 17 SER 17 17 17 SER SER B . n 
B 1 18 GLY 18 18 18 GLY GLY B . n 
B 1 19 ASP 19 19 19 ASP ASP B . n 
B 1 20 LEU 20 20 20 LEU LEU B . n 
B 1 21 GLY 21 21 21 GLY GLY B . n 
B 1 22 TYR 22 22 22 TYR TYR B . n 
B 1 23 VAL 23 23 23 VAL VAL B . n 
B 1 24 PRO 24 24 24 PRO PRO B . n 
B 1 25 ASP 25 25 25 ASP ASP B . n 
B 1 26 ALA 26 26 26 ALA ALA B . n 
B 1 27 LEU 27 27 27 LEU LEU B . n 
B 1 28 GLY 28 28 28 GLY GLY B . n 
B 1 29 CYS 29 29 29 CYS CYS B . n 
B 1 30 VAL 30 30 30 VAL VAL B . n 
B 1 31 LEU 31 31 31 LEU LEU B . n 
B 1 32 LYS 32 32 32 LYS LYS B . n 
B 1 33 VAL 33 33 33 VAL VAL B . n 
B 1 34 LEU 34 34 34 LEU LEU B . n 
B 1 35 ASN 35 35 35 ASN ASN B . n 
B 1 36 GLU 36 36 36 GLU GLU B . n 
B 1 37 MSE 37 37 37 MSE MSE B . n 
B 1 38 ALA 38 38 38 ALA ALA B . n 
B 1 39 ALA 39 39 39 ALA ALA B . n 
B 1 40 ASP 40 40 40 ASP ASP B . n 
B 1 41 ASP 41 41 41 ASP ASP B . n 
B 1 42 ALA 42 42 42 ALA ALA B . n 
B 1 43 LEU 43 43 43 LEU LEU B . n 
B 1 44 SER 44 44 44 SER SER B . n 
B 1 45 GLU 45 45 45 GLU GLU B . n 
B 1 46 ALA 46 46 46 ALA ALA B . n 
B 1 47 VAL 47 47 47 VAL VAL B . n 
B 1 48 ARG 48 48 48 ARG ARG B . n 
B 1 49 GLU 49 49 49 GLU GLU B . n 
B 1 50 LYS 50 50 50 LYS LYS B . n 
B 1 51 ALA 51 51 51 ALA ALA B . n 
B 1 52 ALA 52 52 52 ALA ALA B . n 
B 1 53 TYR 53 53 53 TYR TYR B . n 
B 1 54 ALA 54 54 54 ALA ALA B . n 
B 1 55 ALA 55 55 55 ALA ALA B . n 
B 1 56 ALA 56 56 56 ALA ALA B . n 
B 1 57 ASN 57 57 57 ASN ASN B . n 
B 1 58 LEU 58 58 58 LEU LEU B . n 
B 1 59 LEU 59 59 59 LEU LEU B . n 
B 1 60 VAL 60 60 60 VAL VAL B . n 
B 1 61 SER 61 61 61 SER SER B . n 
B 1 62 ASP 62 62 62 ASP ASP B . n 
B 1 63 TYR 63 63 63 TYR TYR B . n 
B 1 64 VAL 64 64 64 VAL VAL B . n 
B 1 65 ASN 65 65 65 ASN ASN B . n 
B 1 66 GLU 66 66 66 GLU GLU B . n 
B 1 67 LEU 67 67 67 LEU LEU B . n 
B 1 68 GLU 68 68 68 GLU GLU B . n 
B 1 69 HIS 69 69 69 HIS HIS B . n 
B 1 70 HIS 70 70 70 HIS HIS B . n 
B 1 71 HIS 71 71 ?  ?   ?   B . n 
B 1 72 HIS 72 72 ?  ?   ?   B . n 
B 1 73 HIS 73 73 ?  ?   ?   B . n 
B 1 74 HIS 74 74 ?  ?   ?   B . n 
# 
loop_
_pdbx_nonpoly_scheme.asym_id 
_pdbx_nonpoly_scheme.entity_id 
_pdbx_nonpoly_scheme.mon_id 
_pdbx_nonpoly_scheme.ndb_seq_num 
_pdbx_nonpoly_scheme.pdb_seq_num 
_pdbx_nonpoly_scheme.auth_seq_num 
_pdbx_nonpoly_scheme.pdb_mon_id 
_pdbx_nonpoly_scheme.auth_mon_id 
_pdbx_nonpoly_scheme.pdb_strand_id 
_pdbx_nonpoly_scheme.pdb_ins_code 
C 2 HOH 1   101 179 HOH HOH A . 
C 2 HOH 2   102 195 HOH HOH A . 
C 2 HOH 3   103 148 HOH HOH A . 
C 2 HOH 4   104 182 HOH HOH A . 
C 2 HOH 5   105 29  HOH HOH A . 
C 2 HOH 6   106 55  HOH HOH A . 
C 2 HOH 7   107 113 HOH HOH A . 
C 2 HOH 8   108 52  HOH HOH A . 
C 2 HOH 9   109 123 HOH HOH A . 
C 2 HOH 10  110 28  HOH HOH A . 
C 2 HOH 11  111 108 HOH HOH A . 
C 2 HOH 12  112 22  HOH HOH A . 
C 2 HOH 13  113 81  HOH HOH A . 
C 2 HOH 14  114 150 HOH HOH A . 
C 2 HOH 15  115 106 HOH HOH A . 
C 2 HOH 16  116 27  HOH HOH A . 
C 2 HOH 17  117 53  HOH HOH A . 
C 2 HOH 18  118 7   HOH HOH A . 
C 2 HOH 19  119 24  HOH HOH A . 
C 2 HOH 20  120 157 HOH HOH A . 
C 2 HOH 21  121 17  HOH HOH A . 
C 2 HOH 22  122 109 HOH HOH A . 
C 2 HOH 23  123 38  HOH HOH A . 
C 2 HOH 24  124 21  HOH HOH A . 
C 2 HOH 25  125 16  HOH HOH A . 
C 2 HOH 26  126 122 HOH HOH A . 
C 2 HOH 27  127 208 HOH HOH A . 
C 2 HOH 28  128 79  HOH HOH A . 
C 2 HOH 29  129 114 HOH HOH A . 
C 2 HOH 30  130 33  HOH HOH A . 
C 2 HOH 31  131 196 HOH HOH A . 
C 2 HOH 32  132 18  HOH HOH A . 
C 2 HOH 33  133 58  HOH HOH A . 
C 2 HOH 34  134 142 HOH HOH A . 
C 2 HOH 35  135 8   HOH HOH A . 
C 2 HOH 36  136 207 HOH HOH A . 
C 2 HOH 37  137 57  HOH HOH A . 
C 2 HOH 38  138 66  HOH HOH A . 
C 2 HOH 39  139 136 HOH HOH A . 
C 2 HOH 40  140 169 HOH HOH A . 
C 2 HOH 41  141 35  HOH HOH A . 
C 2 HOH 42  142 130 HOH HOH A . 
C 2 HOH 43  143 40  HOH HOH A . 
C 2 HOH 44  144 44  HOH HOH A . 
C 2 HOH 45  145 10  HOH HOH A . 
C 2 HOH 46  146 11  HOH HOH A . 
C 2 HOH 47  147 206 HOH HOH A . 
C 2 HOH 48  148 97  HOH HOH A . 
C 2 HOH 49  149 59  HOH HOH A . 
C 2 HOH 50  150 19  HOH HOH A . 
C 2 HOH 51  151 71  HOH HOH A . 
C 2 HOH 52  152 72  HOH HOH A . 
C 2 HOH 53  153 131 HOH HOH A . 
C 2 HOH 54  154 119 HOH HOH A . 
C 2 HOH 55  155 213 HOH HOH A . 
C 2 HOH 56  156 152 HOH HOH A . 
C 2 HOH 57  157 85  HOH HOH A . 
C 2 HOH 58  158 60  HOH HOH A . 
C 2 HOH 59  159 86  HOH HOH A . 
C 2 HOH 60  160 138 HOH HOH A . 
C 2 HOH 61  161 190 HOH HOH A . 
C 2 HOH 62  162 128 HOH HOH A . 
C 2 HOH 63  163 65  HOH HOH A . 
C 2 HOH 64  164 205 HOH HOH A . 
C 2 HOH 65  165 95  HOH HOH A . 
C 2 HOH 66  166 181 HOH HOH A . 
C 2 HOH 67  167 143 HOH HOH A . 
C 2 HOH 68  168 216 HOH HOH A . 
C 2 HOH 69  169 158 HOH HOH A . 
C 2 HOH 70  170 193 HOH HOH A . 
C 2 HOH 71  171 178 HOH HOH A . 
C 2 HOH 72  172 50  HOH HOH A . 
C 2 HOH 73  173 100 HOH HOH A . 
C 2 HOH 74  174 212 HOH HOH A . 
C 2 HOH 75  175 162 HOH HOH A . 
C 2 HOH 76  176 69  HOH HOH A . 
C 2 HOH 77  177 126 HOH HOH A . 
C 2 HOH 78  178 77  HOH HOH A . 
C 2 HOH 79  179 92  HOH HOH A . 
C 2 HOH 80  180 209 HOH HOH A . 
C 2 HOH 81  181 80  HOH HOH A . 
C 2 HOH 82  182 165 HOH HOH A . 
C 2 HOH 83  183 117 HOH HOH A . 
C 2 HOH 84  184 112 HOH HOH A . 
C 2 HOH 85  185 89  HOH HOH A . 
C 2 HOH 86  186 116 HOH HOH A . 
C 2 HOH 87  187 84  HOH HOH A . 
C 2 HOH 88  188 46  HOH HOH A . 
C 2 HOH 89  189 175 HOH HOH A . 
C 2 HOH 90  190 91  HOH HOH A . 
C 2 HOH 91  191 171 HOH HOH A . 
C 2 HOH 92  192 168 HOH HOH A . 
C 2 HOH 93  193 199 HOH HOH A . 
C 2 HOH 94  194 74  HOH HOH A . 
C 2 HOH 95  195 118 HOH HOH A . 
C 2 HOH 96  196 167 HOH HOH A . 
C 2 HOH 97  197 176 HOH HOH A . 
D 2 HOH 1   101 146 HOH HOH B . 
D 2 HOH 2   102 173 HOH HOH B . 
D 2 HOH 3   103 135 HOH HOH B . 
D 2 HOH 4   104 204 HOH HOH B . 
D 2 HOH 5   105 185 HOH HOH B . 
D 2 HOH 6   106 23  HOH HOH B . 
D 2 HOH 7   107 34  HOH HOH B . 
D 2 HOH 8   108 115 HOH HOH B . 
D 2 HOH 9   109 180 HOH HOH B . 
D 2 HOH 10  110 132 HOH HOH B . 
D 2 HOH 11  111 48  HOH HOH B . 
D 2 HOH 12  112 39  HOH HOH B . 
D 2 HOH 13  113 96  HOH HOH B . 
D 2 HOH 14  114 5   HOH HOH B . 
D 2 HOH 15  115 31  HOH HOH B . 
D 2 HOH 16  116 63  HOH HOH B . 
D 2 HOH 17  117 26  HOH HOH B . 
D 2 HOH 18  118 15  HOH HOH B . 
D 2 HOH 19  119 37  HOH HOH B . 
D 2 HOH 20  120 83  HOH HOH B . 
D 2 HOH 21  121 43  HOH HOH B . 
D 2 HOH 22  122 54  HOH HOH B . 
D 2 HOH 23  123 76  HOH HOH B . 
D 2 HOH 24  124 94  HOH HOH B . 
D 2 HOH 25  125 160 HOH HOH B . 
D 2 HOH 26  126 110 HOH HOH B . 
D 2 HOH 27  127 147 HOH HOH B . 
D 2 HOH 28  128 32  HOH HOH B . 
D 2 HOH 29  129 4   HOH HOH B . 
D 2 HOH 30  130 13  HOH HOH B . 
D 2 HOH 31  131 9   HOH HOH B . 
D 2 HOH 32  132 75  HOH HOH B . 
D 2 HOH 33  133 103 HOH HOH B . 
D 2 HOH 34  134 134 HOH HOH B . 
D 2 HOH 35  135 56  HOH HOH B . 
D 2 HOH 36  136 120 HOH HOH B . 
D 2 HOH 37  137 214 HOH HOH B . 
D 2 HOH 38  138 104 HOH HOH B . 
D 2 HOH 39  139 153 HOH HOH B . 
D 2 HOH 40  140 93  HOH HOH B . 
D 2 HOH 41  141 151 HOH HOH B . 
D 2 HOH 42  142 14  HOH HOH B . 
D 2 HOH 43  143 12  HOH HOH B . 
D 2 HOH 44  144 1   HOH HOH B . 
D 2 HOH 45  145 36  HOH HOH B . 
D 2 HOH 46  146 41  HOH HOH B . 
D 2 HOH 47  147 20  HOH HOH B . 
D 2 HOH 48  148 2   HOH HOH B . 
D 2 HOH 49  149 189 HOH HOH B . 
D 2 HOH 50  150 184 HOH HOH B . 
D 2 HOH 51  151 129 HOH HOH B . 
D 2 HOH 52  152 105 HOH HOH B . 
D 2 HOH 53  153 51  HOH HOH B . 
D 2 HOH 54  154 64  HOH HOH B . 
D 2 HOH 55  155 3   HOH HOH B . 
D 2 HOH 56  156 98  HOH HOH B . 
D 2 HOH 57  157 90  HOH HOH B . 
D 2 HOH 58  158 210 HOH HOH B . 
D 2 HOH 59  159 62  HOH HOH B . 
D 2 HOH 60  160 70  HOH HOH B . 
D 2 HOH 61  161 47  HOH HOH B . 
D 2 HOH 62  162 161 HOH HOH B . 
D 2 HOH 63  163 88  HOH HOH B . 
D 2 HOH 64  164 61  HOH HOH B . 
D 2 HOH 65  165 6   HOH HOH B . 
D 2 HOH 66  166 170 HOH HOH B . 
D 2 HOH 67  167 202 HOH HOH B . 
D 2 HOH 68  168 25  HOH HOH B . 
D 2 HOH 69  169 183 HOH HOH B . 
D 2 HOH 70  170 121 HOH HOH B . 
D 2 HOH 71  171 68  HOH HOH B . 
D 2 HOH 72  172 144 HOH HOH B . 
D 2 HOH 73  173 215 HOH HOH B . 
D 2 HOH 74  174 137 HOH HOH B . 
D 2 HOH 75  175 30  HOH HOH B . 
D 2 HOH 76  176 197 HOH HOH B . 
D 2 HOH 77  177 164 HOH HOH B . 
D 2 HOH 78  178 188 HOH HOH B . 
D 2 HOH 79  179 200 HOH HOH B . 
D 2 HOH 80  180 101 HOH HOH B . 
D 2 HOH 81  181 155 HOH HOH B . 
D 2 HOH 82  182 163 HOH HOH B . 
D 2 HOH 83  183 191 HOH HOH B . 
D 2 HOH 84  184 156 HOH HOH B . 
D 2 HOH 85  185 177 HOH HOH B . 
D 2 HOH 86  186 198 HOH HOH B . 
D 2 HOH 87  187 67  HOH HOH B . 
D 2 HOH 88  188 174 HOH HOH B . 
D 2 HOH 89  189 154 HOH HOH B . 
D 2 HOH 90  190 133 HOH HOH B . 
D 2 HOH 91  191 42  HOH HOH B . 
D 2 HOH 92  192 124 HOH HOH B . 
D 2 HOH 93  193 166 HOH HOH B . 
D 2 HOH 94  194 141 HOH HOH B . 
D 2 HOH 95  195 140 HOH HOH B . 
D 2 HOH 96  196 49  HOH HOH B . 
D 2 HOH 97  197 99  HOH HOH B . 
D 2 HOH 98  198 107 HOH HOH B . 
D 2 HOH 99  199 125 HOH HOH B . 
D 2 HOH 100 200 172 HOH HOH B . 
D 2 HOH 101 201 186 HOH HOH B . 
D 2 HOH 102 202 192 HOH HOH B . 
D 2 HOH 103 203 82  HOH HOH B . 
D 2 HOH 104 204 139 HOH HOH B . 
D 2 HOH 105 205 203 HOH HOH B . 
D 2 HOH 106 206 145 HOH HOH B . 
D 2 HOH 107 207 45  HOH HOH B . 
D 2 HOH 108 208 87  HOH HOH B . 
D 2 HOH 109 209 159 HOH HOH B . 
D 2 HOH 110 210 211 HOH HOH B . 
D 2 HOH 111 211 201 HOH HOH B . 
D 2 HOH 112 212 78  HOH HOH B . 
D 2 HOH 113 213 127 HOH HOH B . 
D 2 HOH 114 214 102 HOH HOH B . 
D 2 HOH 115 215 73  HOH HOH B . 
D 2 HOH 116 216 194 HOH HOH B . 
D 2 HOH 117 217 149 HOH HOH B . 
D 2 HOH 118 218 111 HOH HOH B . 
D 2 HOH 119 219 187 HOH HOH B . 
# 
loop_
_software.citation_id 
_software.classification 
_software.compiler_name 
_software.compiler_version 
_software.contact_author 
_software.contact_author_email 
_software.date 
_software.description 
_software.dependencies 
_software.hardware 
_software.language 
_software.location 
_software.mods 
_software.name 
_software.os 
_software.os_version 
_software.type 
_software.version 
_software.pdbx_ordinal 
? refinement       ? ? ? ? ? ? ? ? ? ? ? PHENIX   ? ? ? 1.9_1692 1 
? 'data reduction' ? ? ? ? ? ? ? ? ? ? ? HKL-2000 ? ? ? .        2 
? 'data scaling'   ? ? ? ? ? ? ? ? ? ? ? HKL-2000 ? ? ? .        3 
? phasing          ? ? ? ? ? ? ? ? ? ? ? PHENIX   ? ? ? .        4 
# 
_cell.angle_alpha                  90.00 
_cell.angle_alpha_esd              ? 
_cell.angle_beta                   90.00 
_cell.angle_beta_esd               ? 
_cell.angle_gamma                  90.00 
_cell.angle_gamma_esd              ? 
_cell.entry_id                     5H1N 
_cell.details                      ? 
_cell.formula_units_Z              ? 
_cell.length_a                     110.244 
_cell.length_a_esd                 ? 
_cell.length_b                     110.244 
_cell.length_b_esd                 ? 
_cell.length_c                     110.244 
_cell.length_c_esd                 ? 
_cell.volume                       ? 
_cell.volume_esd                   ? 
_cell.Z_PDB                        48 
_cell.reciprocal_angle_alpha       ? 
_cell.reciprocal_angle_beta        ? 
_cell.reciprocal_angle_gamma       ? 
_cell.reciprocal_angle_alpha_esd   ? 
_cell.reciprocal_angle_beta_esd    ? 
_cell.reciprocal_angle_gamma_esd   ? 
_cell.reciprocal_length_a          ? 
_cell.reciprocal_length_b          ? 
_cell.reciprocal_length_c          ? 
_cell.reciprocal_length_a_esd      ? 
_cell.reciprocal_length_b_esd      ? 
_cell.reciprocal_length_c_esd      ? 
_cell.pdbx_unique_axis             ? 
# 
_symmetry.entry_id                         5H1N 
_symmetry.cell_setting                     ? 
_symmetry.Int_Tables_number                197 
_symmetry.space_group_name_Hall            ? 
_symmetry.space_group_name_H-M             'I 2 3' 
_symmetry.pdbx_full_space_group_name_H-M   ? 
# 
_exptl.absorpt_coefficient_mu     ? 
_exptl.absorpt_correction_T_max   ? 
_exptl.absorpt_correction_T_min   ? 
_exptl.absorpt_correction_type    ? 
_exptl.absorpt_process_details    ? 
_exptl.entry_id                   5H1N 
_exptl.crystals_number            1 
_exptl.details                    ? 
_exptl.method                     'X-RAY DIFFRACTION' 
_exptl.method_details             ? 
# 
_exptl_crystal.colour                      ? 
_exptl_crystal.density_diffrn              ? 
_exptl_crystal.density_Matthews            3.56 
_exptl_crystal.density_method              ? 
_exptl_crystal.density_percent_sol         65.48 
_exptl_crystal.description                 ? 
_exptl_crystal.F_000                       ? 
_exptl_crystal.id                          1 
_exptl_crystal.preparation                 ? 
_exptl_crystal.size_max                    ? 
_exptl_crystal.size_mid                    ? 
_exptl_crystal.size_min                    ? 
_exptl_crystal.size_rad                    ? 
_exptl_crystal.colour_lustre               ? 
_exptl_crystal.colour_modifier             ? 
_exptl_crystal.colour_primary              ? 
_exptl_crystal.density_meas                ? 
_exptl_crystal.density_meas_esd            ? 
_exptl_crystal.density_meas_gt             ? 
_exptl_crystal.density_meas_lt             ? 
_exptl_crystal.density_meas_temp           ? 
_exptl_crystal.density_meas_temp_esd       ? 
_exptl_crystal.density_meas_temp_gt        ? 
_exptl_crystal.density_meas_temp_lt        ? 
_exptl_crystal.pdbx_crystal_image_url      ? 
_exptl_crystal.pdbx_crystal_image_format   ? 
_exptl_crystal.pdbx_mosaicity              ? 
_exptl_crystal.pdbx_mosaicity_esd          ? 
# 
_exptl_crystal_grow.apparatus       ? 
_exptl_crystal_grow.atmosphere      ? 
_exptl_crystal_grow.crystal_id      1 
_exptl_crystal_grow.details         ? 
_exptl_crystal_grow.method          'VAPOR DIFFUSION, SITTING DROP' 
_exptl_crystal_grow.method_ref      ? 
_exptl_crystal_grow.pH              ? 
_exptl_crystal_grow.pressure        ? 
_exptl_crystal_grow.pressure_esd    ? 
_exptl_crystal_grow.seeding         ? 
_exptl_crystal_grow.seeding_ref     ? 
_exptl_crystal_grow.temp            293 
_exptl_crystal_grow.temp_details    ? 
_exptl_crystal_grow.temp_esd        ? 
_exptl_crystal_grow.time            ? 
_exptl_crystal_grow.pdbx_details    'sodium citrate tribasic, CHES/sodium hydroxide pH7.5' 
_exptl_crystal_grow.pdbx_pH_range   ? 
# 
_diffrn.ambient_environment    ? 
_diffrn.ambient_temp           100 
_diffrn.ambient_temp_details   ? 
_diffrn.ambient_temp_esd       ? 
_diffrn.crystal_id             1 
_diffrn.crystal_support        ? 
_diffrn.crystal_treatment      ? 
_diffrn.details                ? 
_diffrn.id                     1 
_diffrn.ambient_pressure       ? 
_diffrn.ambient_pressure_esd   ? 
_diffrn.ambient_pressure_gt    ? 
_diffrn.ambient_pressure_lt    ? 
_diffrn.ambient_temp_gt        ? 
_diffrn.ambient_temp_lt        ? 
# 
_diffrn_detector.details                      ? 
_diffrn_detector.detector                     CCD 
_diffrn_detector.diffrn_id                    1 
_diffrn_detector.type                         'ADSC QUANTUM 315r' 
_diffrn_detector.area_resol_mean              ? 
_diffrn_detector.dtime                        ? 
_diffrn_detector.pdbx_frames_total            ? 
_diffrn_detector.pdbx_collection_time_total   ? 
_diffrn_detector.pdbx_collection_date         2014-06-26 
# 
_diffrn_radiation.collimation                      ? 
_diffrn_radiation.diffrn_id                        1 
_diffrn_radiation.filter_edge                      ? 
_diffrn_radiation.inhomogeneity                    ? 
_diffrn_radiation.monochromator                    ? 
_diffrn_radiation.polarisn_norm                    ? 
_diffrn_radiation.polarisn_ratio                   ? 
_diffrn_radiation.probe                            ? 
_diffrn_radiation.type                             ? 
_diffrn_radiation.xray_symbol                      ? 
_diffrn_radiation.wavelength_id                    1 
_diffrn_radiation.pdbx_monochromatic_or_laue_m_l   M 
_diffrn_radiation.pdbx_wavelength_list             ? 
_diffrn_radiation.pdbx_wavelength                  ? 
_diffrn_radiation.pdbx_diffrn_protocol             'SINGLE WAVELENGTH' 
_diffrn_radiation.pdbx_analyzer                    ? 
_diffrn_radiation.pdbx_scattering_type             x-ray 
# 
_diffrn_radiation_wavelength.id           1 
_diffrn_radiation_wavelength.wavelength   1.00000 
_diffrn_radiation_wavelength.wt           1.0 
# 
_diffrn_source.current                     ? 
_diffrn_source.details                     ? 
_diffrn_source.diffrn_id                   1 
_diffrn_source.power                       ? 
_diffrn_source.size                        ? 
_diffrn_source.source                      SYNCHROTRON 
_diffrn_source.target                      ? 
_diffrn_source.type                        'PAL/PLS BEAMLINE 5C (4A)' 
_diffrn_source.voltage                     ? 
_diffrn_source.take-off_angle              ? 
_diffrn_source.pdbx_wavelength_list        1.00000 
_diffrn_source.pdbx_wavelength             ? 
_diffrn_source.pdbx_synchrotron_beamline   '5C (4A)' 
_diffrn_source.pdbx_synchrotron_site       PAL/PLS 
# 
_reflns.B_iso_Wilson_estimate            ? 
_reflns.entry_id                         5H1N 
_reflns.data_reduction_details           ? 
_reflns.data_reduction_method            ? 
_reflns.d_resolution_high                1.470 
_reflns.d_resolution_low                 34.862 
_reflns.details                          ? 
_reflns.limit_h_max                      ? 
_reflns.limit_h_min                      ? 
_reflns.limit_k_max                      ? 
_reflns.limit_k_min                      ? 
_reflns.limit_l_max                      ? 
_reflns.limit_l_min                      ? 
_reflns.number_all                       ? 
_reflns.number_obs                       35663 
_reflns.observed_criterion               ? 
_reflns.observed_criterion_F_max         ? 
_reflns.observed_criterion_F_min         ? 
_reflns.observed_criterion_I_max         ? 
_reflns.observed_criterion_I_min         ? 
_reflns.observed_criterion_sigma_F       ? 
_reflns.observed_criterion_sigma_I       ? 
_reflns.percent_possible_obs             94.10 
_reflns.R_free_details                   ? 
_reflns.Rmerge_F_all                     ? 
_reflns.Rmerge_F_obs                     ? 
_reflns.Friedel_coverage                 ? 
_reflns.number_gt                        ? 
_reflns.threshold_expression             ? 
_reflns.pdbx_redundancy                  5.8 
_reflns.pdbx_Rmerge_I_obs                ? 
_reflns.pdbx_Rmerge_I_all                ? 
_reflns.pdbx_Rsym_value                  ? 
_reflns.pdbx_netI_over_av_sigmaI         ? 
_reflns.pdbx_netI_over_sigmaI            1.34 
_reflns.pdbx_res_netI_over_av_sigmaI_2   ? 
_reflns.pdbx_res_netI_over_sigmaI_2      ? 
_reflns.pdbx_chi_squared                 ? 
_reflns.pdbx_scaling_rejects             ? 
_reflns.pdbx_d_res_high_opt              ? 
_reflns.pdbx_d_res_low_opt               ? 
_reflns.pdbx_d_res_opt_method            ? 
_reflns.phase_calculation_details        ? 
_reflns.pdbx_Rrim_I_all                  ? 
_reflns.pdbx_Rpim_I_all                  ? 
_reflns.pdbx_d_opt                       ? 
_reflns.pdbx_number_measured_all         ? 
_reflns.pdbx_diffrn_id                   1 
_reflns.pdbx_ordinal                     1 
_reflns.pdbx_CC_half                     ? 
_reflns.pdbx_R_split                     ? 
# 
_reflns_shell.d_res_high                  1.47 
_reflns_shell.d_res_low                   1.50 
_reflns_shell.meanI_over_sigI_all         ? 
_reflns_shell.meanI_over_sigI_obs         ? 
_reflns_shell.number_measured_all         ? 
_reflns_shell.number_measured_obs         ? 
_reflns_shell.number_possible             ? 
_reflns_shell.number_unique_all           ? 
_reflns_shell.number_unique_obs           ? 
_reflns_shell.percent_possible_all        ? 
_reflns_shell.percent_possible_obs        ? 
_reflns_shell.Rmerge_F_all                ? 
_reflns_shell.Rmerge_F_obs                ? 
_reflns_shell.Rmerge_I_all                ? 
_reflns_shell.Rmerge_I_obs                ? 
_reflns_shell.meanI_over_sigI_gt          ? 
_reflns_shell.meanI_over_uI_all           ? 
_reflns_shell.meanI_over_uI_gt            ? 
_reflns_shell.number_measured_gt          ? 
_reflns_shell.number_unique_gt            ? 
_reflns_shell.percent_possible_gt         ? 
_reflns_shell.Rmerge_F_gt                 ? 
_reflns_shell.Rmerge_I_gt                 ? 
_reflns_shell.pdbx_redundancy             ? 
_reflns_shell.pdbx_Rsym_value             ? 
_reflns_shell.pdbx_chi_squared            ? 
_reflns_shell.pdbx_netI_over_sigmaI_all   ? 
_reflns_shell.pdbx_netI_over_sigmaI_obs   ? 
_reflns_shell.pdbx_Rrim_I_all             ? 
_reflns_shell.pdbx_Rpim_I_all             ? 
_reflns_shell.pdbx_rejects                ? 
_reflns_shell.pdbx_ordinal                1 
_reflns_shell.pdbx_diffrn_id              1 
_reflns_shell.pdbx_CC_half                ? 
_reflns_shell.pdbx_R_split                ? 
# 
_refine.aniso_B[1][1]                            ? 
_refine.aniso_B[1][2]                            ? 
_refine.aniso_B[1][3]                            ? 
_refine.aniso_B[2][2]                            ? 
_refine.aniso_B[2][3]                            ? 
_refine.aniso_B[3][3]                            ? 
_refine.B_iso_max                                ? 
_refine.B_iso_mean                               ? 
_refine.B_iso_min                                ? 
_refine.correlation_coeff_Fo_to_Fc               ? 
_refine.correlation_coeff_Fo_to_Fc_free          ? 
_refine.details                                  ? 
_refine.diff_density_max                         ? 
_refine.diff_density_max_esd                     ? 
_refine.diff_density_min                         ? 
_refine.diff_density_min_esd                     ? 
_refine.diff_density_rms                         ? 
_refine.diff_density_rms_esd                     ? 
_refine.entry_id                                 5H1N 
_refine.pdbx_refine_id                           'X-RAY DIFFRACTION' 
_refine.ls_abs_structure_details                 ? 
_refine.ls_abs_structure_Flack                   ? 
_refine.ls_abs_structure_Flack_esd               ? 
_refine.ls_abs_structure_Rogers                  ? 
_refine.ls_abs_structure_Rogers_esd              ? 
_refine.ls_d_res_high                            1.470 
_refine.ls_d_res_low                             34.862 
_refine.ls_extinction_coef                       ? 
_refine.ls_extinction_coef_esd                   ? 
_refine.ls_extinction_expression                 ? 
_refine.ls_extinction_method                     ? 
_refine.ls_goodness_of_fit_all                   ? 
_refine.ls_goodness_of_fit_all_esd               ? 
_refine.ls_goodness_of_fit_obs                   ? 
_refine.ls_goodness_of_fit_obs_esd               ? 
_refine.ls_hydrogen_treatment                    ? 
_refine.ls_matrix_type                           ? 
_refine.ls_number_constraints                    ? 
_refine.ls_number_parameters                     ? 
_refine.ls_number_reflns_all                     ? 
_refine.ls_number_reflns_obs                     35663 
_refine.ls_number_reflns_R_free                  1688 
_refine.ls_number_reflns_R_work                  ? 
_refine.ls_number_restraints                     ? 
_refine.ls_percent_reflns_obs                    94.10 
_refine.ls_percent_reflns_R_free                 4.73 
_refine.ls_R_factor_all                          ? 
_refine.ls_R_factor_obs                          0.2063 
_refine.ls_R_factor_R_free                       0.2225 
_refine.ls_R_factor_R_free_error                 ? 
_refine.ls_R_factor_R_free_error_details         ? 
_refine.ls_R_factor_R_work                       0.2055 
_refine.ls_R_Fsqd_factor_obs                     ? 
_refine.ls_R_I_factor_obs                        ? 
_refine.ls_redundancy_reflns_all                 ? 
_refine.ls_redundancy_reflns_obs                 ? 
_refine.ls_restrained_S_all                      ? 
_refine.ls_restrained_S_obs                      ? 
_refine.ls_shift_over_esd_max                    ? 
_refine.ls_shift_over_esd_mean                   ? 
_refine.ls_structure_factor_coef                 ? 
_refine.ls_weighting_details                     ? 
_refine.ls_weighting_scheme                      ? 
_refine.ls_wR_factor_all                         ? 
_refine.ls_wR_factor_obs                         ? 
_refine.ls_wR_factor_R_free                      ? 
_refine.ls_wR_factor_R_work                      ? 
_refine.occupancy_max                            ? 
_refine.occupancy_min                            ? 
_refine.solvent_model_details                    ? 
_refine.solvent_model_param_bsol                 ? 
_refine.solvent_model_param_ksol                 ? 
_refine.ls_R_factor_gt                           ? 
_refine.ls_goodness_of_fit_gt                    ? 
_refine.ls_goodness_of_fit_ref                   ? 
_refine.ls_shift_over_su_max                     ? 
_refine.ls_shift_over_su_max_lt                  ? 
_refine.ls_shift_over_su_mean                    ? 
_refine.ls_shift_over_su_mean_lt                 ? 
_refine.pdbx_ls_sigma_I                          ? 
_refine.pdbx_ls_sigma_F                          1.34 
_refine.pdbx_ls_sigma_Fsqd                       ? 
_refine.pdbx_data_cutoff_high_absF               ? 
_refine.pdbx_data_cutoff_high_rms_absF           ? 
_refine.pdbx_data_cutoff_low_absF                ? 
_refine.pdbx_isotropic_thermal_model             ? 
_refine.pdbx_ls_cross_valid_method               'FREE R-VALUE' 
_refine.pdbx_method_to_determine_struct          ? 
_refine.pdbx_starting_model                      ? 
_refine.pdbx_stereochemistry_target_values       ? 
_refine.pdbx_R_Free_selection_details            ? 
_refine.pdbx_stereochem_target_val_spec_case     ? 
_refine.pdbx_overall_ESU_R                       ? 
_refine.pdbx_overall_ESU_R_Free                  ? 
_refine.pdbx_solvent_vdw_probe_radii             1.11 
_refine.pdbx_solvent_ion_probe_radii             ? 
_refine.pdbx_solvent_shrinkage_radii             0.90 
_refine.pdbx_real_space_R                        ? 
_refine.pdbx_density_correlation                 ? 
_refine.pdbx_pd_number_of_powder_patterns        ? 
_refine.pdbx_pd_number_of_points                 ? 
_refine.pdbx_pd_meas_number_of_points            ? 
_refine.pdbx_pd_proc_ls_prof_R_factor            ? 
_refine.pdbx_pd_proc_ls_prof_wR_factor           ? 
_refine.pdbx_pd_Marquardt_correlation_coeff      ? 
_refine.pdbx_pd_Fsqrd_R_factor                   ? 
_refine.pdbx_pd_ls_matrix_band_width             ? 
_refine.pdbx_overall_phase_error                 23.66 
_refine.pdbx_overall_SU_R_free_Cruickshank_DPI   ? 
_refine.pdbx_overall_SU_R_free_Blow_DPI          ? 
_refine.pdbx_overall_SU_R_Blow_DPI               ? 
_refine.pdbx_TLS_residual_ADP_flag               ? 
_refine.pdbx_diffrn_id                           1 
_refine.overall_SU_B                             ? 
_refine.overall_SU_ML                            0.16 
_refine.overall_SU_R_Cruickshank_DPI             ? 
_refine.overall_SU_R_free                        ? 
_refine.overall_FOM_free_R_set                   ? 
_refine.overall_FOM_work_R_set                   ? 
_refine.pdbx_average_fsc_overall                 ? 
_refine.pdbx_average_fsc_work                    ? 
_refine.pdbx_average_fsc_free                    ? 
# 
_refine_hist.pdbx_refine_id                   'X-RAY DIFFRACTION' 
_refine_hist.cycle_id                         LAST 
_refine_hist.pdbx_number_atoms_protein        1080 
_refine_hist.pdbx_number_atoms_nucleic_acid   0 
_refine_hist.pdbx_number_atoms_ligand         0 
_refine_hist.number_atoms_solvent             216 
_refine_hist.number_atoms_total               1296 
_refine_hist.d_res_high                       1.470 
_refine_hist.d_res_low                        34.862 
# 
loop_
_refine_ls_restr.pdbx_refine_id 
_refine_ls_restr.criterion 
_refine_ls_restr.dev_ideal 
_refine_ls_restr.dev_ideal_target 
_refine_ls_restr.number 
_refine_ls_restr.rejects 
_refine_ls_restr.type 
_refine_ls_restr.weight 
_refine_ls_restr.pdbx_restraint_function 
'X-RAY DIFFRACTION' ? 0.015  ? 1094 ? f_bond_d           ? ? 
'X-RAY DIFFRACTION' ? 1.541  ? 1478 ? f_angle_d          ? ? 
'X-RAY DIFFRACTION' ? 11.485 ? 402  ? f_dihedral_angle_d ? ? 
'X-RAY DIFFRACTION' ? 0.065  ? 168  ? f_chiral_restr     ? ? 
'X-RAY DIFFRACTION' ? 0.009  ? 192  ? f_plane_restr      ? ? 
# 
loop_
_refine_ls_shell.pdbx_refine_id 
_refine_ls_shell.d_res_high 
_refine_ls_shell.d_res_low 
_refine_ls_shell.number_reflns_all 
_refine_ls_shell.number_reflns_obs 
_refine_ls_shell.number_reflns_R_free 
_refine_ls_shell.number_reflns_R_work 
_refine_ls_shell.percent_reflns_obs 
_refine_ls_shell.percent_reflns_R_free 
_refine_ls_shell.R_factor_all 
_refine_ls_shell.R_factor_obs 
_refine_ls_shell.R_factor_R_free 
_refine_ls_shell.R_factor_R_free_error 
_refine_ls_shell.R_factor_R_work 
_refine_ls_shell.redundancy_reflns_all 
_refine_ls_shell.redundancy_reflns_obs 
_refine_ls_shell.wR_factor_all 
_refine_ls_shell.wR_factor_obs 
_refine_ls_shell.wR_factor_R_free 
_refine_ls_shell.wR_factor_R_work 
_refine_ls_shell.pdbx_total_number_of_bins_used 
_refine_ls_shell.pdbx_phase_error 
_refine_ls_shell.pdbx_fsc_work 
_refine_ls_shell.pdbx_fsc_free 
'X-RAY DIFFRACTION' 1.4703 1.5136  . . 148 2659 90.00 . . . 0.2956 . 0.2700 . . . . . . . . . . 
'X-RAY DIFFRACTION' 1.5136 1.5624  . . 149 2897 97.00 . . . 0.2906 . 0.2336 . . . . . . . . . . 
'X-RAY DIFFRACTION' 1.5624 1.6183  . . 141 2884 97.00 . . . 0.2380 . 0.2284 . . . . . . . . . . 
'X-RAY DIFFRACTION' 1.6183 1.6831  . . 135 2873 97.00 . . . 0.2411 . 0.2129 . . . . . . . . . . 
'X-RAY DIFFRACTION' 1.6831 1.7597  . . 110 2944 97.00 . . . 0.2385 . 0.2298 . . . . . . . . . . 
'X-RAY DIFFRACTION' 1.7597 1.8524  . . 148 2880 97.00 . . . 0.2926 . 0.2319 . . . . . . . . . . 
'X-RAY DIFFRACTION' 1.8524 1.9685  . . 139 2880 96.00 . . . 0.2483 . 0.2357 . . . . . . . . . . 
'X-RAY DIFFRACTION' 1.9685 2.1205  . . 170 2896 97.00 . . . 0.2562 . 0.1957 . . . . . . . . . . 
'X-RAY DIFFRACTION' 2.1205 2.3338  . . 124 2911 96.00 . . . 0.2437 . 0.2063 . . . . . . . . . . 
'X-RAY DIFFRACTION' 2.3338 2.6714  . . 155 2885 96.00 . . . 0.2358 . 0.2080 . . . . . . . . . . 
'X-RAY DIFFRACTION' 2.6714 3.3652  . . 140 2835 93.00 . . . 0.1900 . 0.2015 . . . . . . . . . . 
'X-RAY DIFFRACTION' 3.3652 34.8720 . . 129 2431 78.00 . . . 0.1875 . 0.1834 . . . . . . . . . . 
# 
_struct.entry_id                     5H1N 
_struct.title                        'Crystal structure of SF173 from Shigella flexneri' 
_struct.pdbx_model_details           ? 
_struct.pdbx_formula_weight          ? 
_struct.pdbx_formula_weight_method   ? 
_struct.pdbx_model_type_details      ? 
_struct.pdbx_CASP_flag               N 
# 
_struct_keywords.entry_id        5H1N 
_struct_keywords.text            'SF173, hypothetical protein, UNKNOWN FUNCTION' 
_struct_keywords.pdbx_keywords   'UNKNOWN FUNCTION' 
# 
loop_
_struct_asym.id 
_struct_asym.pdbx_blank_PDB_chainid_flag 
_struct_asym.pdbx_modified 
_struct_asym.entity_id 
_struct_asym.details 
A N N 1 ? 
B N N 1 ? 
C N N 2 ? 
D N N 2 ? 
# 
_struct_ref.id                         1 
_struct_ref.db_name                    UNP 
_struct_ref.db_code                    YAEP_SHIFL 
_struct_ref.pdbx_db_accession          P0A8K7 
_struct_ref.pdbx_db_isoform            ? 
_struct_ref.entity_id                  1 
_struct_ref.pdbx_seq_one_letter_code   MEKYCELIRKRYAEIASGDLGYVPDALGCVLKVLNEMAADDALSEAVREKAAYAAANLLVSDYVNE 
_struct_ref.pdbx_align_begin           1 
# 
loop_
_struct_ref_seq.align_id 
_struct_ref_seq.ref_id 
_struct_ref_seq.pdbx_PDB_id_code 
_struct_ref_seq.pdbx_strand_id 
_struct_ref_seq.seq_align_beg 
_struct_ref_seq.pdbx_seq_align_beg_ins_code 
_struct_ref_seq.seq_align_end 
_struct_ref_seq.pdbx_seq_align_end_ins_code 
_struct_ref_seq.pdbx_db_accession 
_struct_ref_seq.db_align_beg 
_struct_ref_seq.pdbx_db_align_beg_ins_code 
_struct_ref_seq.db_align_end 
_struct_ref_seq.pdbx_db_align_end_ins_code 
_struct_ref_seq.pdbx_auth_seq_align_beg 
_struct_ref_seq.pdbx_auth_seq_align_end 
1 1 5H1N A 1 ? 66 ? P0A8K7 1 ? 66 ? 1 66 
2 1 5H1N B 1 ? 66 ? P0A8K7 1 ? 66 ? 1 66 
# 
loop_
_struct_ref_seq_dif.align_id 
_struct_ref_seq_dif.pdbx_pdb_id_code 
_struct_ref_seq_dif.mon_id 
_struct_ref_seq_dif.pdbx_pdb_strand_id 
_struct_ref_seq_dif.seq_num 
_struct_ref_seq_dif.pdbx_pdb_ins_code 
_struct_ref_seq_dif.pdbx_seq_db_name 
_struct_ref_seq_dif.pdbx_seq_db_accession_code 
_struct_ref_seq_dif.db_mon_id 
_struct_ref_seq_dif.pdbx_seq_db_seq_num 
_struct_ref_seq_dif.details 
_struct_ref_seq_dif.pdbx_auth_seq_num 
_struct_ref_seq_dif.pdbx_ordinal 
1 5H1N LEU A 67 ? UNP P0A8K7 ? ? 'expression tag' 67 1  
1 5H1N GLU A 68 ? UNP P0A8K7 ? ? 'expression tag' 68 2  
1 5H1N HIS A 69 ? UNP P0A8K7 ? ? 'expression tag' 69 3  
1 5H1N HIS A 70 ? UNP P0A8K7 ? ? 'expression tag' 70 4  
1 5H1N HIS A 71 ? UNP P0A8K7 ? ? 'expression tag' 71 5  
1 5H1N HIS A 72 ? UNP P0A8K7 ? ? 'expression tag' 72 6  
1 5H1N HIS A 73 ? UNP P0A8K7 ? ? 'expression tag' 73 7  
1 5H1N HIS A 74 ? UNP P0A8K7 ? ? 'expression tag' 74 8  
2 5H1N LEU B 67 ? UNP P0A8K7 ? ? 'expression tag' 67 9  
2 5H1N GLU B 68 ? UNP P0A8K7 ? ? 'expression tag' 68 10 
2 5H1N HIS B 69 ? UNP P0A8K7 ? ? 'expression tag' 69 11 
2 5H1N HIS B 70 ? UNP P0A8K7 ? ? 'expression tag' 70 12 
2 5H1N HIS B 71 ? UNP P0A8K7 ? ? 'expression tag' 71 13 
2 5H1N HIS B 72 ? UNP P0A8K7 ? ? 'expression tag' 72 14 
2 5H1N HIS B 73 ? UNP P0A8K7 ? ? 'expression tag' 73 15 
2 5H1N HIS B 74 ? UNP P0A8K7 ? ? 'expression tag' 74 16 
# 
_pdbx_struct_assembly.id                   1 
_pdbx_struct_assembly.details              author_and_software_defined_assembly 
_pdbx_struct_assembly.method_details       PISA 
_pdbx_struct_assembly.oligomeric_details   dimeric 
_pdbx_struct_assembly.oligomeric_count     2 
# 
loop_
_pdbx_struct_assembly_prop.biol_id 
_pdbx_struct_assembly_prop.type 
_pdbx_struct_assembly_prop.value 
_pdbx_struct_assembly_prop.details 
1 'ABSA (A^2)' 4460 ? 
1 MORE         -43  ? 
1 'SSA (A^2)'  7250 ? 
# 
_pdbx_struct_assembly_gen.assembly_id       1 
_pdbx_struct_assembly_gen.oper_expression   1 
_pdbx_struct_assembly_gen.asym_id_list      A,B,C,D 
# 
_pdbx_struct_oper_list.id                   1 
_pdbx_struct_oper_list.type                 'identity operation' 
_pdbx_struct_oper_list.name                 1_555 
_pdbx_struct_oper_list.symmetry_operation   x,y,z 
_pdbx_struct_oper_list.matrix[1][1]         1.0000000000 
_pdbx_struct_oper_list.matrix[1][2]         0.0000000000 
_pdbx_struct_oper_list.matrix[1][3]         0.0000000000 
_pdbx_struct_oper_list.vector[1]            0.0000000000 
_pdbx_struct_oper_list.matrix[2][1]         0.0000000000 
_pdbx_struct_oper_list.matrix[2][2]         1.0000000000 
_pdbx_struct_oper_list.matrix[2][3]         0.0000000000 
_pdbx_struct_oper_list.vector[2]            0.0000000000 
_pdbx_struct_oper_list.matrix[3][1]         0.0000000000 
_pdbx_struct_oper_list.matrix[3][2]         0.0000000000 
_pdbx_struct_oper_list.matrix[3][3]         1.0000000000 
_pdbx_struct_oper_list.vector[3]            0.0000000000 
# 
loop_
_struct_conf.conf_type_id 
_struct_conf.id 
_struct_conf.pdbx_PDB_helix_id 
_struct_conf.beg_label_comp_id 
_struct_conf.beg_label_asym_id 
_struct_conf.beg_label_seq_id 
_struct_conf.pdbx_beg_PDB_ins_code 
_struct_conf.end_label_comp_id 
_struct_conf.end_label_asym_id 
_struct_conf.end_label_seq_id 
_struct_conf.pdbx_end_PDB_ins_code 
_struct_conf.beg_auth_comp_id 
_struct_conf.beg_auth_asym_id 
_struct_conf.beg_auth_seq_id 
_struct_conf.end_auth_comp_id 
_struct_conf.end_auth_asym_id 
_struct_conf.end_auth_seq_id 
_struct_conf.pdbx_PDB_helix_class 
_struct_conf.details 
_struct_conf.pdbx_PDB_helix_length 
HELX_P HELX_P1 AA1 CYS A 5  ? SER A 17 ? CYS A 5  SER A 17 1 ? 13 
HELX_P HELX_P2 AA2 ASP A 25 ? ALA A 39 ? ASP A 25 ALA A 39 1 ? 15 
HELX_P HELX_P3 AA3 SER A 44 ? SER A 61 ? SER A 44 SER A 61 1 ? 18 
HELX_P HELX_P4 AA4 CYS B 5  ? SER B 17 ? CYS B 5  SER B 17 1 ? 13 
HELX_P HELX_P5 AA5 ASP B 25 ? ASP B 40 ? ASP B 25 ASP B 40 1 ? 16 
HELX_P HELX_P6 AA6 SER B 44 ? SER B 61 ? SER B 44 SER B 61 1 ? 18 
# 
_struct_conf_type.id          HELX_P 
_struct_conf_type.criteria    ? 
_struct_conf_type.reference   ? 
# 
loop_
_struct_conn.id 
_struct_conn.conn_type_id 
_struct_conn.pdbx_leaving_atom_flag 
_struct_conn.pdbx_PDB_id 
_struct_conn.ptnr1_label_asym_id 
_struct_conn.ptnr1_label_comp_id 
_struct_conn.ptnr1_label_seq_id 
_struct_conn.ptnr1_label_atom_id 
_struct_conn.pdbx_ptnr1_label_alt_id 
_struct_conn.pdbx_ptnr1_PDB_ins_code 
_struct_conn.pdbx_ptnr1_standard_comp_id 
_struct_conn.ptnr1_symmetry 
_struct_conn.ptnr2_label_asym_id 
_struct_conn.ptnr2_label_comp_id 
_struct_conn.ptnr2_label_seq_id 
_struct_conn.ptnr2_label_atom_id 
_struct_conn.pdbx_ptnr2_label_alt_id 
_struct_conn.pdbx_ptnr2_PDB_ins_code 
_struct_conn.ptnr1_auth_asym_id 
_struct_conn.ptnr1_auth_comp_id 
_struct_conn.ptnr1_auth_seq_id 
_struct_conn.ptnr2_auth_asym_id 
_struct_conn.ptnr2_auth_comp_id 
_struct_conn.ptnr2_auth_seq_id 
_struct_conn.ptnr2_symmetry 
_struct_conn.pdbx_ptnr3_label_atom_id 
_struct_conn.pdbx_ptnr3_label_seq_id 
_struct_conn.pdbx_ptnr3_label_comp_id 
_struct_conn.pdbx_ptnr3_label_asym_id 
_struct_conn.pdbx_ptnr3_label_alt_id 
_struct_conn.pdbx_ptnr3_PDB_ins_code 
_struct_conn.details 
_struct_conn.pdbx_dist_value 
_struct_conn.pdbx_value_order 
_struct_conn.pdbx_role 
covale1 covale both ? A MSE 1  C ? ? ? 1_555 A GLU 2  N ? ? A MSE 1  A GLU 2  1_555 ? ? ? ? ? ? ? 1.313 ? ? 
covale2 covale both ? A GLU 36 C ? ? ? 1_555 A MSE 37 N ? ? A GLU 36 A MSE 37 1_555 ? ? ? ? ? ? ? 1.328 ? ? 
covale3 covale both ? A MSE 37 C ? ? ? 1_555 A ALA 38 N ? ? A MSE 37 A ALA 38 1_555 ? ? ? ? ? ? ? 1.330 ? ? 
covale4 covale both ? B MSE 1  C ? ? ? 1_555 B GLU 2  N ? ? B MSE 1  B GLU 2  1_555 ? ? ? ? ? ? ? 1.315 ? ? 
covale5 covale both ? B GLU 36 C ? ? ? 1_555 B MSE 37 N ? ? B GLU 36 B MSE 37 1_555 ? ? ? ? ? ? ? 1.331 ? ? 
covale6 covale both ? B MSE 37 C ? ? ? 1_555 B ALA 38 N ? ? B MSE 37 B ALA 38 1_555 ? ? ? ? ? ? ? 1.331 ? ? 
# 
_struct_conn_type.id          covale 
_struct_conn_type.criteria    ? 
_struct_conn_type.reference   ? 
# 
loop_
_pdbx_modification_feature.ordinal 
_pdbx_modification_feature.label_comp_id 
_pdbx_modification_feature.label_asym_id 
_pdbx_modification_feature.label_seq_id 
_pdbx_modification_feature.label_alt_id 
_pdbx_modification_feature.modified_residue_label_comp_id 
_pdbx_modification_feature.modified_residue_label_asym_id 
_pdbx_modification_feature.modified_residue_label_seq_id 
_pdbx_modification_feature.modified_residue_label_alt_id 
_pdbx_modification_feature.auth_comp_id 
_pdbx_modification_feature.auth_asym_id 
_pdbx_modification_feature.auth_seq_id 
_pdbx_modification_feature.PDB_ins_code 
_pdbx_modification_feature.symmetry 
_pdbx_modification_feature.modified_residue_auth_comp_id 
_pdbx_modification_feature.modified_residue_auth_asym_id 
_pdbx_modification_feature.modified_residue_auth_seq_id 
_pdbx_modification_feature.modified_residue_PDB_ins_code 
_pdbx_modification_feature.modified_residue_symmetry 
_pdbx_modification_feature.comp_id_linking_atom 
_pdbx_modification_feature.modified_residue_id_linking_atom 
_pdbx_modification_feature.modified_residue_id 
_pdbx_modification_feature.ref_pcm_id 
_pdbx_modification_feature.ref_comp_id 
_pdbx_modification_feature.type 
_pdbx_modification_feature.category 
1 MSE A 1  ? . . . . MSE A 1  ? 1_555 . . . . . . . MET 1 MSE Selenomethionine 'Named protein modification' 
2 MSE A 37 ? . . . . MSE A 37 ? 1_555 . . . . . . . MET 1 MSE Selenomethionine 'Named protein modification' 
3 MSE B 1  ? . . . . MSE B 1  ? 1_555 . . . . . . . MET 1 MSE Selenomethionine 'Named protein modification' 
4 MSE B 37 ? . . . . MSE B 37 ? 1_555 . . . . . . . MET 1 MSE Selenomethionine 'Named protein modification' 
# 
_pdbx_entry_details.entry_id                   5H1N 
_pdbx_entry_details.compound_details           ? 
_pdbx_entry_details.source_details             ? 
_pdbx_entry_details.nonpolymer_details         ? 
_pdbx_entry_details.sequence_details           ? 
_pdbx_entry_details.has_ligand_of_interest     ? 
_pdbx_entry_details.has_protein_modification   Y 
# 
loop_
_pdbx_validate_close_contact.id 
_pdbx_validate_close_contact.PDB_model_num 
_pdbx_validate_close_contact.auth_atom_id_1 
_pdbx_validate_close_contact.auth_asym_id_1 
_pdbx_validate_close_contact.auth_comp_id_1 
_pdbx_validate_close_contact.auth_seq_id_1 
_pdbx_validate_close_contact.PDB_ins_code_1 
_pdbx_validate_close_contact.label_alt_id_1 
_pdbx_validate_close_contact.auth_atom_id_2 
_pdbx_validate_close_contact.auth_asym_id_2 
_pdbx_validate_close_contact.auth_comp_id_2 
_pdbx_validate_close_contact.auth_seq_id_2 
_pdbx_validate_close_contact.PDB_ins_code_2 
_pdbx_validate_close_contact.label_alt_id_2 
_pdbx_validate_close_contact.dist 
1 1 O A HOH 151 ? ? O A HOH 166 ? ? 1.86 
2 1 N B MSE 1   ? ? O B HOH 101 ? ? 1.95 
3 1 O A HOH 155 ? ? O B HOH 179 ? ? 1.98 
4 1 O A HOH 139 ? ? O B HOH 108 ? ? 2.06 
5 1 O B HOH 165 ? ? O B HOH 191 ? ? 2.10 
6 1 O A HOH 114 ? ? O A HOH 156 ? ? 2.10 
7 1 O A HOH 146 ? ? O A HOH 176 ? ? 2.12 
8 1 O A HOH 167 ? ? O A HOH 171 ? ? 2.13 
9 1 O B HOH 210 ? ? O B HOH 219 ? ? 2.14 
# 
loop_
_pdbx_validate_symm_contact.id 
_pdbx_validate_symm_contact.PDB_model_num 
_pdbx_validate_symm_contact.auth_atom_id_1 
_pdbx_validate_symm_contact.auth_asym_id_1 
_pdbx_validate_symm_contact.auth_comp_id_1 
_pdbx_validate_symm_contact.auth_seq_id_1 
_pdbx_validate_symm_contact.PDB_ins_code_1 
_pdbx_validate_symm_contact.label_alt_id_1 
_pdbx_validate_symm_contact.site_symmetry_1 
_pdbx_validate_symm_contact.auth_atom_id_2 
_pdbx_validate_symm_contact.auth_asym_id_2 
_pdbx_validate_symm_contact.auth_comp_id_2 
_pdbx_validate_symm_contact.auth_seq_id_2 
_pdbx_validate_symm_contact.PDB_ins_code_2 
_pdbx_validate_symm_contact.label_alt_id_2 
_pdbx_validate_symm_contact.site_symmetry_2 
_pdbx_validate_symm_contact.dist 
1 1 O B HOH 186 ? ? 1_555 O B HOH 188 ? ? 11_476 1.58 
2 1 O A HOH 168 ? ? 1_555 O A HOH 191 ? ? 7_665  1.89 
3 1 O B HOH 141 ? ? 1_555 O B HOH 157 ? ? 8_667  2.18 
# 
loop_
_pdbx_struct_mod_residue.id 
_pdbx_struct_mod_residue.label_asym_id 
_pdbx_struct_mod_residue.label_comp_id 
_pdbx_struct_mod_residue.label_seq_id 
_pdbx_struct_mod_residue.auth_asym_id 
_pdbx_struct_mod_residue.auth_comp_id 
_pdbx_struct_mod_residue.auth_seq_id 
_pdbx_struct_mod_residue.PDB_ins_code 
_pdbx_struct_mod_residue.parent_comp_id 
_pdbx_struct_mod_residue.details 
1 A MSE 1  A MSE 1  ? MET 'modified residue' 
2 A MSE 37 A MSE 37 ? MET 'modified residue' 
3 B MSE 1  B MSE 1  ? MET 'modified residue' 
4 B MSE 37 B MSE 37 ? MET 'modified residue' 
# 
_pdbx_struct_special_symmetry.id              1 
_pdbx_struct_special_symmetry.PDB_model_num   1 
_pdbx_struct_special_symmetry.auth_asym_id    B 
_pdbx_struct_special_symmetry.auth_comp_id    HOH 
_pdbx_struct_special_symmetry.auth_seq_id     217 
_pdbx_struct_special_symmetry.PDB_ins_code    ? 
_pdbx_struct_special_symmetry.label_asym_id   D 
_pdbx_struct_special_symmetry.label_comp_id   HOH 
_pdbx_struct_special_symmetry.label_seq_id    . 
# 
loop_
_pdbx_distant_solvent_atoms.id 
_pdbx_distant_solvent_atoms.PDB_model_num 
_pdbx_distant_solvent_atoms.auth_atom_id 
_pdbx_distant_solvent_atoms.label_alt_id 
_pdbx_distant_solvent_atoms.auth_asym_id 
_pdbx_distant_solvent_atoms.auth_comp_id 
_pdbx_distant_solvent_atoms.auth_seq_id 
_pdbx_distant_solvent_atoms.PDB_ins_code 
_pdbx_distant_solvent_atoms.neighbor_macromolecule_distance 
_pdbx_distant_solvent_atoms.neighbor_ligand_distance 
1 1 O ? A HOH 197 ? 6.88 . 
2 1 O ? B HOH 216 ? 5.91 . 
3 1 O ? B HOH 217 ? 6.18 . 
4 1 O ? B HOH 218 ? 6.23 . 
5 1 O ? B HOH 219 ? 6.44 . 
# 
loop_
_pdbx_unobs_or_zero_occ_residues.id 
_pdbx_unobs_or_zero_occ_residues.PDB_model_num 
_pdbx_unobs_or_zero_occ_residues.polymer_flag 
_pdbx_unobs_or_zero_occ_residues.occupancy_flag 
_pdbx_unobs_or_zero_occ_residues.auth_asym_id 
_pdbx_unobs_or_zero_occ_residues.auth_comp_id 
_pdbx_unobs_or_zero_occ_residues.auth_seq_id 
_pdbx_unobs_or_zero_occ_residues.PDB_ins_code 
_pdbx_unobs_or_zero_occ_residues.label_asym_id 
_pdbx_unobs_or_zero_occ_residues.label_comp_id 
_pdbx_unobs_or_zero_occ_residues.label_seq_id 
1 1 Y 1 A HIS 71 ? A HIS 71 
2 1 Y 1 A HIS 72 ? A HIS 72 
3 1 Y 1 A HIS 73 ? A HIS 73 
4 1 Y 1 A HIS 74 ? A HIS 74 
5 1 Y 1 B HIS 71 ? B HIS 71 
6 1 Y 1 B HIS 72 ? B HIS 72 
7 1 Y 1 B HIS 73 ? B HIS 73 
8 1 Y 1 B HIS 74 ? B HIS 74 
# 
loop_
_chem_comp_atom.comp_id 
_chem_comp_atom.atom_id 
_chem_comp_atom.type_symbol 
_chem_comp_atom.pdbx_aromatic_flag 
_chem_comp_atom.pdbx_stereo_config 
_chem_comp_atom.pdbx_ordinal 
ALA N    N  N N 1   
ALA CA   C  N S 2   
ALA C    C  N N 3   
ALA O    O  N N 4   
ALA CB   C  N N 5   
ALA OXT  O  N N 6   
ALA H    H  N N 7   
ALA H2   H  N N 8   
ALA HA   H  N N 9   
ALA HB1  H  N N 10  
ALA HB2  H  N N 11  
ALA HB3  H  N N 12  
ALA HXT  H  N N 13  
ARG N    N  N N 14  
ARG CA   C  N S 15  
ARG C    C  N N 16  
ARG O    O  N N 17  
ARG CB   C  N N 18  
ARG CG   C  N N 19  
ARG CD   C  N N 20  
ARG NE   N  N N 21  
ARG CZ   C  N N 22  
ARG NH1  N  N N 23  
ARG NH2  N  N N 24  
ARG OXT  O  N N 25  
ARG H    H  N N 26  
ARG H2   H  N N 27  
ARG HA   H  N N 28  
ARG HB2  H  N N 29  
ARG HB3  H  N N 30  
ARG HG2  H  N N 31  
ARG HG3  H  N N 32  
ARG HD2  H  N N 33  
ARG HD3  H  N N 34  
ARG HE   H  N N 35  
ARG HH11 H  N N 36  
ARG HH12 H  N N 37  
ARG HH21 H  N N 38  
ARG HH22 H  N N 39  
ARG HXT  H  N N 40  
ASN N    N  N N 41  
ASN CA   C  N S 42  
ASN C    C  N N 43  
ASN O    O  N N 44  
ASN CB   C  N N 45  
ASN CG   C  N N 46  
ASN OD1  O  N N 47  
ASN ND2  N  N N 48  
ASN OXT  O  N N 49  
ASN H    H  N N 50  
ASN H2   H  N N 51  
ASN HA   H  N N 52  
ASN HB2  H  N N 53  
ASN HB3  H  N N 54  
ASN HD21 H  N N 55  
ASN HD22 H  N N 56  
ASN HXT  H  N N 57  
ASP N    N  N N 58  
ASP CA   C  N S 59  
ASP C    C  N N 60  
ASP O    O  N N 61  
ASP CB   C  N N 62  
ASP CG   C  N N 63  
ASP OD1  O  N N 64  
ASP OD2  O  N N 65  
ASP OXT  O  N N 66  
ASP H    H  N N 67  
ASP H2   H  N N 68  
ASP HA   H  N N 69  
ASP HB2  H  N N 70  
ASP HB3  H  N N 71  
ASP HD2  H  N N 72  
ASP HXT  H  N N 73  
CYS N    N  N N 74  
CYS CA   C  N R 75  
CYS C    C  N N 76  
CYS O    O  N N 77  
CYS CB   C  N N 78  
CYS SG   S  N N 79  
CYS OXT  O  N N 80  
CYS H    H  N N 81  
CYS H2   H  N N 82  
CYS HA   H  N N 83  
CYS HB2  H  N N 84  
CYS HB3  H  N N 85  
CYS HG   H  N N 86  
CYS HXT  H  N N 87  
GLU N    N  N N 88  
GLU CA   C  N S 89  
GLU C    C  N N 90  
GLU O    O  N N 91  
GLU CB   C  N N 92  
GLU CG   C  N N 93  
GLU CD   C  N N 94  
GLU OE1  O  N N 95  
GLU OE2  O  N N 96  
GLU OXT  O  N N 97  
GLU H    H  N N 98  
GLU H2   H  N N 99  
GLU HA   H  N N 100 
GLU HB2  H  N N 101 
GLU HB3  H  N N 102 
GLU HG2  H  N N 103 
GLU HG3  H  N N 104 
GLU HE2  H  N N 105 
GLU HXT  H  N N 106 
GLY N    N  N N 107 
GLY CA   C  N N 108 
GLY C    C  N N 109 
GLY O    O  N N 110 
GLY OXT  O  N N 111 
GLY H    H  N N 112 
GLY H2   H  N N 113 
GLY HA2  H  N N 114 
GLY HA3  H  N N 115 
GLY HXT  H  N N 116 
HIS N    N  N N 117 
HIS CA   C  N S 118 
HIS C    C  N N 119 
HIS O    O  N N 120 
HIS CB   C  N N 121 
HIS CG   C  Y N 122 
HIS ND1  N  Y N 123 
HIS CD2  C  Y N 124 
HIS CE1  C  Y N 125 
HIS NE2  N  Y N 126 
HIS OXT  O  N N 127 
HIS H    H  N N 128 
HIS H2   H  N N 129 
HIS HA   H  N N 130 
HIS HB2  H  N N 131 
HIS HB3  H  N N 132 
HIS HD1  H  N N 133 
HIS HD2  H  N N 134 
HIS HE1  H  N N 135 
HIS HE2  H  N N 136 
HIS HXT  H  N N 137 
HOH O    O  N N 138 
HOH H1   H  N N 139 
HOH H2   H  N N 140 
ILE N    N  N N 141 
ILE CA   C  N S 142 
ILE C    C  N N 143 
ILE O    O  N N 144 
ILE CB   C  N S 145 
ILE CG1  C  N N 146 
ILE CG2  C  N N 147 
ILE CD1  C  N N 148 
ILE OXT  O  N N 149 
ILE H    H  N N 150 
ILE H2   H  N N 151 
ILE HA   H  N N 152 
ILE HB   H  N N 153 
ILE HG12 H  N N 154 
ILE HG13 H  N N 155 
ILE HG21 H  N N 156 
ILE HG22 H  N N 157 
ILE HG23 H  N N 158 
ILE HD11 H  N N 159 
ILE HD12 H  N N 160 
ILE HD13 H  N N 161 
ILE HXT  H  N N 162 
LEU N    N  N N 163 
LEU CA   C  N S 164 
LEU C    C  N N 165 
LEU O    O  N N 166 
LEU CB   C  N N 167 
LEU CG   C  N N 168 
LEU CD1  C  N N 169 
LEU CD2  C  N N 170 
LEU OXT  O  N N 171 
LEU H    H  N N 172 
LEU H2   H  N N 173 
LEU HA   H  N N 174 
LEU HB2  H  N N 175 
LEU HB3  H  N N 176 
LEU HG   H  N N 177 
LEU HD11 H  N N 178 
LEU HD12 H  N N 179 
LEU HD13 H  N N 180 
LEU HD21 H  N N 181 
LEU HD22 H  N N 182 
LEU HD23 H  N N 183 
LEU HXT  H  N N 184 
LYS N    N  N N 185 
LYS CA   C  N S 186 
LYS C    C  N N 187 
LYS O    O  N N 188 
LYS CB   C  N N 189 
LYS CG   C  N N 190 
LYS CD   C  N N 191 
LYS CE   C  N N 192 
LYS NZ   N  N N 193 
LYS OXT  O  N N 194 
LYS H    H  N N 195 
LYS H2   H  N N 196 
LYS HA   H  N N 197 
LYS HB2  H  N N 198 
LYS HB3  H  N N 199 
LYS HG2  H  N N 200 
LYS HG3  H  N N 201 
LYS HD2  H  N N 202 
LYS HD3  H  N N 203 
LYS HE2  H  N N 204 
LYS HE3  H  N N 205 
LYS HZ1  H  N N 206 
LYS HZ2  H  N N 207 
LYS HZ3  H  N N 208 
LYS HXT  H  N N 209 
MSE N    N  N N 210 
MSE CA   C  N S 211 
MSE C    C  N N 212 
MSE O    O  N N 213 
MSE OXT  O  N N 214 
MSE CB   C  N N 215 
MSE CG   C  N N 216 
MSE SE   SE N N 217 
MSE CE   C  N N 218 
MSE H    H  N N 219 
MSE H2   H  N N 220 
MSE HA   H  N N 221 
MSE HXT  H  N N 222 
MSE HB2  H  N N 223 
MSE HB3  H  N N 224 
MSE HG2  H  N N 225 
MSE HG3  H  N N 226 
MSE HE1  H  N N 227 
MSE HE2  H  N N 228 
MSE HE3  H  N N 229 
PRO N    N  N N 230 
PRO CA   C  N S 231 
PRO C    C  N N 232 
PRO O    O  N N 233 
PRO CB   C  N N 234 
PRO CG   C  N N 235 
PRO CD   C  N N 236 
PRO OXT  O  N N 237 
PRO H    H  N N 238 
PRO HA   H  N N 239 
PRO HB2  H  N N 240 
PRO HB3  H  N N 241 
PRO HG2  H  N N 242 
PRO HG3  H  N N 243 
PRO HD2  H  N N 244 
PRO HD3  H  N N 245 
PRO HXT  H  N N 246 
SER N    N  N N 247 
SER CA   C  N S 248 
SER C    C  N N 249 
SER O    O  N N 250 
SER CB   C  N N 251 
SER OG   O  N N 252 
SER OXT  O  N N 253 
SER H    H  N N 254 
SER H2   H  N N 255 
SER HA   H  N N 256 
SER HB2  H  N N 257 
SER HB3  H  N N 258 
SER HG   H  N N 259 
SER HXT  H  N N 260 
TYR N    N  N N 261 
TYR CA   C  N S 262 
TYR C    C  N N 263 
TYR O    O  N N 264 
TYR CB   C  N N 265 
TYR CG   C  Y N 266 
TYR CD1  C  Y N 267 
TYR CD2  C  Y N 268 
TYR CE1  C  Y N 269 
TYR CE2  C  Y N 270 
TYR CZ   C  Y N 271 
TYR OH   O  N N 272 
TYR OXT  O  N N 273 
TYR H    H  N N 274 
TYR H2   H  N N 275 
TYR HA   H  N N 276 
TYR HB2  H  N N 277 
TYR HB3  H  N N 278 
TYR HD1  H  N N 279 
TYR HD2  H  N N 280 
TYR HE1  H  N N 281 
TYR HE2  H  N N 282 
TYR HH   H  N N 283 
TYR HXT  H  N N 284 
VAL N    N  N N 285 
VAL CA   C  N S 286 
VAL C    C  N N 287 
VAL O    O  N N 288 
VAL CB   C  N N 289 
VAL CG1  C  N N 290 
VAL CG2  C  N N 291 
VAL OXT  O  N N 292 
VAL H    H  N N 293 
VAL H2   H  N N 294 
VAL HA   H  N N 295 
VAL HB   H  N N 296 
VAL HG11 H  N N 297 
VAL HG12 H  N N 298 
VAL HG13 H  N N 299 
VAL HG21 H  N N 300 
VAL HG22 H  N N 301 
VAL HG23 H  N N 302 
VAL HXT  H  N N 303 
# 
loop_
_chem_comp_bond.comp_id 
_chem_comp_bond.atom_id_1 
_chem_comp_bond.atom_id_2 
_chem_comp_bond.value_order 
_chem_comp_bond.pdbx_aromatic_flag 
_chem_comp_bond.pdbx_stereo_config 
_chem_comp_bond.pdbx_ordinal 
ALA N   CA   sing N N 1   
ALA N   H    sing N N 2   
ALA N   H2   sing N N 3   
ALA CA  C    sing N N 4   
ALA CA  CB   sing N N 5   
ALA CA  HA   sing N N 6   
ALA C   O    doub N N 7   
ALA C   OXT  sing N N 8   
ALA CB  HB1  sing N N 9   
ALA CB  HB2  sing N N 10  
ALA CB  HB3  sing N N 11  
ALA OXT HXT  sing N N 12  
ARG N   CA   sing N N 13  
ARG N   H    sing N N 14  
ARG N   H2   sing N N 15  
ARG CA  C    sing N N 16  
ARG CA  CB   sing N N 17  
ARG CA  HA   sing N N 18  
ARG C   O    doub N N 19  
ARG C   OXT  sing N N 20  
ARG CB  CG   sing N N 21  
ARG CB  HB2  sing N N 22  
ARG CB  HB3  sing N N 23  
ARG CG  CD   sing N N 24  
ARG CG  HG2  sing N N 25  
ARG CG  HG3  sing N N 26  
ARG CD  NE   sing N N 27  
ARG CD  HD2  sing N N 28  
ARG CD  HD3  sing N N 29  
ARG NE  CZ   sing N N 30  
ARG NE  HE   sing N N 31  
ARG CZ  NH1  sing N N 32  
ARG CZ  NH2  doub N N 33  
ARG NH1 HH11 sing N N 34  
ARG NH1 HH12 sing N N 35  
ARG NH2 HH21 sing N N 36  
ARG NH2 HH22 sing N N 37  
ARG OXT HXT  sing N N 38  
ASN N   CA   sing N N 39  
ASN N   H    sing N N 40  
ASN N   H2   sing N N 41  
ASN CA  C    sing N N 42  
ASN CA  CB   sing N N 43  
ASN CA  HA   sing N N 44  
ASN C   O    doub N N 45  
ASN C   OXT  sing N N 46  
ASN CB  CG   sing N N 47  
ASN CB  HB2  sing N N 48  
ASN CB  HB3  sing N N 49  
ASN CG  OD1  doub N N 50  
ASN CG  ND2  sing N N 51  
ASN ND2 HD21 sing N N 52  
ASN ND2 HD22 sing N N 53  
ASN OXT HXT  sing N N 54  
ASP N   CA   sing N N 55  
ASP N   H    sing N N 56  
ASP N   H2   sing N N 57  
ASP CA  C    sing N N 58  
ASP CA  CB   sing N N 59  
ASP CA  HA   sing N N 60  
ASP C   O    doub N N 61  
ASP C   OXT  sing N N 62  
ASP CB  CG   sing N N 63  
ASP CB  HB2  sing N N 64  
ASP CB  HB3  sing N N 65  
ASP CG  OD1  doub N N 66  
ASP CG  OD2  sing N N 67  
ASP OD2 HD2  sing N N 68  
ASP OXT HXT  sing N N 69  
CYS N   CA   sing N N 70  
CYS N   H    sing N N 71  
CYS N   H2   sing N N 72  
CYS CA  C    sing N N 73  
CYS CA  CB   sing N N 74  
CYS CA  HA   sing N N 75  
CYS C   O    doub N N 76  
CYS C   OXT  sing N N 77  
CYS CB  SG   sing N N 78  
CYS CB  HB2  sing N N 79  
CYS CB  HB3  sing N N 80  
CYS SG  HG   sing N N 81  
CYS OXT HXT  sing N N 82  
GLU N   CA   sing N N 83  
GLU N   H    sing N N 84  
GLU N   H2   sing N N 85  
GLU CA  C    sing N N 86  
GLU CA  CB   sing N N 87  
GLU CA  HA   sing N N 88  
GLU C   O    doub N N 89  
GLU C   OXT  sing N N 90  
GLU CB  CG   sing N N 91  
GLU CB  HB2  sing N N 92  
GLU CB  HB3  sing N N 93  
GLU CG  CD   sing N N 94  
GLU CG  HG2  sing N N 95  
GLU CG  HG3  sing N N 96  
GLU CD  OE1  doub N N 97  
GLU CD  OE2  sing N N 98  
GLU OE2 HE2  sing N N 99  
GLU OXT HXT  sing N N 100 
GLY N   CA   sing N N 101 
GLY N   H    sing N N 102 
GLY N   H2   sing N N 103 
GLY CA  C    sing N N 104 
GLY CA  HA2  sing N N 105 
GLY CA  HA3  sing N N 106 
GLY C   O    doub N N 107 
GLY C   OXT  sing N N 108 
GLY OXT HXT  sing N N 109 
HIS N   CA   sing N N 110 
HIS N   H    sing N N 111 
HIS N   H2   sing N N 112 
HIS CA  C    sing N N 113 
HIS CA  CB   sing N N 114 
HIS CA  HA   sing N N 115 
HIS C   O    doub N N 116 
HIS C   OXT  sing N N 117 
HIS CB  CG   sing N N 118 
HIS CB  HB2  sing N N 119 
HIS CB  HB3  sing N N 120 
HIS CG  ND1  sing Y N 121 
HIS CG  CD2  doub Y N 122 
HIS ND1 CE1  doub Y N 123 
HIS ND1 HD1  sing N N 124 
HIS CD2 NE2  sing Y N 125 
HIS CD2 HD2  sing N N 126 
HIS CE1 NE2  sing Y N 127 
HIS CE1 HE1  sing N N 128 
HIS NE2 HE2  sing N N 129 
HIS OXT HXT  sing N N 130 
HOH O   H1   sing N N 131 
HOH O   H2   sing N N 132 
ILE N   CA   sing N N 133 
ILE N   H    sing N N 134 
ILE N   H2   sing N N 135 
ILE CA  C    sing N N 136 
ILE CA  CB   sing N N 137 
ILE CA  HA   sing N N 138 
ILE C   O    doub N N 139 
ILE C   OXT  sing N N 140 
ILE CB  CG1  sing N N 141 
ILE CB  CG2  sing N N 142 
ILE CB  HB   sing N N 143 
ILE CG1 CD1  sing N N 144 
ILE CG1 HG12 sing N N 145 
ILE CG1 HG13 sing N N 146 
ILE CG2 HG21 sing N N 147 
ILE CG2 HG22 sing N N 148 
ILE CG2 HG23 sing N N 149 
ILE CD1 HD11 sing N N 150 
ILE CD1 HD12 sing N N 151 
ILE CD1 HD13 sing N N 152 
ILE OXT HXT  sing N N 153 
LEU N   CA   sing N N 154 
LEU N   H    sing N N 155 
LEU N   H2   sing N N 156 
LEU CA  C    sing N N 157 
LEU CA  CB   sing N N 158 
LEU CA  HA   sing N N 159 
LEU C   O    doub N N 160 
LEU C   OXT  sing N N 161 
LEU CB  CG   sing N N 162 
LEU CB  HB2  sing N N 163 
LEU CB  HB3  sing N N 164 
LEU CG  CD1  sing N N 165 
LEU CG  CD2  sing N N 166 
LEU CG  HG   sing N N 167 
LEU CD1 HD11 sing N N 168 
LEU CD1 HD12 sing N N 169 
LEU CD1 HD13 sing N N 170 
LEU CD2 HD21 sing N N 171 
LEU CD2 HD22 sing N N 172 
LEU CD2 HD23 sing N N 173 
LEU OXT HXT  sing N N 174 
LYS N   CA   sing N N 175 
LYS N   H    sing N N 176 
LYS N   H2   sing N N 177 
LYS CA  C    sing N N 178 
LYS CA  CB   sing N N 179 
LYS CA  HA   sing N N 180 
LYS C   O    doub N N 181 
LYS C   OXT  sing N N 182 
LYS CB  CG   sing N N 183 
LYS CB  HB2  sing N N 184 
LYS CB  HB3  sing N N 185 
LYS CG  CD   sing N N 186 
LYS CG  HG2  sing N N 187 
LYS CG  HG3  sing N N 188 
LYS CD  CE   sing N N 189 
LYS CD  HD2  sing N N 190 
LYS CD  HD3  sing N N 191 
LYS CE  NZ   sing N N 192 
LYS CE  HE2  sing N N 193 
LYS CE  HE3  sing N N 194 
LYS NZ  HZ1  sing N N 195 
LYS NZ  HZ2  sing N N 196 
LYS NZ  HZ3  sing N N 197 
LYS OXT HXT  sing N N 198 
MSE N   CA   sing N N 199 
MSE N   H    sing N N 200 
MSE N   H2   sing N N 201 
MSE CA  C    sing N N 202 
MSE CA  CB   sing N N 203 
MSE CA  HA   sing N N 204 
MSE C   O    doub N N 205 
MSE C   OXT  sing N N 206 
MSE OXT HXT  sing N N 207 
MSE CB  CG   sing N N 208 
MSE CB  HB2  sing N N 209 
MSE CB  HB3  sing N N 210 
MSE CG  SE   sing N N 211 
MSE CG  HG2  sing N N 212 
MSE CG  HG3  sing N N 213 
MSE SE  CE   sing N N 214 
MSE CE  HE1  sing N N 215 
MSE CE  HE2  sing N N 216 
MSE CE  HE3  sing N N 217 
PRO N   CA   sing N N 218 
PRO N   CD   sing N N 219 
PRO N   H    sing N N 220 
PRO CA  C    sing N N 221 
PRO CA  CB   sing N N 222 
PRO CA  HA   sing N N 223 
PRO C   O    doub N N 224 
PRO C   OXT  sing N N 225 
PRO CB  CG   sing N N 226 
PRO CB  HB2  sing N N 227 
PRO CB  HB3  sing N N 228 
PRO CG  CD   sing N N 229 
PRO CG  HG2  sing N N 230 
PRO CG  HG3  sing N N 231 
PRO CD  HD2  sing N N 232 
PRO CD  HD3  sing N N 233 
PRO OXT HXT  sing N N 234 
SER N   CA   sing N N 235 
SER N   H    sing N N 236 
SER N   H2   sing N N 237 
SER CA  C    sing N N 238 
SER CA  CB   sing N N 239 
SER CA  HA   sing N N 240 
SER C   O    doub N N 241 
SER C   OXT  sing N N 242 
SER CB  OG   sing N N 243 
SER CB  HB2  sing N N 244 
SER CB  HB3  sing N N 245 
SER OG  HG   sing N N 246 
SER OXT HXT  sing N N 247 
TYR N   CA   sing N N 248 
TYR N   H    sing N N 249 
TYR N   H2   sing N N 250 
TYR CA  C    sing N N 251 
TYR CA  CB   sing N N 252 
TYR CA  HA   sing N N 253 
TYR C   O    doub N N 254 
TYR C   OXT  sing N N 255 
TYR CB  CG   sing N N 256 
TYR CB  HB2  sing N N 257 
TYR CB  HB3  sing N N 258 
TYR CG  CD1  doub Y N 259 
TYR CG  CD2  sing Y N 260 
TYR CD1 CE1  sing Y N 261 
TYR CD1 HD1  sing N N 262 
TYR CD2 CE2  doub Y N 263 
TYR CD2 HD2  sing N N 264 
TYR CE1 CZ   doub Y N 265 
TYR CE1 HE1  sing N N 266 
TYR CE2 CZ   sing Y N 267 
TYR CE2 HE2  sing N N 268 
TYR CZ  OH   sing N N 269 
TYR OH  HH   sing N N 270 
TYR OXT HXT  sing N N 271 
VAL N   CA   sing N N 272 
VAL N   H    sing N N 273 
VAL N   H2   sing N N 274 
VAL CA  C    sing N N 275 
VAL CA  CB   sing N N 276 
VAL CA  HA   sing N N 277 
VAL C   O    doub N N 278 
VAL C   OXT  sing N N 279 
VAL CB  CG1  sing N N 280 
VAL CB  CG2  sing N N 281 
VAL CB  HB   sing N N 282 
VAL CG1 HG11 sing N N 283 
VAL CG1 HG12 sing N N 284 
VAL CG1 HG13 sing N N 285 
VAL CG2 HG21 sing N N 286 
VAL CG2 HG22 sing N N 287 
VAL CG2 HG23 sing N N 288 
VAL OXT HXT  sing N N 289 
# 
_atom_sites.entry_id                    5H1N 
_atom_sites.fract_transf_matrix[1][1]   -0.00465043 
_atom_sites.fract_transf_matrix[1][2]   -0.00069508 
_atom_sites.fract_transf_matrix[1][3]   -0.00775715 
_atom_sites.fract_transf_matrix[2][1]   -0.00767794 
_atom_sites.fract_transf_matrix[2][2]   -0.00110591 
_atom_sites.fract_transf_matrix[2][3]   0.00470204 
_atom_sites.fract_transf_matrix[3][1]   -0.00130603 
_atom_sites.fract_transf_matrix[3][2]   0.00897646 
_atom_sites.fract_transf_matrix[3][3]   -0.00002137 
_atom_sites.fract_transf_vector[1]      0.245343 
_atom_sites.fract_transf_vector[2]      0.999922 
_atom_sites.fract_transf_vector[3]      0.754695 
# 
loop_
_atom_type.symbol 
C  
N  
O  
S  
SE 
# 
loop_
_atom_site.group_PDB 
_atom_site.id 
_atom_site.type_symbol 
_atom_site.label_atom_id 
_atom_site.label_alt_id 
_atom_site.label_comp_id 
_atom_site.label_asym_id 
_atom_site.label_entity_id 
_atom_site.label_seq_id 
_atom_site.pdbx_PDB_ins_code 
_atom_site.Cartn_x 
_atom_site.Cartn_y 
_atom_site.Cartn_z 
_atom_site.occupancy 
_atom_site.B_iso_or_equiv 
_atom_site.pdbx_formal_charge 
_atom_site.auth_seq_id 
_atom_site.auth_comp_id 
_atom_site.auth_asym_id 
_atom_site.auth_atom_id 
_atom_site.pdbx_PDB_model_num 
HETATM 1    N  N   . MSE A 1 1  ? 16.286  -0.333  1.759   1.00 38.05 ? 1   MSE A N   1 
HETATM 2    C  CA  . MSE A 1 1  ? 15.986  -0.489  0.320   1.00 28.83 ? 1   MSE A CA  1 
HETATM 3    C  C   . MSE A 1 1  ? 16.309  -1.894  -0.123  1.00 22.84 ? 1   MSE A C   1 
HETATM 4    O  O   . MSE A 1 1  ? 15.692  -2.436  -1.031  1.00 20.98 ? 1   MSE A O   1 
HETATM 5    C  CB  . MSE A 1 1  ? 16.772  0.486   -0.529  1.00 28.22 ? 1   MSE A CB  1 
HETATM 6    C  CG  . MSE A 1 1  ? 16.266  1.908   -0.549  1.00 26.36 ? 1   MSE A CG  1 
HETATM 7    SE SE  . MSE A 1 1  ? 14.435  2.013   -1.139  1.00 40.99 ? 1   MSE A SE  1 
HETATM 8    C  CE  . MSE A 1 1  ? 14.510  1.433   -3.006  1.00 28.31 ? 1   MSE A CE  1 
ATOM   9    N  N   . GLU A 1 2  ? 17.276  -2.492  0.533   1.00 21.77 ? 2   GLU A N   1 
ATOM   10   C  CA  . GLU A 1 2  ? 17.736  -3.806  0.120   1.00 22.42 ? 2   GLU A CA  1 
ATOM   11   C  C   . GLU A 1 2  ? 16.678  -4.906  0.222   1.00 21.92 ? 2   GLU A C   1 
ATOM   12   O  O   . GLU A 1 2  ? 16.823  -5.918  -0.452  1.00 27.30 ? 2   GLU A O   1 
ATOM   13   C  CB  . GLU A 1 2  ? 18.949  -4.230  0.943   1.00 33.86 ? 2   GLU A CB  1 
ATOM   14   C  CG  . GLU A 1 2  ? 18.709  -4.095  2.446   1.00 31.28 ? 2   GLU A CG  1 
ATOM   15   C  CD  . GLU A 1 2  ? 19.637  -4.990  3.212   1.00 48.44 ? 2   GLU A CD  1 
ATOM   16   O  OE1 . GLU A 1 2  ? 20.473  -5.654  2.551   1.00 54.33 ? 2   GLU A OE1 1 
ATOM   17   O  OE2 . GLU A 1 2  ? 19.514  -5.055  4.451   1.00 47.68 ? 2   GLU A OE2 1 
ATOM   18   N  N   . LYS A 1 3  ? 15.657  -4.729  1.065   1.00 23.78 ? 3   LYS A N   1 
ATOM   19   C  CA  . LYS A 1 3  ? 14.714  -5.833  1.279   1.00 26.83 ? 3   LYS A CA  1 
ATOM   20   C  C   . LYS A 1 3  ? 13.645  -5.891  0.193   1.00 25.79 ? 3   LYS A C   1 
ATOM   21   O  O   . LYS A 1 3  ? 12.916  -6.868  0.081   1.00 30.27 ? 3   LYS A O   1 
ATOM   22   C  CB  . LYS A 1 3  ? 14.081  -5.726  2.669   1.00 31.30 ? 3   LYS A CB  1 
ATOM   23   C  CG  . LYS A 1 3  ? 14.941  -6.451  3.729   1.00 46.40 ? 3   LYS A CG  1 
ATOM   24   C  CD  . LYS A 1 3  ? 14.349  -6.415  5.135   1.00 49.94 ? 3   LYS A CD  1 
ATOM   25   C  CE  . LYS A 1 3  ? 15.394  -6.850  6.173   1.00 53.65 ? 3   LYS A CE  1 
ATOM   26   N  NZ  . LYS A 1 3  ? 14.778  -7.136  7.507   1.00 52.91 ? 3   LYS A NZ  1 
ATOM   27   N  N   . TYR A 1 4  ? 13.566  -4.842  -0.621  1.00 21.90 ? 4   TYR A N   1 
ATOM   28   C  CA  . TYR A 1 4  ? 12.507  -4.740  -1.635  1.00 19.93 ? 4   TYR A CA  1 
ATOM   29   C  C   . TYR A 1 4  ? 12.847  -5.558  -2.884  1.00 19.39 ? 4   TYR A C   1 
ATOM   30   O  O   . TYR A 1 4  ? 14.024  -5.787  -3.199  1.00 21.12 ? 4   TYR A O   1 
ATOM   31   C  CB  . TYR A 1 4  ? 12.263  -3.263  -1.993  1.00 21.19 ? 4   TYR A CB  1 
ATOM   32   C  CG  . TYR A 1 4  ? 11.652  -2.574  -0.805  1.00 21.37 ? 4   TYR A CG  1 
ATOM   33   C  CD1 . TYR A 1 4  ? 10.314  -2.767  -0.517  1.00 23.21 ? 4   TYR A CD1 1 
ATOM   34   C  CD2 . TYR A 1 4  ? 12.402  -1.783  0.018   1.00 21.78 ? 4   TYR A CD2 1 
ATOM   35   C  CE1 . TYR A 1 4  ? 9.743   -2.215  0.584   1.00 24.78 ? 4   TYR A CE1 1 
ATOM   36   C  CE2 . TYR A 1 4  ? 11.835  -1.217  1.146   1.00 20.74 ? 4   TYR A CE2 1 
ATOM   37   C  CZ  . TYR A 1 4  ? 10.522  -1.451  1.413   1.00 23.79 ? 4   TYR A CZ  1 
ATOM   38   O  OH  . TYR A 1 4  ? 9.911   -0.895  2.530   1.00 27.98 ? 4   TYR A OH  1 
ATOM   39   N  N   . CYS A 1 5  ? 11.824  -5.992  -3.577  1.00 19.47 ? 5   CYS A N   1 
ATOM   40   C  CA  . CYS A 1 5  ? 12.057  -6.737  -4.803  1.00 17.44 ? 5   CYS A CA  1 
ATOM   41   C  C   . CYS A 1 5  ? 12.652  -5.860  -5.880  1.00 19.30 ? 5   CYS A C   1 
ATOM   42   O  O   . CYS A 1 5  ? 12.629  -4.631  -5.817  1.00 17.58 ? 5   CYS A O   1 
ATOM   43   C  CB  . CYS A 1 5  ? 10.748  -7.399  -5.261  1.00 18.66 ? 5   CYS A CB  1 
ATOM   44   S  SG  . CYS A 1 5  ? 9.518   -6.230  -5.840  1.00 18.73 ? 5   CYS A SG  1 
ATOM   45   N  N   . GLU A 1 6  ? 13.206  -6.527  -6.892  1.00 18.02 ? 6   GLU A N   1 
ATOM   46   C  CA  . GLU A 1 6  ? 13.813  -5.789  -7.993  1.00 17.97 ? 6   GLU A CA  1 
ATOM   47   C  C   . GLU A 1 6  ? 12.875  -4.751  -8.617  1.00 16.87 ? 6   GLU A C   1 
ATOM   48   O  O   . GLU A 1 6  ? 13.309  -3.638  -8.945  1.00 16.09 ? 6   GLU A O   1 
ATOM   49   C  CB  . GLU A 1 6  ? 14.273  -6.780  -9.065  1.00 17.74 ? 6   GLU A CB  1 
ATOM   50   C  CG  . GLU A 1 6  ? 15.052  -6.060  -10.187 1.00 17.74 ? 6   GLU A CG  1 
ATOM   51   C  CD  . GLU A 1 6  ? 15.424  -6.973  -11.323 1.00 19.15 ? 6   GLU A CD  1 
ATOM   52   O  OE1 . GLU A 1 6  ? 15.063  -8.169  -11.301 1.00 22.19 ? 6   GLU A OE1 1 
ATOM   53   O  OE2 . GLU A 1 6  ? 16.095  -6.449  -12.231 1.00 19.35 ? 6   GLU A OE2 1 
ATOM   54   N  N   . LEU A 1 7  ? 11.612  -5.087  -8.827  1.00 16.64 ? 7   LEU A N   1 
ATOM   55   C  CA  . LEU A 1 7  ? 10.725  -4.128  -9.505  1.00 15.45 ? 7   LEU A CA  1 
ATOM   56   C  C   . LEU A 1 7  ? 10.577  -2.819  -8.691  1.00 16.55 ? 7   LEU A C   1 
ATOM   57   O  O   . LEU A 1 7  ? 10.632  -1.704  -9.241  1.00 17.24 ? 7   LEU A O   1 
ATOM   58   C  CB  . LEU A 1 7  ? 9.342   -4.782  -9.748  1.00 17.27 ? 7   LEU A CB  1 
ATOM   59   C  CG  . LEU A 1 7  ? 8.339   -3.916  -10.471 1.00 18.59 ? 7   LEU A CG  1 
ATOM   60   C  CD1 . LEU A 1 7  ? 8.890   -3.420  -11.835 1.00 21.11 ? 7   LEU A CD1 1 
ATOM   61   C  CD2 . LEU A 1 7  ? 7.010   -4.633  -10.672 1.00 19.81 ? 7   LEU A CD2 1 
ATOM   62   N  N   . ILE A 1 8  ? 10.398  -2.972  -7.381  1.00 17.01 ? 8   ILE A N   1 
ATOM   63   C  CA  . ILE A 1 8  ? 10.311  -1.756  -6.553  1.00 15.89 ? 8   ILE A CA  1 
ATOM   64   C  C   . ILE A 1 8  ? 11.604  -0.960  -6.591  1.00 16.06 ? 8   ILE A C   1 
ATOM   65   O  O   . ILE A 1 8  ? 11.583  0.255   -6.718  1.00 16.67 ? 8   ILE A O   1 
ATOM   66   C  CB  . ILE A 1 8  ? 9.940   -2.107  -5.113  1.00 16.42 ? 8   ILE A CB  1 
ATOM   67   C  CG1 . ILE A 1 8  ? 8.449   -2.403  -5.115  1.00 16.75 ? 8   ILE A CG1 1 
ATOM   68   C  CG2 . ILE A 1 8  ? 10.262  -0.927  -4.115  1.00 18.80 ? 8   ILE A CG2 1 
ATOM   69   C  CD1 . ILE A 1 8  ? 7.938   -2.891  -3.810  1.00 18.79 ? 8   ILE A CD1 1 
ATOM   70   N  N   . ARG A 1 9  ? 12.749  -1.637  -6.521  1.00 16.59 ? 9   ARG A N   1 
ATOM   71   C  CA  . ARG A 1 9  ? 14.009  -0.885  -6.604  1.00 16.31 ? 9   ARG A CA  1 
ATOM   72   C  C   . ARG A 1 9  ? 14.206  -0.172  -7.928  1.00 15.82 ? 9   ARG A C   1 
ATOM   73   O  O   . ARG A 1 9  ? 14.733  0.955   -7.989  1.00 17.62 ? 9   ARG A O   1 
ATOM   74   C  CB  . ARG A 1 9  ? 15.192  -1.833  -6.282  1.00 15.65 ? 9   ARG A CB  1 
ATOM   75   C  CG  . ARG A 1 9  ? 15.231  -2.192  -4.731  1.00 16.18 ? 9   ARG A CG  1 
ATOM   76   C  CD  . ARG A 1 9  ? 16.419  -3.103  -4.381  1.00 16.99 ? 9   ARG A CD  1 
ATOM   77   N  NE  . ARG A 1 9  ? 16.114  -4.479  -4.682  1.00 17.28 ? 9   ARG A NE  1 
ATOM   78   C  CZ  . ARG A 1 9  ? 16.623  -5.155  -5.726  1.00 16.93 ? 9   ARG A CZ  1 
ATOM   79   N  NH1 . ARG A 1 9  ? 17.403  -4.548  -6.626  1.00 16.74 ? 9   ARG A NH1 1 
ATOM   80   N  NH2 . ARG A 1 9  ? 16.299  -6.433  -5.863  1.00 18.00 ? 9   ARG A NH2 1 
ATOM   81   N  N   . LYS A 1 10 ? 13.768  -0.802  -9.022  1.00 14.77 ? 10  LYS A N   1 
ATOM   82   C  CA  . LYS A 1 10 ? 13.852  -0.183  -10.328 1.00 15.05 ? 10  LYS A CA  1 
ATOM   83   C  C   . LYS A 1 10 ? 12.980  1.036   -10.435 1.00 17.33 ? 10  LYS A C   1 
ATOM   84   O  O   . LYS A 1 10 ? 13.386  2.076   -10.949 1.00 17.22 ? 10  LYS A O   1 
ATOM   85   C  CB  . LYS A 1 10 ? 13.400  -1.145  -11.429 1.00 18.02 ? 10  LYS A CB  1 
ATOM   86   C  CG  . LYS A 1 10 ? 14.411  -2.209  -11.770 1.00 21.47 ? 10  LYS A CG  1 
ATOM   87   C  CD  . LYS A 1 10 ? 14.025  -2.949  -13.040 1.00 23.50 ? 10  LYS A CD  1 
ATOM   88   C  CE  . LYS A 1 10 ? 12.664  -3.661  -12.957 1.00 22.50 ? 10  LYS A CE  1 
ATOM   89   N  NZ  . LYS A 1 10 ? 12.412  -4.397  -14.210 1.00 23.01 ? 10  LYS A NZ  1 
ATOM   90   N  N   . ARG A 1 11 ? 11.734  0.897   -9.981  1.00 16.80 ? 11  ARG A N   1 
ATOM   91   C  CA  . ARG A 1 11 ? 10.801  2.032   -10.103 1.00 15.23 ? 11  ARG A CA  1 
ATOM   92   C  C   . ARG A 1 11 ? 11.178  3.171   -9.149  1.00 15.97 ? 11  ARG A C   1 
ATOM   93   O  O   . ARG A 1 11 ? 11.025  4.325   -9.503  1.00 16.35 ? 11  ARG A O   1 
ATOM   94   C  CB  . ARG A 1 11 ? 9.347   1.554   -9.873  1.00 16.79 ? 11  ARG A CB  1 
ATOM   95   C  CG  . ARG A 1 11 ? 8.900   0.467   -10.871 1.00 17.85 ? 11  ARG A CG  1 
ATOM   96   C  CD  . ARG A 1 11 ? 8.906   0.999   -12.308 1.00 19.07 ? 11  ARG A CD  1 
ATOM   97   N  NE  . ARG A 1 11 ? 8.671   -0.121  -13.235 1.00 19.04 ? 11  ARG A NE  1 
ATOM   98   C  CZ  . ARG A 1 11 ? 9.574   -0.627  -14.068 1.00 19.33 ? 11  ARG A CZ  1 
ATOM   99   N  NH1 . ARG A 1 11 ? 10.769  -0.065  -14.211 1.00 20.55 ? 11  ARG A NH1 1 
ATOM   100  N  NH2 . ARG A 1 11 ? 9.250   -1.701  -14.784 1.00 22.53 ? 11  ARG A NH2 1 
ATOM   101  N  N   . TYR A 1 12 ? 11.698  2.820   -7.963  1.00 15.61 ? 12  TYR A N   1 
ATOM   102  C  CA  . TYR A 1 12 ? 12.260  3.847   -7.072  1.00 16.26 ? 12  TYR A CA  1 
ATOM   103  C  C   . TYR A 1 12 ? 13.336  4.651   -7.774  1.00 17.29 ? 12  TYR A C   1 
ATOM   104  O  O   . TYR A 1 12 ? 13.315  5.891   -7.799  1.00 18.33 ? 12  TYR A O   1 
ATOM   105  C  CB  . TYR A 1 12 ? 12.816  3.172   -5.806  1.00 16.50 ? 12  TYR A CB  1 
ATOM   106  C  CG  . TYR A 1 12 ? 13.572  4.109   -4.898  1.00 16.75 ? 12  TYR A CG  1 
ATOM   107  C  CD1 . TYR A 1 12 ? 12.959  4.703   -3.805  1.00 15.93 ? 12  TYR A CD1 1 
ATOM   108  C  CD2 . TYR A 1 12 ? 14.930  4.358   -5.095  1.00 18.54 ? 12  TYR A CD2 1 
ATOM   109  C  CE1 . TYR A 1 12 ? 13.636  5.573   -2.966  1.00 18.59 ? 12  TYR A CE1 1 
ATOM   110  C  CE2 . TYR A 1 12 ? 15.638  5.210   -4.258  1.00 18.73 ? 12  TYR A CE2 1 
ATOM   111  C  CZ  . TYR A 1 12 ? 14.982  5.801   -3.184  1.00 18.15 ? 12  TYR A CZ  1 
ATOM   112  O  OH  . TYR A 1 12 ? 15.688  6.670   -2.347  1.00 20.55 ? 12  TYR A OH  1 
ATOM   113  N  N   . ALA A 1 13 ? 14.289  3.932   -8.411  1.00 16.28 ? 13  ALA A N   1 
ATOM   114  C  CA  . ALA A 1 13 ? 15.363  4.664   -9.103  1.00 16.73 ? 13  ALA A CA  1 
ATOM   115  C  C   . ALA A 1 13 ? 14.813  5.544   -10.212 1.00 16.59 ? 13  ALA A C   1 
ATOM   116  O  O   . ALA A 1 13 ? 15.304  6.657   -10.437 1.00 17.13 ? 13  ALA A O   1 
ATOM   117  C  CB  . ALA A 1 13 ? 16.365  3.675   -9.665  1.00 17.90 ? 13  ALA A CB  1 
ATOM   118  N  N   . GLU A 1 14 ? 13.776  5.075   -10.893 1.00 16.39 ? 14  GLU A N   1 
ATOM   119  C  CA  . GLU A 1 14 ? 13.191  5.865   -11.957 1.00 17.23 ? 14  GLU A CA  1 
ATOM   120  C  C   . GLU A 1 14 ? 12.437  7.115   -11.467 1.00 17.51 ? 14  GLU A C   1 
ATOM   121  O  O   . GLU A 1 14 ? 12.441  8.153   -12.135 1.00 17.61 ? 14  GLU A O   1 
ATOM   122  C  CB  . GLU A 1 14 ? 12.251  4.985   -12.788 1.00 17.80 ? 14  GLU A CB  1 
ATOM   123  C  CG  . GLU A 1 14 ? 13.077  4.060   -13.720 1.00 17.21 ? 14  GLU A CG  1 
ATOM   124  C  CD  . GLU A 1 14 ? 12.236  3.082   -14.473 1.00 21.85 ? 14  GLU A CD  1 
ATOM   125  O  OE1 . GLU A 1 14 ? 11.090  2.811   -14.083 1.00 20.45 ? 14  GLU A OE1 1 
ATOM   126  O  OE2 . GLU A 1 14 ? 12.781  2.544   -15.479 1.00 24.20 ? 14  GLU A OE2 1 
ATOM   127  N  N   . ILE A 1 15 ? 11.732  7.027   -10.342 1.00 15.74 ? 15  ILE A N   1 
ATOM   128  C  CA  . ILE A 1 15 ? 11.104  8.239   -9.782  1.00 16.63 ? 15  ILE A CA  1 
ATOM   129  C  C   . ILE A 1 15 ? 12.178  9.215   -9.377  1.00 19.47 ? 15  ILE A C   1 
ATOM   130  O  O   . ILE A 1 15 ? 12.147  10.411  -9.731  1.00 19.53 ? 15  ILE A O   1 
ATOM   131  C  CB  . ILE A 1 15 ? 10.178  7.885   -8.597  1.00 18.27 ? 15  ILE A CB  1 
ATOM   132  C  CG1 . ILE A 1 15 ? 9.001   7.038   -9.054  1.00 18.56 ? 15  ILE A CG1 1 
ATOM   133  C  CG2 . ILE A 1 15 ? 9.603   9.194   -7.961  1.00 20.39 ? 15  ILE A CG2 1 
ATOM   134  C  CD1 . ILE A 1 15 ? 8.217   6.512   -7.769  1.00 19.93 ? 15  ILE A CD1 1 
ATOM   135  N  N   . ALA A 1 16 ? 13.188  8.703   -8.708  1.00 16.88 ? 16  ALA A N   1 
ATOM   136  C  CA  . ALA A 1 16 ? 14.255  9.569   -8.244  1.00 18.98 ? 16  ALA A CA  1 
ATOM   137  C  C   . ALA A 1 16 ? 14.992  10.265  -9.392  1.00 20.00 ? 16  ALA A C   1 
ATOM   138  O  O   . ALA A 1 16 ? 15.422  11.407  -9.275  1.00 21.52 ? 16  ALA A O   1 
ATOM   139  C  CB  . ALA A 1 16 ? 15.239  8.786   -7.381  1.00 21.95 ? 16  ALA A CB  1 
ATOM   140  N  N   . SER A 1 17 ? 15.153  9.564   -10.516 1.00 19.08 ? 17  SER A N   1 
ATOM   141  C  CA  . SER A 1 17 ? 15.898  10.129  -11.647 1.00 18.53 ? 17  SER A CA  1 
ATOM   142  C  C   . SER A 1 17 ? 15.087  11.001  -12.581 1.00 18.89 ? 17  SER A C   1 
ATOM   143  O  O   . SER A 1 17 ? 15.657  11.652  -13.492 1.00 20.65 ? 17  SER A O   1 
ATOM   144  C  CB  . SER A 1 17 ? 16.525  8.990   -12.469 1.00 18.29 ? 17  SER A CB  1 
ATOM   145  O  OG  . SER A 1 17 ? 15.457  8.345   -13.186 1.00 20.78 ? 17  SER A OG  1 
ATOM   146  N  N   . GLY A 1 18 ? 13.771  10.981  -12.433 1.00 18.64 ? 18  GLY A N   1 
ATOM   147  C  CA  . GLY A 1 18 ? 12.899  11.636  -13.389 1.00 19.24 ? 18  GLY A CA  1 
ATOM   148  C  C   . GLY A 1 18 ? 12.532  10.816  -14.625 1.00 21.36 ? 18  GLY A C   1 
ATOM   149  O  O   . GLY A 1 18 ? 11.915  11.370  -15.538 1.00 21.97 ? 18  GLY A O   1 
ATOM   150  N  N   . ASP A 1 19 ? 12.783  9.511   -14.605 1.00 19.03 ? 19  ASP A N   1 
ATOM   151  C  CA  . ASP A 1 19 ? 12.229  8.667   -15.669 1.00 17.17 ? 19  ASP A CA  1 
ATOM   152  C  C   . ASP A 1 19 ? 10.738  8.407   -15.427 1.00 19.69 ? 19  ASP A C   1 
ATOM   153  O  O   . ASP A 1 19 ? 10.011  8.066   -16.359 1.00 23.04 ? 19  ASP A O   1 
ATOM   154  C  CB  . ASP A 1 19 ? 12.975  7.344   -15.735 1.00 20.47 ? 19  ASP A CB  1 
ATOM   155  C  CG  . ASP A 1 19 ? 14.294  7.448   -16.466 1.00 17.92 ? 19  ASP A CG  1 
ATOM   156  O  OD1 . ASP A 1 19 ? 14.588  8.516   -17.009 1.00 20.77 ? 19  ASP A OD1 1 
ATOM   157  O  OD2 . ASP A 1 19 ? 14.998  6.433   -16.458 1.00 25.26 ? 19  ASP A OD2 1 
ATOM   158  N  N   . LEU A 1 20 ? 10.320  8.524   -14.157 1.00 18.07 ? 20  LEU A N   1 
ATOM   159  C  CA  . LEU A 1 20 ? 8.901   8.486   -13.785 1.00 20.27 ? 20  LEU A CA  1 
ATOM   160  C  C   . LEU A 1 20 ? 8.559   9.711   -12.987 1.00 20.35 ? 20  LEU A C   1 
ATOM   161  O  O   . LEU A 1 20 ? 9.434   10.312  -12.397 1.00 21.31 ? 20  LEU A O   1 
ATOM   162  C  CB  . LEU A 1 20 ? 8.587   7.256   -12.936 1.00 20.93 ? 20  LEU A CB  1 
ATOM   163  C  CG  . LEU A 1 20 ? 8.560   5.927   -13.687 1.00 19.91 ? 20  LEU A CG  1 
ATOM   164  C  CD1 . LEU A 1 20 ? 8.403   4.794   -12.700 1.00 22.60 ? 20  LEU A CD1 1 
ATOM   165  C  CD2 . LEU A 1 20 ? 7.388   5.967   -14.710 1.00 22.46 ? 20  LEU A CD2 1 
ATOM   166  N  N   . GLY A 1 21 ? 7.282   10.057  -12.970 1.00 21.59 ? 21  GLY A N   1 
ATOM   167  C  CA  . GLY A 1 21 ? 6.801   11.131  -12.129 1.00 21.36 ? 21  GLY A CA  1 
ATOM   168  C  C   . GLY A 1 21 ? 6.655   10.720  -10.670 1.00 21.47 ? 21  GLY A C   1 
ATOM   169  O  O   . GLY A 1 21 ? 6.729   9.525   -10.297 1.00 21.86 ? 21  GLY A O   1 
ATOM   170  N  N   . TYR A 1 22 ? 6.468   11.736  -9.838  1.00 20.67 ? 22  TYR A N   1 
ATOM   171  C  CA  . TYR A 1 22 ? 6.309   11.560  -8.404  1.00 19.76 ? 22  TYR A CA  1 
ATOM   172  C  C   . TYR A 1 22 ? 4.934   12.032  -7.972  1.00 22.41 ? 22  TYR A C   1 
ATOM   173  O  O   . TYR A 1 22 ? 4.432   13.011  -8.500  1.00 23.80 ? 22  TYR A O   1 
ATOM   174  C  CB  . TYR A 1 22 ? 7.394   12.335  -7.669  1.00 21.19 ? 22  TYR A CB  1 
ATOM   175  C  CG  . TYR A 1 22 ? 7.234   12.385  -6.176  1.00 21.89 ? 22  TYR A CG  1 
ATOM   176  C  CD1 . TYR A 1 22 ? 7.473   11.262  -5.384  1.00 19.82 ? 22  TYR A CD1 1 
ATOM   177  C  CD2 . TYR A 1 22 ? 6.895   13.587  -5.550  1.00 22.86 ? 22  TYR A CD2 1 
ATOM   178  C  CE1 . TYR A 1 22 ? 7.349   11.316  -4.024  1.00 21.43 ? 22  TYR A CE1 1 
ATOM   179  C  CE2 . TYR A 1 22 ? 6.786   13.653  -4.171  1.00 21.94 ? 22  TYR A CE2 1 
ATOM   180  C  CZ  . TYR A 1 22 ? 7.008   12.512  -3.419  1.00 21.76 ? 22  TYR A CZ  1 
ATOM   181  O  OH  . TYR A 1 22 ? 6.897   12.528  -2.042  1.00 26.26 ? 22  TYR A OH  1 
ATOM   182  N  N   . VAL A 1 23 ? 4.331   11.320  -7.036  1.00 20.91 ? 23  VAL A N   1 
ATOM   183  C  CA  . VAL A 1 23 ? 3.004   11.704  -6.511  1.00 22.61 ? 23  VAL A CA  1 
ATOM   184  C  C   . VAL A 1 23 ? 3.155   12.218  -5.087  1.00 20.81 ? 23  VAL A C   1 
ATOM   185  O  O   . VAL A 1 23 ? 3.429   11.451  -4.140  1.00 19.27 ? 23  VAL A O   1 
ATOM   186  C  CB  . VAL A 1 23 ? 1.996   10.536  -6.543  1.00 20.25 ? 23  VAL A CB  1 
ATOM   187  C  CG1 . VAL A 1 23 ? 0.668   10.980  -5.911  1.00 22.61 ? 23  VAL A CG1 1 
ATOM   188  C  CG2 . VAL A 1 23 ? 1.779   10.103  -7.943  1.00 23.32 ? 23  VAL A CG2 1 
ATOM   189  N  N   . PRO A 1 24 ? 3.003   13.543  -4.900  1.00 21.01 ? 24  PRO A N   1 
ATOM   190  C  CA  . PRO A 1 24 ? 3.276   14.039  -3.554  1.00 21.37 ? 24  PRO A CA  1 
ATOM   191  C  C   . PRO A 1 24 ? 2.357   13.470  -2.478  1.00 20.33 ? 24  PRO A C   1 
ATOM   192  O  O   . PRO A 1 24 ? 2.791   13.304  -1.351  1.00 22.53 ? 24  PRO A O   1 
ATOM   193  C  CB  . PRO A 1 24 ? 3.099   15.558  -3.693  1.00 23.92 ? 24  PRO A CB  1 
ATOM   194  C  CG  . PRO A 1 24 ? 3.458   15.812  -5.132  1.00 24.37 ? 24  PRO A CG  1 
ATOM   195  C  CD  . PRO A 1 24 ? 2.926   14.625  -5.903  1.00 21.23 ? 24  PRO A CD  1 
ATOM   196  N  N   . ASP A 1 25 ? 1.110   13.203  -2.841  1.00 20.95 ? 25  ASP A N   1 
ATOM   197  C  CA  . ASP A 1 25 ? 0.221   12.568  -1.861  1.00 19.36 ? 25  ASP A CA  1 
ATOM   198  C  C   . ASP A 1 25 ? 0.515   11.078  -1.817  1.00 20.69 ? 25  ASP A C   1 
ATOM   199  O  O   . ASP A 1 25 ? -0.241  10.281  -2.347  1.00 20.55 ? 25  ASP A O   1 
ATOM   200  C  CB  . ASP A 1 25 ? -1.235  12.817  -2.223  1.00 23.22 ? 25  ASP A CB  1 
ATOM   201  C  CG  . ASP A 1 25 ? -2.196  12.184  -1.227  1.00 28.83 ? 25  ASP A CG  1 
ATOM   202  O  OD1 . ASP A 1 25 ? -1.736  11.775  -0.129  1.00 22.35 ? 25  ASP A OD1 1 
ATOM   203  O  OD2 . ASP A 1 25 ? -3.396  12.095  -1.585  1.00 34.54 ? 25  ASP A OD2 1 
ATOM   204  N  N   . ALA A 1 26 ? 1.627   10.733  -1.197  1.00 18.82 ? 26  ALA A N   1 
ATOM   205  C  CA  . ALA A 1 26 ? 2.126   9.358   -1.244  1.00 20.47 ? 26  ALA A CA  1 
ATOM   206  C  C   . ALA A 1 26 ? 1.253   8.400   -0.448  1.00 18.11 ? 26  ALA A C   1 
ATOM   207  O  O   . ALA A 1 26 ? 1.090   7.236   -0.857  1.00 19.18 ? 26  ALA A O   1 
ATOM   208  C  CB  . ALA A 1 26 ? 3.602   9.315   -0.763  1.00 20.06 ? 26  ALA A CB  1 
ATOM   209  N  N   . LEU A 1 27 ? 0.691   8.866   0.667   1.00 19.62 ? 27  LEU A N   1 
ATOM   210  C  CA  . LEU A 1 27 ? -0.214  8.016   1.428   1.00 20.02 ? 27  LEU A CA  1 
ATOM   211  C  C   . LEU A 1 27 ? -1.495  7.803   0.625   1.00 20.57 ? 27  LEU A C   1 
ATOM   212  O  O   . LEU A 1 27 ? -2.027  6.689   0.597   1.00 19.75 ? 27  LEU A O   1 
ATOM   213  C  CB  . LEU A 1 27 ? -0.522  8.659   2.792   1.00 18.32 ? 27  LEU A CB  1 
ATOM   214  C  CG  . LEU A 1 27 ? 0.737   8.888   3.624   1.00 21.21 ? 27  LEU A CG  1 
ATOM   215  C  CD1 . LEU A 1 27 ? 0.306   9.559   4.940   1.00 26.10 ? 27  LEU A CD1 1 
ATOM   216  C  CD2 . LEU A 1 27 ? 1.455   7.587   3.873   1.00 22.64 ? 27  LEU A CD2 1 
ATOM   217  N  N   . GLY A 1 28 ? -1.994  8.857   -0.026  1.00 19.19 ? 28  GLY A N   1 
ATOM   218  C  CA  . GLY A 1 28 ? -3.153  8.706   -0.891  1.00 19.76 ? 28  GLY A CA  1 
ATOM   219  C  C   . GLY A 1 28 ? -2.914  7.728   -2.032  1.00 19.51 ? 28  GLY A C   1 
ATOM   220  O  O   . GLY A 1 28 ? -3.801  6.937   -2.409  1.00 21.12 ? 28  GLY A O   1 
ATOM   221  N  N   . CYS A 1 29 ? -1.682  7.722   -2.565  1.00 20.04 ? 29  CYS A N   1 
ATOM   222  C  CA  . CYS A 1 29 ? -1.334  6.848   -3.659  1.00 19.79 ? 29  CYS A CA  1 
ATOM   223  C  C   . CYS A 1 29 ? -1.348  5.385   -3.211  1.00 20.00 ? 29  CYS A C   1 
ATOM   224  O  O   . CYS A 1 29 ? -1.975  4.515   -3.881  1.00 19.96 ? 29  CYS A O   1 
ATOM   225  C  CB  . CYS A 1 29 ? 0.042   7.280   -4.175  1.00 18.24 ? 29  CYS A CB  1 
ATOM   226  S  SG  . CYS A 1 29 ? 0.702   6.244   -5.502  1.00 22.34 ? 29  CYS A SG  1 
ATOM   227  N  N   . VAL A 1 30 ? -0.733  5.120   -2.070  1.00 18.11 ? 30  VAL A N   1 
ATOM   228  C  CA  . VAL A 1 30 ? -0.822  3.719   -1.590  1.00 19.74 ? 30  VAL A CA  1 
ATOM   229  C  C   . VAL A 1 30 ? -2.274  3.305   -1.240  1.00 18.20 ? 30  VAL A C   1 
ATOM   230  O  O   . VAL A 1 30 ? -2.670  2.171   -1.540  1.00 19.15 ? 30  VAL A O   1 
ATOM   231  C  CB  . VAL A 1 30 ? 0.105   3.425   -0.371  1.00 23.74 ? 30  VAL A CB  1 
ATOM   232  C  CG1 . VAL A 1 30 ? 1.539   3.750   -0.707  1.00 18.75 ? 30  VAL A CG1 1 
ATOM   233  C  CG2 . VAL A 1 30 ? -0.272  4.184   0.850   1.00 28.20 ? 30  VAL A CG2 1 
ATOM   234  N  N   . LEU A 1 31 ? -3.064  4.225   -0.701  1.00 19.02 ? 31  LEU A N   1 
ATOM   235  C  CA  . LEU A 1 31 ? -4.442  3.856   -0.372  1.00 21.34 ? 31  LEU A CA  1 
ATOM   236  C  C   . LEU A 1 31 ? -5.262  3.584   -1.632  1.00 20.17 ? 31  LEU A C   1 
ATOM   237  O  O   . LEU A 1 31 ? -6.091  2.668   -1.651  1.00 20.98 ? 31  LEU A O   1 
ATOM   238  C  CB  . LEU A 1 31 ? -5.065  4.958   0.486   1.00 19.63 ? 31  LEU A CB  1 
ATOM   239  C  CG  . LEU A 1 31 ? -4.602  4.976   1.922   1.00 20.25 ? 31  LEU A CG  1 
ATOM   240  C  CD1 . LEU A 1 31 ? -4.952  6.299   2.527   1.00 24.73 ? 31  LEU A CD1 1 
ATOM   241  C  CD2 . LEU A 1 31 ? -5.225  3.777   2.731   1.00 21.95 ? 31  LEU A CD2 1 
ATOM   242  N  N   . LYS A 1 32 ? -5.032  4.349   -2.689  1.00 20.16 ? 32  LYS A N   1 
ATOM   243  C  CA  . LYS A 1 32 ? -5.766  4.168   -3.941  1.00 21.33 ? 32  LYS A CA  1 
ATOM   244  C  C   . LYS A 1 32 ? -5.463  2.792   -4.515  1.00 20.49 ? 32  LYS A C   1 
ATOM   245  O  O   . LYS A 1 32 ? -6.367  2.048   -4.893  1.00 21.05 ? 32  LYS A O   1 
ATOM   246  C  CB  . LYS A 1 32 ? -5.389  5.274   -4.936  1.00 20.49 ? 32  LYS A CB  1 
ATOM   247  C  CG  . LYS A 1 32 ? -5.958  5.043   -6.330  1.00 28.31 ? 32  LYS A CG  1 
ATOM   248  C  CD  . LYS A 1 32 ? -5.453  6.125   -7.280  1.00 30.51 ? 32  LYS A CD  1 
ATOM   249  C  CE  . LYS A 1 32 ? -6.109  6.029   -8.652  1.00 42.78 ? 32  LYS A CE  1 
ATOM   250  N  NZ  . LYS A 1 32 ? -6.492  7.408   -9.089  1.00 54.21 ? 32  LYS A NZ  1 
ATOM   251  N  N   . VAL A 1 33 ? -4.171  2.436   -4.589  1.00 19.44 ? 33  VAL A N   1 
ATOM   252  C  CA  . VAL A 1 33 ? -3.817  1.136   -5.144  1.00 23.24 ? 33  VAL A CA  1 
ATOM   253  C  C   . VAL A 1 33 ? -4.324  -0.017  -4.271  1.00 22.02 ? 33  VAL A C   1 
ATOM   254  O  O   . VAL A 1 33 ? -4.867  -0.993  -4.787  1.00 21.94 ? 33  VAL A O   1 
ATOM   255  C  CB  . VAL A 1 33 ? -2.287  1.016   -5.378  1.00 26.66 ? 33  VAL A CB  1 
ATOM   256  C  CG1 . VAL A 1 33 ? -1.985  -0.309  -6.002  1.00 31.61 ? 33  VAL A CG1 1 
ATOM   257  C  CG2 . VAL A 1 33 ? -1.841  2.154   -6.278  1.00 31.44 ? 33  VAL A CG2 1 
ATOM   258  N  N   . LEU A 1 34 ? -4.185  0.104   -2.952  1.00 18.85 ? 34  LEU A N   1 
ATOM   259  C  CA  . LEU A 1 34 ? -4.649  -0.960  -2.092  1.00 17.11 ? 34  LEU A CA  1 
ATOM   260  C  C   . LEU A 1 34 ? -6.153  -1.106  -2.216  1.00 19.27 ? 34  LEU A C   1 
ATOM   261  O  O   . LEU A 1 34 ? -6.677  -2.225  -2.158  1.00 20.28 ? 34  LEU A O   1 
ATOM   262  C  CB  . LEU A 1 34 ? -4.250  -0.700  -0.619  1.00 20.43 ? 34  LEU A CB  1 
ATOM   263  C  CG  . LEU A 1 34 ? -2.735  -0.794  -0.314  1.00 17.03 ? 34  LEU A CG  1 
ATOM   264  C  CD1 . LEU A 1 34 ? -2.441  -0.440  1.133   1.00 19.38 ? 34  LEU A CD1 1 
ATOM   265  C  CD2 . LEU A 1 34 ? -2.259  -2.217  -0.653  1.00 22.74 ? 34  LEU A CD2 1 
ATOM   266  N  N   . ASN A 1 35 ? -6.853  0.006   -2.347  1.00 18.63 ? 35  ASN A N   1 
ATOM   267  C  CA  . ASN A 1 35 ? -8.299  -0.067  -2.509  1.00 17.18 ? 35  ASN A CA  1 
ATOM   268  C  C   . ASN A 1 35 ? -8.697  -0.719  -3.808  1.00 20.67 ? 35  ASN A C   1 
ATOM   269  O  O   . ASN A 1 35 ? -9.636  -1.531  -3.839  1.00 21.83 ? 35  ASN A O   1 
ATOM   270  C  CB  . ASN A 1 35 ? -8.921  1.327   -2.377  1.00 19.54 ? 35  ASN A CB  1 
ATOM   271  C  CG  . ASN A 1 35 ? -10.446 1.273   -2.451  1.00 21.16 ? 35  ASN A CG  1 
ATOM   272  O  OD1 . ASN A 1 35 ? -11.066 0.641   -1.595  1.00 20.41 ? 35  ASN A OD1 1 
ATOM   273  N  ND2 . ASN A 1 35 ? -11.020 1.809   -3.518  1.00 25.78 ? 35  ASN A ND2 1 
ATOM   274  N  N   . GLU A 1 36 ? -7.986  -0.385  -4.884  1.00 20.54 ? 36  GLU A N   1 
ATOM   275  C  CA  . GLU A 1 36 ? -8.264  -1.046  -6.165  1.00 21.29 ? 36  GLU A CA  1 
ATOM   276  C  C   . GLU A 1 36 ? -8.040  -2.539  -6.066  1.00 21.55 ? 36  GLU A C   1 
ATOM   277  O  O   . GLU A 1 36 ? -8.851  -3.339  -6.590  1.00 24.38 ? 36  GLU A O   1 
ATOM   278  C  CB  . GLU A 1 36 ? -7.374  -0.461  -7.280  1.00 24.04 ? 36  GLU A CB  1 
ATOM   279  C  CG  . GLU A 1 36 ? -7.781  0.961   -7.560  1.00 26.14 ? 36  GLU A CG  1 
ATOM   280  C  CD  . GLU A 1 36 ? -6.849  1.709   -8.509  1.00 39.20 ? 36  GLU A CD  1 
ATOM   281  O  OE1 . GLU A 1 36 ? -5.805  1.134   -8.851  1.00 36.97 ? 36  GLU A OE1 1 
ATOM   282  O  OE2 . GLU A 1 36 ? -7.181  2.863   -8.889  1.00 36.06 ? 36  GLU A OE2 1 
HETATM 283  N  N   . MSE A 1 37 ? -6.954  -2.948  -5.420  1.00 22.09 ? 37  MSE A N   1 
HETATM 284  C  CA  . MSE A 1 37 ? -6.715  -4.380  -5.305  1.00 21.47 ? 37  MSE A CA  1 
HETATM 285  C  C   . MSE A 1 37 ? -7.729  -5.079  -4.418  1.00 21.68 ? 37  MSE A C   1 
HETATM 286  O  O   . MSE A 1 37 ? -8.205  -6.177  -4.744  1.00 24.61 ? 37  MSE A O   1 
HETATM 287  C  CB  . MSE A 1 37 ? -5.319  -4.606  -4.799  1.00 23.26 ? 37  MSE A CB  1 
HETATM 288  C  CG  . MSE A 1 37 ? -4.413  -3.934  -5.751  1.00 26.21 ? 37  MSE A CG  1 
HETATM 289  SE SE  . MSE A 1 37 ? -2.661  -4.523  -5.374  1.00 70.55 ? 37  MSE A SE  1 
HETATM 290  C  CE  . MSE A 1 37 ? -2.869  -6.438  -5.843  1.00 42.38 ? 37  MSE A CE  1 
ATOM   291  N  N   . ALA A 1 38 ? -8.071  -4.453  -3.296  1.00 21.43 ? 38  ALA A N   1 
ATOM   292  C  CA  . ALA A 1 38 ? -9.018  -5.051  -2.356  1.00 21.13 ? 38  ALA A CA  1 
ATOM   293  C  C   . ALA A 1 38 ? -10.368 -5.310  -3.009  1.00 21.63 ? 38  ALA A C   1 
ATOM   294  O  O   . ALA A 1 38 ? -11.070 -6.243  -2.637  1.00 23.28 ? 38  ALA A O   1 
ATOM   295  C  CB  . ALA A 1 38 ? -9.211  -4.124  -1.135  1.00 20.87 ? 38  ALA A CB  1 
ATOM   296  N  N   . ALA A 1 39 ? -10.714 -4.464  -3.977  1.00 22.23 ? 39  ALA A N   1 
ATOM   297  C  CA  . ALA A 1 39 ? -12.014 -4.534  -4.662  1.00 22.78 ? 39  ALA A CA  1 
ATOM   298  C  C   . ALA A 1 39 ? -11.981 -5.402  -5.914  1.00 32.31 ? 39  ALA A C   1 
ATOM   299  O  O   . ALA A 1 39 ? -13.033 -5.630  -6.501  1.00 37.48 ? 39  ALA A O   1 
ATOM   300  C  CB  . ALA A 1 39 ? -12.482 -3.136  -5.037  1.00 23.87 ? 39  ALA A CB  1 
ATOM   301  N  N   . ASP A 1 40 ? -10.805 -5.905  -6.304  1.00 26.04 ? 40  ASP A N   1 
ATOM   302  C  CA  . ASP A 1 40 ? -10.617 -6.584  -7.598  1.00 23.22 ? 40  ASP A CA  1 
ATOM   303  C  C   . ASP A 1 40 ? -10.994 -8.061  -7.536  1.00 31.55 ? 40  ASP A C   1 
ATOM   304  O  O   . ASP A 1 40 ? -10.222 -8.884  -7.044  1.00 31.25 ? 40  ASP A O   1 
ATOM   305  C  CB  . ASP A 1 40 ? -9.160  -6.431  -8.058  1.00 31.07 ? 40  ASP A CB  1 
ATOM   306  C  CG  . ASP A 1 40 ? -8.979  -6.705  -9.552  1.00 41.81 ? 40  ASP A CG  1 
ATOM   307  O  OD1 . ASP A 1 40 ? -9.869  -7.358  -10.138 1.00 38.33 ? 40  ASP A OD1 1 
ATOM   308  O  OD2 . ASP A 1 40 ? -7.937  -6.298  -10.113 1.00 44.04 ? 40  ASP A OD2 1 
ATOM   309  N  N   . ASP A 1 41 ? -12.180 -8.398  -8.037  1.00 37.96 ? 41  ASP A N   1 
ATOM   310  C  CA  . ASP A 1 41 ? -12.650 -9.780  -8.032  1.00 40.53 ? 41  ASP A CA  1 
ATOM   311  C  C   . ASP A 1 41 ? -11.826 -10.650 -8.940  1.00 38.07 ? 41  ASP A C   1 
ATOM   312  O  O   . ASP A 1 41 ? -11.935 -11.863 -8.904  1.00 48.54 ? 41  ASP A O   1 
ATOM   313  C  CB  . ASP A 1 41 ? -14.112 -9.838  -8.459  1.00 46.34 ? 41  ASP A CB  1 
ATOM   314  C  CG  . ASP A 1 41 ? -15.037 -9.455  -7.342  1.00 52.13 ? 41  ASP A CG  1 
ATOM   315  O  OD1 . ASP A 1 41 ? -14.604 -9.586  -6.173  1.00 47.75 ? 41  ASP A OD1 1 
ATOM   316  O  OD2 . ASP A 1 41 ? -16.169 -8.990  -7.627  1.00 53.11 ? 41  ASP A OD2 1 
ATOM   317  N  N   . ALA A 1 42 ? -10.986 -10.038 -9.756  1.00 39.48 ? 42  ALA A N   1 
ATOM   318  C  CA  . ALA A 1 42 ? -10.114 -10.816 -10.609 1.00 39.60 ? 42  ALA A CA  1 
ATOM   319  C  C   . ALA A 1 42 ? -8.924  -11.343 -9.796  1.00 37.13 ? 42  ALA A C   1 
ATOM   320  O  O   . ALA A 1 42 ? -8.260  -12.304 -10.188 1.00 48.45 ? 42  ALA A O   1 
ATOM   321  C  CB  . ALA A 1 42 ? -9.640  -9.969  -11.791 1.00 43.80 ? 42  ALA A CB  1 
ATOM   322  N  N   . LEU A 1 43 ? -8.671  -10.733 -8.642  1.00 32.21 ? 43  LEU A N   1 
ATOM   323  C  CA  . LEU A 1 43 ? -7.622  -11.202 -7.748  1.00 27.98 ? 43  LEU A CA  1 
ATOM   324  C  C   . LEU A 1 43 ? -8.166  -12.207 -6.751  1.00 27.11 ? 43  LEU A C   1 
ATOM   325  O  O   . LEU A 1 43 ? -9.340  -12.144 -6.395  1.00 32.06 ? 43  LEU A O   1 
ATOM   326  C  CB  . LEU A 1 43 ? -6.986  -10.018 -6.995  1.00 30.23 ? 43  LEU A CB  1 
ATOM   327  C  CG  . LEU A 1 43 ? -6.434  -8.879  -7.862  1.00 31.97 ? 43  LEU A CG  1 
ATOM   328  C  CD1 . LEU A 1 43 ? -5.897  -7.744  -6.980  1.00 30.50 ? 43  LEU A CD1 1 
ATOM   329  C  CD2 . LEU A 1 43 ? -5.331  -9.416  -8.792  1.00 32.17 ? 43  LEU A CD2 1 
ATOM   330  N  N   . SER A 1 44 ? -7.309  -13.101 -6.263  1.00 27.04 ? 44  SER A N   1 
ATOM   331  C  CA  . SER A 1 44 ? -7.733  -14.102 -5.277  1.00 27.53 ? 44  SER A CA  1 
ATOM   332  C  C   . SER A 1 44 ? -8.248  -13.430 -4.009  1.00 27.88 ? 44  SER A C   1 
ATOM   333  O  O   . SER A 1 44 ? -7.926  -12.274 -3.734  1.00 27.22 ? 44  SER A O   1 
ATOM   334  C  CB  . SER A 1 44 ? -6.578  -15.045 -4.929  1.00 32.64 ? 44  SER A CB  1 
ATOM   335  O  OG  . SER A 1 44 ? -5.586  -14.367 -4.170  1.00 32.31 ? 44  SER A OG  1 
ATOM   336  N  N   . GLU A 1 45 ? -9.078  -14.136 -3.247  1.00 26.51 ? 45  GLU A N   1 
ATOM   337  C  CA  . GLU A 1 45 ? -9.598  -13.553 -2.026  1.00 27.65 ? 45  GLU A CA  1 
ATOM   338  C  C   . GLU A 1 45 ? -8.434  -13.294 -1.053  1.00 27.76 ? 45  GLU A C   1 
ATOM   339  O  O   . GLU A 1 45 ? -8.421  -12.272 -0.340  1.00 23.77 ? 45  GLU A O   1 
ATOM   340  C  CB  . GLU A 1 45 ? -10.672 -14.457 -1.406  1.00 26.23 ? 45  GLU A CB  1 
ATOM   341  C  CG  . GLU A 1 45 ? -11.252 -13.890 -0.104  1.00 32.69 ? 45  GLU A CG  1 
ATOM   342  C  CD  . GLU A 1 45 ? -12.536 -14.582 0.332   1.00 54.84 ? 45  GLU A CD  1 
ATOM   343  O  OE1 . GLU A 1 45 ? -12.586 -15.833 0.262   1.00 43.17 ? 45  GLU A OE1 1 
ATOM   344  O  OE2 . GLU A 1 45 ? -13.483 -13.863 0.750   1.00 41.15 ? 45  GLU A OE2 1 
ATOM   345  N  N   . ALA A 1 46 ? -7.422  -14.167 -1.026  1.00 27.02 ? 46  ALA A N   1 
ATOM   346  C  CA  . ALA A 1 46 ? -6.287  -13.955 -0.130  1.00 25.82 ? 46  ALA A CA  1 
ATOM   347  C  C   . ALA A 1 46 ? -5.553  -12.642 -0.451  1.00 22.50 ? 46  ALA A C   1 
ATOM   348  O  O   . ALA A 1 46 ? -5.155  -11.894 0.467   1.00 24.42 ? 46  ALA A O   1 
ATOM   349  C  CB  . ALA A 1 46 ? -5.298  -15.126 -0.205  1.00 34.00 ? 46  ALA A CB  1 
ATOM   350  N  N   . VAL A 1 47 ? -5.397  -12.362 -1.741  1.00 23.87 ? 47  VAL A N   1 
ATOM   351  C  CA  . VAL A 1 47 ? -4.705  -11.137 -2.168  1.00 24.62 ? 47  VAL A CA  1 
ATOM   352  C  C   . VAL A 1 47 ? -5.560  -9.908  -1.805  1.00 23.15 ? 47  VAL A C   1 
ATOM   353  O  O   . VAL A 1 47 ? -5.045  -8.914  -1.275  1.00 23.19 ? 47  VAL A O   1 
ATOM   354  C  CB  . VAL A 1 47 ? -4.375  -11.174 -3.680  1.00 29.47 ? 47  VAL A CB  1 
ATOM   355  C  CG1 . VAL A 1 47 ? -4.067  -9.818  -4.209  1.00 29.98 ? 47  VAL A CG1 1 
ATOM   356  C  CG2 . VAL A 1 47 ? -3.176  -12.141 -3.963  1.00 28.79 ? 47  VAL A CG2 1 
ATOM   357  N  N   . ARG A 1 48 ? -6.863  -9.974  -2.066  1.00 21.17 ? 48  ARG A N   1 
ATOM   358  C  CA  . ARG A 1 48 ? -7.750  -8.883  -1.722  1.00 22.42 ? 48  ARG A CA  1 
ATOM   359  C  C   . ARG A 1 48 ? -7.680  -8.603  -0.231  1.00 22.03 ? 48  ARG A C   1 
ATOM   360  O  O   . ARG A 1 48 ? -7.633  -7.457  0.175   1.00 21.47 ? 48  ARG A O   1 
ATOM   361  C  CB  . ARG A 1 48 ? -9.202  -9.205  -2.117  1.00 20.90 ? 48  ARG A CB  1 
ATOM   362  C  CG  . ARG A 1 48 ? -9.388  -9.304  -3.602  1.00 24.44 ? 48  ARG A CG  1 
ATOM   363  C  CD  . ARG A 1 48 ? -10.865 -9.264  -3.978  1.00 25.35 ? 48  ARG A CD  1 
ATOM   364  N  NE  . ARG A 1 48 ? -11.715 -10.224 -3.286  1.00 41.51 ? 48  ARG A NE  1 
ATOM   365  C  CZ  . ARG A 1 48 ? -12.078 -11.425 -3.765  1.00 44.63 ? 48  ARG A CZ  1 
ATOM   366  N  NH1 . ARG A 1 48 ? -11.624 -11.868 -4.932  1.00 38.83 ? 48  ARG A NH1 1 
ATOM   367  N  NH2 . ARG A 1 48 ? -12.892 -12.202 -3.060  1.00 40.26 ? 48  ARG A NH2 1 
ATOM   368  N  N   . GLU A 1 49 ? -7.676  -9.648  0.591   1.00 21.49 ? 49  GLU A N   1 
ATOM   369  C  CA  . GLU A 1 49 ? -7.653  -9.481  2.027   1.00 19.94 ? 49  GLU A CA  1 
ATOM   370  C  C   . GLU A 1 49 ? -6.362  -8.858  2.529   1.00 21.23 ? 49  GLU A C   1 
ATOM   371  O  O   . GLU A 1 49 ? -6.390  -7.980  3.414   1.00 19.75 ? 49  GLU A O   1 
ATOM   372  C  CB  . GLU A 1 49 ? -7.893  -10.833 2.711   1.00 23.82 ? 49  GLU A CB  1 
ATOM   373  C  CG  . GLU A 1 49 ? -9.326  -11.375 2.563   1.00 22.78 ? 49  GLU A CG  1 
ATOM   374  C  CD  . GLU A 1 49 ? -10.345 -10.672 3.471   1.00 22.23 ? 49  GLU A CD  1 
ATOM   375  O  OE1 . GLU A 1 49 ? -9.990  -9.805  4.269   1.00 23.12 ? 49  GLU A OE1 1 
ATOM   376  O  OE2 . GLU A 1 49 ? -11.527 -11.031 3.362   1.00 22.14 ? 49  GLU A OE2 1 
ATOM   377  N  N   . LYS A 1 50 ? -5.234  -9.300  1.978   1.00 21.42 ? 50  LYS A N   1 
ATOM   378  C  CA  . LYS A 1 50 ? -3.935  -8.703  2.350   1.00 20.17 ? 50  LYS A CA  1 
ATOM   379  C  C   . LYS A 1 50 ? -3.893  -7.188  2.015   1.00 19.28 ? 50  LYS A C   1 
ATOM   380  O  O   . LYS A 1 50 ? -3.476  -6.371  2.860   1.00 20.23 ? 50  LYS A O   1 
ATOM   381  C  CB  . LYS A 1 50 ? -2.775  -9.443  1.658   1.00 24.39 ? 50  LYS A CB  1 
ATOM   382  C  CG  . LYS A 1 50 ? -2.439  -10.776 2.338   1.00 32.91 ? 50  LYS A CG  1 
ATOM   383  C  CD  . LYS A 1 50 ? -1.470  -11.626 1.508   1.00 37.61 ? 50  LYS A CD  1 
ATOM   384  C  CE  . LYS A 1 50 ? -0.143  -10.917 1.363   1.00 51.30 ? 50  LYS A CE  1 
ATOM   385  N  NZ  . LYS A 1 50 ? 0.857   -11.540 0.402   1.00 45.93 ? 50  LYS A NZ  1 
ATOM   386  N  N   . ALA A 1 51 ? -4.390  -6.820  0.848   1.00 19.58 ? 51  ALA A N   1 
ATOM   387  C  CA  . ALA A 1 51 ? -4.478  -5.410  0.482   1.00 18.85 ? 51  ALA A CA  1 
ATOM   388  C  C   . ALA A 1 51 ? -5.436  -4.656  1.396   1.00 18.53 ? 51  ALA A C   1 
ATOM   389  O  O   . ALA A 1 51 ? -5.123  -3.566  1.876   1.00 19.37 ? 51  ALA A O   1 
ATOM   390  C  CB  . ALA A 1 51 ? -4.925  -5.260  -0.973  1.00 20.93 ? 51  ALA A CB  1 
ATOM   391  N  N   . ALA A 1 52 ? -6.605  -5.255  1.663   1.00 18.92 ? 52  ALA A N   1 
ATOM   392  C  CA  . ALA A 1 52 ? -7.592  -4.574  2.478   1.00 18.04 ? 52  ALA A CA  1 
ATOM   393  C  C   . ALA A 1 52 ? -7.100  -4.340  3.875   1.00 17.70 ? 52  ALA A C   1 
ATOM   394  O  O   . ALA A 1 52 ? -7.356  -3.297  4.443   1.00 17.54 ? 52  ALA A O   1 
ATOM   395  C  CB  . ALA A 1 52 ? -8.916  -5.389  2.509   1.00 18.22 ? 52  ALA A CB  1 
ATOM   396  N  N   . TYR A 1 53 ? -6.464  -5.345  4.453   1.00 18.99 ? 53  TYR A N   1 
ATOM   397  C  CA  . TYR A 1 53 ? -6.014  -5.213  5.810   1.00 18.12 ? 53  TYR A CA  1 
ATOM   398  C  C   . TYR A 1 53 ? -4.969  -4.086  5.902   1.00 18.10 ? 53  TYR A C   1 
ATOM   399  O  O   . TYR A 1 53 ? -5.031  -3.230  6.827   1.00 17.65 ? 53  TYR A O   1 
ATOM   400  C  CB  . TYR A 1 53 ? -5.427  -6.513  6.355   1.00 19.62 ? 53  TYR A CB  1 
ATOM   401  C  CG  . TYR A 1 53 ? -4.926  -6.286  7.782   1.00 21.21 ? 53  TYR A CG  1 
ATOM   402  C  CD1 . TYR A 1 53 ? -5.818  -6.346  8.850   1.00 21.30 ? 53  TYR A CD1 1 
ATOM   403  C  CD2 . TYR A 1 53 ? -3.605  -5.939  8.044   1.00 20.48 ? 53  TYR A CD2 1 
ATOM   404  C  CE1 . TYR A 1 53 ? -5.369  -6.136  10.144  1.00 20.75 ? 53  TYR A CE1 1 
ATOM   405  C  CE2 . TYR A 1 53 ? -3.152  -5.697  9.309   1.00 21.42 ? 53  TYR A CE2 1 
ATOM   406  C  CZ  . TYR A 1 53 ? -4.039  -5.781  10.367  1.00 20.70 ? 53  TYR A CZ  1 
ATOM   407  O  OH  . TYR A 1 53 ? -3.543  -5.520  11.628  1.00 22.54 ? 53  TYR A OH  1 
ATOM   408  N  N   . ALA A 1 54 ? -4.020  -4.062  4.957   1.00 18.10 ? 54  ALA A N   1 
ATOM   409  C  CA  . ALA A 1 54 ? -2.979  -3.035  5.064   1.00 17.46 ? 54  ALA A CA  1 
ATOM   410  C  C   . ALA A 1 54 ? -3.549  -1.647  4.925   1.00 15.34 ? 54  ALA A C   1 
ATOM   411  O  O   . ALA A 1 54 ? -3.103  -0.715  5.645   1.00 17.71 ? 54  ALA A O   1 
ATOM   412  C  CB  . ALA A 1 54 ? -1.917  -3.292  4.015   1.00 19.24 ? 54  ALA A CB  1 
ATOM   413  N  N   . ALA A 1 55 ? -4.535  -1.492  4.032   1.00 17.21 ? 55  ALA A N   1 
ATOM   414  C  CA  . ALA A 1 55 ? -5.195  -0.212  3.896   1.00 17.11 ? 55  ALA A CA  1 
ATOM   415  C  C   . ALA A 1 55 ? -6.005  0.191   5.132   1.00 15.44 ? 55  ALA A C   1 
ATOM   416  O  O   . ALA A 1 55 ? -5.924  1.308   5.624   1.00 16.40 ? 55  ALA A O   1 
ATOM   417  C  CB  . ALA A 1 55 ? -6.134  -0.224  2.692   1.00 17.51 ? 55  ALA A CB  1 
ATOM   418  N  N   . ALA A 1 56 ? -6.800  -0.751  5.625   1.00 16.01 ? 56  ALA A N   1 
ATOM   419  C  CA  . ALA A 1 56 ? -7.580  -0.485  6.816   1.00 16.15 ? 56  ALA A CA  1 
ATOM   420  C  C   . ALA A 1 56 ? -6.728  -0.107  8.006   1.00 16.90 ? 56  ALA A C   1 
ATOM   421  O  O   . ALA A 1 56 ? -7.074  0.813   8.759   1.00 17.75 ? 56  ALA A O   1 
ATOM   422  C  CB  . ALA A 1 56 ? -8.422  -1.706  7.147   1.00 19.09 ? 56  ALA A CB  1 
ATOM   423  N  N   . ASN A 1 57 ? -5.624  -0.827  8.174   1.00 16.54 ? 57  ASN A N   1 
ATOM   424  C  CA  . ASN A 1 57 ? -4.701  -0.562  9.248   1.00 16.66 ? 57  ASN A CA  1 
ATOM   425  C  C   . ASN A 1 57 ? -4.068  0.836   9.125   1.00 16.32 ? 57  ASN A C   1 
ATOM   426  O  O   . ASN A 1 57 ? -3.931  1.549   10.122  1.00 17.43 ? 57  ASN A O   1 
ATOM   427  C  CB  . ASN A 1 57 ? -3.651  -1.698  9.274   1.00 18.24 ? 57  ASN A CB  1 
ATOM   428  C  CG  . ASN A 1 57 ? -2.754  -1.636  10.480  1.00 21.39 ? 57  ASN A CG  1 
ATOM   429  O  OD1 . ASN A 1 57 ? -3.104  -2.104  11.548  1.00 18.36 ? 57  ASN A OD1 1 
ATOM   430  N  ND2 . ASN A 1 57 ? -1.549  -1.056  10.306  1.00 19.50 ? 57  ASN A ND2 1 
ATOM   431  N  N   . LEU A 1 58 ? -3.738  1.217   7.898   1.00 17.59 ? 58  LEU A N   1 
ATOM   432  C  CA  . LEU A 1 58 ? -3.205  2.561   7.689   1.00 19.67 ? 58  LEU A CA  1 
ATOM   433  C  C   . LEU A 1 58 ? -4.249  3.626   8.023   1.00 17.73 ? 58  LEU A C   1 
ATOM   434  O  O   . LEU A 1 58 ? -3.942  4.640   8.676   1.00 18.47 ? 58  LEU A O   1 
ATOM   435  C  CB  . LEU A 1 58 ? -2.717  2.698   6.239   1.00 18.94 ? 58  LEU A CB  1 
ATOM   436  C  CG  . LEU A 1 58 ? -2.095  4.063   5.932   1.00 18.37 ? 58  LEU A CG  1 
ATOM   437  C  CD1 . LEU A 1 58 ? -0.868  4.361   6.828   1.00 20.69 ? 58  LEU A CD1 1 
ATOM   438  C  CD2 . LEU A 1 58 ? -1.690  4.180   4.465   1.00 17.75 ? 58  LEU A CD2 1 
ATOM   439  N  N   . LEU A 1 59 ? -5.495  3.392   7.606   1.00 16.58 ? 59  LEU A N   1 
ATOM   440  C  CA  . LEU A 1 59 ? -6.578  4.354   7.886   1.00 17.09 ? 59  LEU A CA  1 
ATOM   441  C  C   . LEU A 1 59 ? -6.841  4.527   9.366   1.00 15.46 ? 59  LEU A C   1 
ATOM   442  O  O   . LEU A 1 59 ? -7.055  5.655   9.815   1.00 17.28 ? 59  LEU A O   1 
ATOM   443  C  CB  . LEU A 1 59 ? -7.874  3.921   7.208   1.00 17.33 ? 59  LEU A CB  1 
ATOM   444  C  CG  . LEU A 1 59 ? -7.806  4.022   5.671   1.00 15.78 ? 59  LEU A CG  1 
ATOM   445  C  CD1 . LEU A 1 59 ? -8.893  3.136   5.075   1.00 18.17 ? 59  LEU A CD1 1 
ATOM   446  C  CD2 . LEU A 1 59 ? -7.958  5.488   5.224   1.00 18.95 ? 59  LEU A CD2 1 
ATOM   447  N  N   . VAL A 1 60 ? -6.798  3.439   10.109  1.00 16.52 ? 60  VAL A N   1 
ATOM   448  C  CA  . VAL A 1 60 ? -7.079  3.550   11.534  1.00 17.75 ? 60  VAL A CA  1 
ATOM   449  C  C   . VAL A 1 60 ? -5.866  4.118   12.296  1.00 19.36 ? 60  VAL A C   1 
ATOM   450  O  O   . VAL A 1 60 ? -6.038  4.736   13.335  1.00 22.36 ? 60  VAL A O   1 
ATOM   451  C  CB  . VAL A 1 60 ? -7.587  2.185   12.063  1.00 23.01 ? 60  VAL A CB  1 
ATOM   452  C  CG1 . VAL A 1 60 ? -6.488  1.247   12.415  1.00 23.36 ? 60  VAL A CG1 1 
ATOM   453  C  CG2 . VAL A 1 60 ? -8.540  2.415   13.282  1.00 23.22 ? 60  VAL A CG2 1 
ATOM   454  N  N   . SER A 1 61 ? -4.665  3.976   11.724  1.00 18.27 ? 61  SER A N   1 
ATOM   455  C  CA  . SER A 1 61 ? -3.482  4.578   12.302  1.00 21.59 ? 61  SER A CA  1 
ATOM   456  C  C   . SER A 1 61 ? -3.571  6.086   12.297  1.00 20.82 ? 61  SER A C   1 
ATOM   457  O  O   . SER A 1 61 ? -4.400  6.673   11.618  1.00 19.23 ? 61  SER A O   1 
ATOM   458  C  CB  . SER A 1 61 ? -2.232  4.125   11.517  1.00 19.05 ? 61  SER A CB  1 
ATOM   459  O  OG  . SER A 1 61 ? -1.968  4.968   10.393  1.00 19.40 ? 61  SER A OG  1 
ATOM   460  N  N   . ASP A 1 62 ? -2.677  6.747   13.028  1.00 21.53 ? 62  ASP A N   1 
ATOM   461  C  CA  . ASP A 1 62 ? -2.666  8.203   13.000  1.00 23.33 ? 62  ASP A CA  1 
ATOM   462  C  C   . ASP A 1 62 ? -1.836  8.815   11.852  1.00 21.90 ? 62  ASP A C   1 
ATOM   463  O  O   . ASP A 1 62 ? -1.719  10.029  11.747  1.00 23.24 ? 62  ASP A O   1 
ATOM   464  C  CB  . ASP A 1 62 ? -2.153  8.752   14.333  1.00 24.74 ? 62  ASP A CB  1 
ATOM   465  C  CG  . ASP A 1 62 ? -3.176  8.618   15.442  1.00 33.47 ? 62  ASP A CG  1 
ATOM   466  O  OD1 . ASP A 1 62 ? -4.378  8.422   15.148  1.00 28.83 ? 62  ASP A OD1 1 
ATOM   467  O  OD2 . ASP A 1 62 ? -2.777  8.688   16.625  1.00 30.45 ? 62  ASP A OD2 1 
ATOM   468  N  N   . TYR A 1 63 ? -1.333  7.973   10.934  1.00 19.12 ? 63  TYR A N   1 
ATOM   469  C  CA  . TYR A 1 63 ? -0.663  8.529   9.772   1.00 20.49 ? 63  TYR A CA  1 
ATOM   470  C  C   . TYR A 1 63 ? -1.614  9.229   8.790   1.00 21.60 ? 63  TYR A C   1 
ATOM   471  O  O   . TYR A 1 63 ? -1.171  10.035  7.974   1.00 23.20 ? 63  TYR A O   1 
ATOM   472  C  CB  . TYR A 1 63 ? 0.087   7.440   9.034   1.00 22.66 ? 63  TYR A CB  1 
ATOM   473  C  CG  . TYR A 1 63 ? 1.322   6.932   9.768   1.00 21.50 ? 63  TYR A CG  1 
ATOM   474  C  CD1 . TYR A 1 63 ? 2.521   7.632   9.681   1.00 25.43 ? 63  TYR A CD1 1 
ATOM   475  C  CD2 . TYR A 1 63 ? 1.281   5.813   10.556  1.00 23.42 ? 63  TYR A CD2 1 
ATOM   476  C  CE1 . TYR A 1 63 ? 3.628   7.190   10.348  1.00 23.14 ? 63  TYR A CE1 1 
ATOM   477  C  CE2 . TYR A 1 63 ? 2.421   5.357   11.232  1.00 25.21 ? 63  TYR A CE2 1 
ATOM   478  C  CZ  . TYR A 1 63 ? 3.577   6.069   11.106  1.00 24.91 ? 63  TYR A CZ  1 
ATOM   479  O  OH  . TYR A 1 63 ? 4.698   5.633   11.771  1.00 28.82 ? 63  TYR A OH  1 
ATOM   480  N  N   . VAL A 1 64 ? -2.909  8.902   8.862   1.00 21.51 ? 64  VAL A N   1 
ATOM   481  C  CA  . VAL A 1 64 ? -3.916  9.434   7.962   1.00 22.70 ? 64  VAL A CA  1 
ATOM   482  C  C   . VAL A 1 64 ? -5.129  9.835   8.795   1.00 20.24 ? 64  VAL A C   1 
ATOM   483  O  O   . VAL A 1 64 ? -5.474  9.149   9.772   1.00 20.33 ? 64  VAL A O   1 
ATOM   484  C  CB  . VAL A 1 64 ? -4.326  8.378   6.881   1.00 27.36 ? 64  VAL A CB  1 
ATOM   485  C  CG1 . VAL A 1 64 ? -5.467  8.850   6.055   1.00 28.80 ? 64  VAL A CG1 1 
ATOM   486  C  CG2 . VAL A 1 64 ? -3.139  8.098   5.926   1.00 30.44 ? 64  VAL A CG2 1 
ATOM   487  N  N   . ASN A 1 65 ? -5.743  10.945  8.416   1.00 21.65 ? 65  ASN A N   1 
ATOM   488  C  CA  . ASN A 1 65 ? -7.068  11.310  8.901   1.00 22.95 ? 65  ASN A CA  1 
ATOM   489  C  C   . ASN A 1 65 ? -8.035  10.642  7.967   1.00 21.33 ? 65  ASN A C   1 
ATOM   490  O  O   . ASN A 1 65 ? -8.256  11.113  6.874   1.00 22.24 ? 65  ASN A O   1 
ATOM   491  C  CB  . ASN A 1 65 ? -7.203  12.839  8.914   1.00 23.75 ? 65  ASN A CB  1 
ATOM   492  C  CG  . ASN A 1 65 ? -6.143  13.490  9.793   1.00 37.13 ? 65  ASN A CG  1 
ATOM   493  O  OD1 . ASN A 1 65 ? -5.905  13.034  10.918  1.00 43.18 ? 65  ASN A OD1 1 
ATOM   494  N  ND2 . ASN A 1 65 ? -5.431  14.494  9.251   1.00 42.33 ? 65  ASN A ND2 1 
ATOM   495  N  N   . GLU A 1 66 ? -8.555  9.486   8.375   1.00 18.60 ? 66  GLU A N   1 
ATOM   496  C  CA  . GLU A 1 66 ? -9.230  8.625   7.430   1.00 20.22 ? 66  GLU A CA  1 
ATOM   497  C  C   . GLU A 1 66 ? -10.537 9.214   6.899   1.00 19.23 ? 66  GLU A C   1 
ATOM   498  O  O   . GLU A 1 66 ? -11.039 8.757   5.875   1.00 22.77 ? 66  GLU A O   1 
ATOM   499  C  CB  . GLU A 1 66 ? -9.485  7.230   8.059   1.00 19.05 ? 66  GLU A CB  1 
ATOM   500  C  CG  . GLU A 1 66 ? -10.350 7.203   9.341   1.00 19.91 ? 66  GLU A CG  1 
ATOM   501  C  CD  . GLU A 1 66 ? -9.581  7.277   10.623  1.00 16.68 ? 66  GLU A CD  1 
ATOM   502  O  OE1 . GLU A 1 66 ? -8.599  8.091   10.769  1.00 17.84 ? 66  GLU A OE1 1 
ATOM   503  O  OE2 . GLU A 1 66 ? -9.850  6.531   11.574  1.00 18.03 ? 66  GLU A OE2 1 
ATOM   504  N  N   . LEU A 1 67 ? -11.105 10.204  7.601   1.00 22.42 ? 67  LEU A N   1 
ATOM   505  C  CA  . LEU A 1 67 ? -12.346 10.829  7.120   1.00 22.19 ? 67  LEU A CA  1 
ATOM   506  C  C   . LEU A 1 67 ? -12.081 11.899  6.111   1.00 26.95 ? 67  LEU A C   1 
ATOM   507  O  O   . LEU A 1 67 ? -12.980 12.261  5.372   1.00 28.26 ? 67  LEU A O   1 
ATOM   508  C  CB  . LEU A 1 67 ? -13.125 11.472  8.258   1.00 24.04 ? 67  LEU A CB  1 
ATOM   509  C  CG  . LEU A 1 67 ? -13.595 10.526  9.333   1.00 23.81 ? 67  LEU A CG  1 
ATOM   510  C  CD1 . LEU A 1 67 ? -14.362 11.372  10.346  1.00 27.97 ? 67  LEU A CD1 1 
ATOM   511  C  CD2 . LEU A 1 67 ? -14.503 9.486   8.739   1.00 32.85 ? 67  LEU A CD2 1 
ATOM   512  N  N   . GLU A 1 68 ? -10.864 12.436  6.121   1.00 28.17 ? 68  GLU A N   1 
ATOM   513  C  CA  . GLU A 1 68 ? -10.659 13.759  5.550   1.00 35.97 ? 68  GLU A CA  1 
ATOM   514  C  C   . GLU A 1 68 ? -9.425  13.823  4.710   1.00 33.30 ? 68  GLU A C   1 
ATOM   515  O  O   . GLU A 1 68 ? -9.160  14.851  4.096   1.00 47.87 ? 68  GLU A O   1 
ATOM   516  C  CB  . GLU A 1 68 ? -10.538 14.793  6.693   1.00 34.11 ? 68  GLU A CB  1 
ATOM   517  C  CG  . GLU A 1 68 ? -10.595 16.232  6.295   1.00 48.25 ? 68  GLU A CG  1 
ATOM   518  C  CD  . GLU A 1 68 ? -10.581 17.215  7.472   1.00 42.50 ? 68  GLU A CD  1 
ATOM   519  O  OE1 . GLU A 1 68 ? -10.111 18.351  7.256   1.00 54.87 ? 68  GLU A OE1 1 
ATOM   520  O  OE2 . GLU A 1 68 ? -11.027 16.880  8.588   1.00 44.06 ? 68  GLU A OE2 1 
ATOM   521  N  N   . HIS A 1 69 ? -8.710  12.706  4.614   1.00 31.31 ? 69  HIS A N   1 
ATOM   522  C  CA  . HIS A 1 69 ? -7.595  12.608  3.677   1.00 38.67 ? 69  HIS A CA  1 
ATOM   523  C  C   . HIS A 1 69 ? -8.195  12.861  2.297   1.00 45.49 ? 69  HIS A C   1 
ATOM   524  O  O   . HIS A 1 69 ? -9.413  12.789  2.155   1.00 53.94 ? 69  HIS A O   1 
ATOM   525  C  CB  . HIS A 1 69 ? -6.870  11.242  3.769   1.00 29.07 ? 69  HIS A CB  1 
ATOM   526  C  CG  . HIS A 1 69 ? -5.466  11.289  3.250   1.00 33.73 ? 69  HIS A CG  1 
ATOM   527  N  ND1 . HIS A 1 69 ? -4.393  11.650  4.028   1.00 33.99 ? 69  HIS A ND1 1 
ATOM   528  C  CD2 . HIS A 1 69 ? -4.972  11.071  2.007   1.00 30.52 ? 69  HIS A CD2 1 
ATOM   529  C  CE1 . HIS A 1 69 ? -3.292  11.643  3.296   1.00 29.34 ? 69  HIS A CE1 1 
ATOM   530  N  NE2 . HIS A 1 69 ? -3.618  11.316  2.058   1.00 36.27 ? 69  HIS A NE2 1 
ATOM   531  N  N   . HIS A 1 70 ? -7.369  13.228  1.321   1.00 53.99 ? 70  HIS A N   1 
ATOM   532  C  CA  . HIS A 1 70 ? -7.813  13.571  -0.028  1.00 54.77 ? 70  HIS A CA  1 
ATOM   533  C  C   . HIS A 1 70 ? -8.741  14.784  -0.016  1.00 57.83 ? 70  HIS A C   1 
ATOM   534  O  O   . HIS A 1 70 ? -9.434  15.045  -1.007  1.00 58.81 ? 70  HIS A O   1 
ATOM   535  C  CB  . HIS A 1 70 ? -8.547  12.406  -0.744  1.00 53.97 ? 70  HIS A CB  1 
ATOM   536  C  CG  . HIS A 1 70 ? -9.956  12.174  -0.276  1.00 44.21 ? 70  HIS A CG  1 
ATOM   537  N  ND1 . HIS A 1 70 ? -10.276 11.346  0.784   1.00 63.18 ? 70  HIS A ND1 1 
ATOM   538  C  CD2 . HIS A 1 70 ? -11.129 12.720  -0.681  1.00 51.44 ? 70  HIS A CD2 1 
ATOM   539  C  CE1 . HIS A 1 70 ? -11.586 11.367  0.987   1.00 48.65 ? 70  HIS A CE1 1 
ATOM   540  N  NE2 . HIS A 1 70 ? -12.127 12.196  0.109   1.00 46.13 ? 70  HIS A NE2 1 
HETATM 541  N  N   . MSE B 1 1  ? -13.662 7.962   4.350   1.00 38.28 ? 1   MSE B N   1 
HETATM 542  C  CA  . MSE B 1 1  ? -13.921 6.517   4.520   1.00 28.65 ? 1   MSE B CA  1 
HETATM 543  C  C   . MSE B 1 1  ? -14.891 6.043   3.454   1.00 23.38 ? 1   MSE B C   1 
HETATM 544  O  O   . MSE B 1 1  ? -14.854 4.900   3.018   1.00 21.11 ? 1   MSE B O   1 
HETATM 545  C  CB  . MSE B 1 1  ? -14.478 6.195   5.904   1.00 30.45 ? 1   MSE B CB  1 
HETATM 546  C  CG  . MSE B 1 1  ? -13.469 6.171   7.049   1.00 27.89 ? 1   MSE B CG  1 
HETATM 547  SE SE  . MSE B 1 1  ? -12.053 4.901   6.705   1.00 40.17 ? 1   MSE B SE  1 
HETATM 548  C  CE  . MSE B 1 1  ? -12.963 3.173   6.642   1.00 32.20 ? 1   MSE B CE  1 
ATOM   549  N  N   . GLU B 1 2  ? -15.764 6.929   3.026   1.00 22.51 ? 2   GLU B N   1 
ATOM   550  C  CA  . GLU B 1 2  ? -16.804 6.557   2.086   1.00 21.48 ? 2   GLU B CA  1 
ATOM   551  C  C   . GLU B 1 2  ? -16.286 6.086   0.726   1.00 22.31 ? 2   GLU B C   1 
ATOM   552  O  O   . GLU B 1 2  ? -16.998 5.380   0.027   1.00 27.89 ? 2   GLU B O   1 
ATOM   553  C  CB  . GLU B 1 2  ? -17.763 7.727   1.837   1.00 30.15 ? 2   GLU B CB  1 
ATOM   554  C  CG  . GLU B 1 2  ? -17.010 9.010   1.457   1.00 35.04 ? 2   GLU B CG  1 
ATOM   555  C  CD  . GLU B 1 2  ? -17.891 9.950   0.699   1.00 46.23 ? 2   GLU B CD  1 
ATOM   556  O  OE1 . GLU B 1 2  ? -19.090 9.613   0.540   1.00 61.19 ? 2   GLU B OE1 1 
ATOM   557  O  OE2 . GLU B 1 2  ? -17.391 10.989  0.228   1.00 47.80 ? 2   GLU B OE2 1 
ATOM   558  N  N   . LYS B 1 3  ? -15.068 6.488   0.361   1.00 25.39 ? 3   LYS B N   1 
ATOM   559  C  CA  . LYS B 1 3  ? -14.587 6.180   -0.983  1.00 26.60 ? 3   LYS B CA  1 
ATOM   560  C  C   . LYS B 1 3  ? -14.073 4.746   -1.098  1.00 26.76 ? 3   LYS B C   1 
ATOM   561  O  O   . LYS B 1 3  ? -13.938 4.207   -2.198  1.00 30.93 ? 3   LYS B O   1 
ATOM   562  C  CB  . LYS B 1 3  ? -13.466 7.151   -1.342  1.00 31.88 ? 3   LYS B CB  1 
ATOM   563  C  CG  . LYS B 1 3  ? -12.243 7.049   -0.406  1.00 40.62 ? 3   LYS B CG  1 
ATOM   564  C  CD  . LYS B 1 3  ? -11.112 8.028   -0.809  1.00 41.83 ? 3   LYS B CD  1 
ATOM   565  C  CE  . LYS B 1 3  ? -11.274 8.371   -2.318  1.00 51.57 ? 3   LYS B CE  1 
ATOM   566  N  NZ  . LYS B 1 3  ? -10.167 9.161   -2.944  1.00 49.02 ? 3   LYS B NZ  1 
ATOM   567  N  N   . TYR B 1 4  ? -13.848 4.107   0.043   1.00 21.28 ? 4   TYR B N   1 
ATOM   568  C  CA  . TYR B 1 4  ? -13.231 2.786   0.067   1.00 20.00 ? 4   TYR B CA  1 
ATOM   569  C  C   . TYR B 1 4  ? -14.226 1.674   -0.206  1.00 20.04 ? 4   TYR B C   1 
ATOM   570  O  O   . TYR B 1 4  ? -15.417 1.833   0.070   1.00 20.92 ? 4   TYR B O   1 
ATOM   571  C  CB  . TYR B 1 4  ? -12.546 2.571   1.420   1.00 22.11 ? 4   TYR B CB  1 
ATOM   572  C  CG  . TYR B 1 4  ? -11.371 3.497   1.524   1.00 21.58 ? 4   TYR B CG  1 
ATOM   573  C  CD1 . TYR B 1 4  ? -10.199 3.188   0.846   1.00 24.51 ? 4   TYR B CD1 1 
ATOM   574  C  CD2 . TYR B 1 4  ? -11.439 4.650   2.256   1.00 21.89 ? 4   TYR B CD2 1 
ATOM   575  C  CE1 . TYR B 1 4  ? -9.137  4.030   0.868   1.00 23.48 ? 4   TYR B CE1 1 
ATOM   576  C  CE2 . TYR B 1 4  ? -10.364 5.526   2.287   1.00 21.42 ? 4   TYR B CE2 1 
ATOM   577  C  CZ  . TYR B 1 4  ? -9.234  5.194   1.593   1.00 22.62 ? 4   TYR B CZ  1 
ATOM   578  O  OH  . TYR B 1 4  ? -8.113  6.021   1.595   1.00 29.05 ? 4   TYR B OH  1 
ATOM   579  N  N   . CYS B 1 5  ? -13.739 0.590   -0.768  1.00 19.57 ? 5   CYS B N   1 
ATOM   580  C  CA  . CYS B 1 5  ? -14.627 -0.552  -1.004  1.00 17.67 ? 5   CYS B CA  1 
ATOM   581  C  C   . CYS B 1 5  ? -15.112 -1.180  0.280   1.00 18.97 ? 5   CYS B C   1 
ATOM   582  O  O   . CYS B 1 5  ? -14.572 -0.980  1.371   1.00 18.01 ? 5   CYS B O   1 
ATOM   583  C  CB  . CYS B 1 5  ? -13.900 -1.590  -1.878  1.00 17.15 ? 5   CYS B CB  1 
ATOM   584  S  SG  . CYS B 1 5  ? -12.539 -2.417  -1.079  1.00 18.74 ? 5   CYS B SG  1 
ATOM   585  N  N   . GLU B 1 6  ? -16.162 -1.984  0.127   1.00 17.00 ? 6   GLU B N   1 
ATOM   586  C  CA  . GLU B 1 6  ? -16.739 -2.654  1.289   1.00 17.52 ? 6   GLU B CA  1 
ATOM   587  C  C   . GLU B 1 6  ? -15.712 -3.432  2.108   1.00 17.76 ? 6   GLU B C   1 
ATOM   588  O  O   . GLU B 1 6  ? -15.738 -3.391  3.328   1.00 16.52 ? 6   GLU B O   1 
ATOM   589  C  CB  . GLU B 1 6  ? -17.857 -3.596  0.816   1.00 18.43 ? 6   GLU B CB  1 
ATOM   590  C  CG  . GLU B 1 6  ? -18.608 -4.187  1.990   1.00 18.37 ? 6   GLU B CG  1 
ATOM   591  C  CD  . GLU B 1 6  ? -19.650 -5.182  1.588   1.00 19.06 ? 6   GLU B CD  1 
ATOM   592  O  OE1 . GLU B 1 6  ? -19.765 -5.466  0.387   1.00 22.30 ? 6   GLU B OE1 1 
ATOM   593  O  OE2 . GLU B 1 6  ? -20.307 -5.656  2.527   1.00 19.75 ? 6   GLU B OE2 1 
ATOM   594  N  N   . LEU B 1 7  ? -14.818 -4.167  1.466   1.00 16.60 ? 7   LEU B N   1 
ATOM   595  C  CA  . LEU B 1 7  ? -13.897 -4.996  2.237   1.00 15.16 ? 7   LEU B CA  1 
ATOM   596  C  C   . LEU B 1 7  ? -12.995 -4.127  3.150   1.00 17.29 ? 7   LEU B C   1 
ATOM   597  O  O   . LEU B 1 7  ? -12.780 -4.447  4.337   1.00 17.12 ? 7   LEU B O   1 
ATOM   598  C  CB  . LEU B 1 7  ? -13.064 -5.841  1.276   1.00 17.25 ? 7   LEU B CB  1 
ATOM   599  C  CG  . LEU B 1 7  ? -12.095 -6.775  1.939   1.00 18.71 ? 7   LEU B CG  1 
ATOM   600  C  CD1 . LEU B 1 7  ? -12.784 -7.736  2.937   1.00 20.46 ? 7   LEU B CD1 1 
ATOM   601  C  CD2 . LEU B 1 7  ? -11.244 -7.567  0.903   1.00 19.42 ? 7   LEU B CD2 1 
ATOM   602  N  N   . ILE B 1 8  ? -12.480 -3.026  2.597   1.00 17.22 ? 8   ILE B N   1 
ATOM   603  C  CA  . ILE B 1 8  ? -11.673 -2.139  3.467   1.00 16.16 ? 8   ILE B CA  1 
ATOM   604  C  C   . ILE B 1 8  ? -12.506 -1.555  4.599   1.00 16.53 ? 8   ILE B C   1 
ATOM   605  O  O   . ILE B 1 8  ? -12.066 -1.514  5.743   1.00 17.47 ? 8   ILE B O   1 
ATOM   606  C  CB  . ILE B 1 8  ? -11.018 -1.030  2.636   1.00 16.93 ? 8   ILE B CB  1 
ATOM   607  C  CG1 . ILE B 1 8  ? -9.861  -1.664  1.863   1.00 16.90 ? 8   ILE B CG1 1 
ATOM   608  C  CG2 . ILE B 1 8  ? -10.524 0.150   3.520   1.00 19.08 ? 8   ILE B CG2 1 
ATOM   609  C  CD1 . ILE B 1 8  ? -9.204  -0.723  0.881   1.00 18.74 ? 8   ILE B CD1 1 
ATOM   610  N  N   . ARG B 1 9  ? -13.726 -1.128  4.303   1.00 16.06 ? 9   ARG B N   1 
ATOM   611  C  CA  . ARG B 1 9  ? -14.550 -0.617  5.409   1.00 16.00 ? 9   ARG B CA  1 
ATOM   612  C  C   . ARG B 1 9  ? -14.854 -1.647  6.486   1.00 16.61 ? 9   ARG B C   1 
ATOM   613  O  O   . ARG B 1 9  ? -14.879 -1.339  7.694   1.00 17.65 ? 9   ARG B O   1 
ATOM   614  C  CB  . ARG B 1 9  ? -15.849 -0.009  4.836   1.00 14.93 ? 9   ARG B CB  1 
ATOM   615  C  CG  . ARG B 1 9  ? -15.567 1.352   4.142   1.00 15.82 ? 9   ARG B CG  1 
ATOM   616  C  CD  . ARG B 1 9  ? -16.828 1.998   3.592   1.00 16.29 ? 9   ARG B CD  1 
ATOM   617  N  NE  . ARG B 1 9  ? -17.182 1.459   2.306   1.00 17.62 ? 9   ARG B NE  1 
ATOM   618  C  CZ  . ARG B 1 9  ? -18.204 0.617   2.107   1.00 17.48 ? 9   ARG B CZ  1 
ATOM   619  N  NH1 . ARG B 1 9  ? -18.918 0.171   3.141   1.00 17.33 ? 9   ARG B NH1 1 
ATOM   620  N  NH2 . ARG B 1 9  ? -18.462 0.223   0.859   1.00 17.26 ? 9   ARG B NH2 1 
ATOM   621  N  N   . LYS B 1 10 ? -15.065 -2.899  6.077   1.00 15.03 ? 10  LYS B N   1 
ATOM   622  C  CA  . LYS B 1 10 ? -15.296 -3.968  7.019   1.00 14.82 ? 10  LYS B CA  1 
ATOM   623  C  C   . LYS B 1 10 ? -14.107 -4.242  7.876   1.00 16.97 ? 10  LYS B C   1 
ATOM   624  O  O   . LYS B 1 10 ? -14.210 -4.406  9.082   1.00 17.66 ? 10  LYS B O   1 
ATOM   625  C  CB  . LYS B 1 10 ? -15.645 -5.272  6.292   1.00 18.04 ? 10  LYS B CB  1 
ATOM   626  C  CG  . LYS B 1 10 ? -17.066 -5.341  5.742   1.00 22.34 ? 10  LYS B CG  1 
ATOM   627  C  CD  . LYS B 1 10 ? -17.398 -6.760  5.311   1.00 23.10 ? 10  LYS B CD  1 
ATOM   628  C  CE  . LYS B 1 10 ? -16.472 -7.297  4.200   1.00 23.79 ? 10  LYS B CE  1 
ATOM   629  N  NZ  . LYS B 1 10 ? -16.942 -8.656  3.815   1.00 23.44 ? 10  LYS B NZ  1 
ATOM   630  N  N   . ARG B 1 11 ? -12.948 -4.346  7.241   1.00 17.06 ? 11  ARG B N   1 
ATOM   631  C  CA  . ARG B 1 11 ? -11.743 -4.683  8.011   1.00 16.31 ? 11  ARG B CA  1 
ATOM   632  C  C   . ARG B 1 11 ? -11.310 -3.499  8.908   1.00 15.91 ? 11  ARG B C   1 
ATOM   633  O  O   . ARG B 1 11 ? -10.818 -3.727  10.015  1.00 16.42 ? 11  ARG B O   1 
ATOM   634  C  CB  . ARG B 1 11 ? -10.607 -5.125  7.073   1.00 15.81 ? 11  ARG B CB  1 
ATOM   635  C  CG  . ARG B 1 11 ? -10.932 -6.318  6.183   1.00 17.31 ? 11  ARG B CG  1 
ATOM   636  C  CD  . ARG B 1 11 ? -11.204 -7.566  7.050   1.00 17.97 ? 11  ARG B CD  1 
ATOM   637  N  NE  . ARG B 1 11 ? -11.724 -8.663  6.215   1.00 18.51 ? 11  ARG B NE  1 
ATOM   638  C  CZ  . ARG B 1 11 ? -12.961 -9.136  6.269   1.00 21.11 ? 11  ARG B CZ  1 
ATOM   639  N  NH1 . ARG B 1 11 ? -13.827 -8.708  7.173   1.00 22.67 ? 11  ARG B NH1 1 
ATOM   640  N  NH2 . ARG B 1 11 ? -13.312 -10.060 5.408   1.00 22.33 ? 11  ARG B NH2 1 
ATOM   641  N  N   . TYR B 1 12 ? -11.518 -2.260  8.443   1.00 15.43 ? 12  TYR B N   1 
ATOM   642  C  CA  . TYR B 1 12 ? -11.327 -1.082  9.307   1.00 15.59 ? 12  TYR B CA  1 
ATOM   643  C  C   . TYR B 1 12 ? -12.164 -1.179  10.567  1.00 17.67 ? 12  TYR B C   1 
ATOM   644  O  O   . TYR B 1 12 ? -11.661 -1.034  11.702  1.00 17.39 ? 12  TYR B O   1 
ATOM   645  C  CB  . TYR B 1 12 ? -11.676 0.181   8.524   1.00 16.35 ? 12  TYR B CB  1 
ATOM   646  C  CG  . TYR B 1 12 ? -11.692 1.428   9.359   1.00 16.72 ? 12  TYR B CG  1 
ATOM   647  C  CD1 . TYR B 1 12 ? -10.583 2.255   9.432   1.00 18.01 ? 12  TYR B CD1 1 
ATOM   648  C  CD2 . TYR B 1 12 ? -12.816 1.829   10.042  1.00 18.83 ? 12  TYR B CD2 1 
ATOM   649  C  CE1 . TYR B 1 12 ? -10.559 3.396   10.182  1.00 19.47 ? 12  TYR B CE1 1 
ATOM   650  C  CE2 . TYR B 1 12 ? -12.831 2.976   10.803  1.00 19.60 ? 12  TYR B CE2 1 
ATOM   651  C  CZ  . TYR B 1 12 ? -11.707 3.777   10.854  1.00 18.05 ? 12  TYR B CZ  1 
ATOM   652  O  OH  . TYR B 1 12 ? -11.738 4.933   11.636  1.00 20.08 ? 12  TYR B OH  1 
ATOM   653  N  N   . ALA B 1 13 ? -13.459 -1.495  10.383  1.00 17.02 ? 13  ALA B N   1 
ATOM   654  C  CA  . ALA B 1 13 ? -14.307 -1.614  11.575  1.00 16.71 ? 13  ALA B CA  1 
ATOM   655  C  C   . ALA B 1 13 ? -13.838 -2.710  12.507  1.00 17.09 ? 13  ALA B C   1 
ATOM   656  O  O   . ALA B 1 13 ? -13.892 -2.551  13.736  1.00 17.53 ? 13  ALA B O   1 
ATOM   657  C  CB  . ALA B 1 13 ? -15.725 -1.881  11.153  1.00 17.24 ? 13  ALA B CB  1 
ATOM   658  N  N   . GLU B 1 14 ? -13.336 -3.803  11.934  1.00 16.03 ? 14  GLU B N   1 
ATOM   659  C  CA  . GLU B 1 14 ? -12.861 -4.906  12.764  1.00 17.15 ? 14  GLU B CA  1 
ATOM   660  C  C   . GLU B 1 14 ? -11.562 -4.592  13.525  1.00 18.23 ? 14  GLU B C   1 
ATOM   661  O  O   . GLU B 1 14 ? -11.395 -5.014  14.652  1.00 17.63 ? 14  GLU B O   1 
ATOM   662  C  CB  . GLU B 1 14 ? -12.693 -6.149  11.892  1.00 17.23 ? 14  GLU B CB  1 
ATOM   663  C  CG  . GLU B 1 14 ? -14.061 -6.759  11.564  1.00 17.31 ? 14  GLU B CG  1 
ATOM   664  C  CD  . GLU B 1 14 ? -13.955 -7.903  10.599  1.00 23.70 ? 14  GLU B CD  1 
ATOM   665  O  OE1 . GLU B 1 14 ? -12.947 -8.015  9.887   1.00 21.03 ? 14  GLU B OE1 1 
ATOM   666  O  OE2 . GLU B 1 14 ? -14.920 -8.716  10.564  1.00 24.78 ? 14  GLU B OE2 1 
ATOM   667  N  N   . ILE B 1 15 ? -10.632 -3.858  12.915  1.00 15.86 ? 15  ILE B N   1 
ATOM   668  C  CA  . ILE B 1 15 ? -9.448  -3.424  13.666  1.00 17.30 ? 15  ILE B CA  1 
ATOM   669  C  C   . ILE B 1 15 ? -9.868  -2.487  14.780  1.00 19.71 ? 15  ILE B C   1 
ATOM   670  O  O   . ILE B 1 15 ? -9.468  -2.637  15.951  1.00 19.82 ? 15  ILE B O   1 
ATOM   671  C  CB  . ILE B 1 15 ? -8.436  -2.742  12.737  1.00 17.89 ? 15  ILE B CB  1 
ATOM   672  C  CG1 . ILE B 1 15 ? -7.899  -3.723  11.705  1.00 18.35 ? 15  ILE B CG1 1 
ATOM   673  C  CG2 . ILE B 1 15 ? -7.244  -2.178  13.577  1.00 18.70 ? 15  ILE B CG2 1 
ATOM   674  C  CD1 . ILE B 1 15 ? -7.051  -2.950  10.648  1.00 21.24 ? 15  ILE B CD1 1 
ATOM   675  N  N   . ALA B 1 16 ? -10.725 -1.544  14.454  1.00 16.29 ? 16  ALA B N   1 
ATOM   676  C  CA  . ALA B 1 16 ? -11.155 -0.604  15.463  1.00 17.49 ? 16  ALA B CA  1 
ATOM   677  C  C   . ALA B 1 16 ? -11.891 -1.254  16.624  1.00 19.74 ? 16  ALA B C   1 
ATOM   678  O  O   . ALA B 1 16 ? -11.787 -0.811  17.768  1.00 21.18 ? 16  ALA B O   1 
ATOM   679  C  CB  . ALA B 1 16 ? -12.009 0.457   14.828  1.00 19.84 ? 16  ALA B CB  1 
ATOM   680  N  N   . SER B 1 17 ? -12.650 -2.308  16.333  1.00 18.42 ? 17  SER B N   1 
ATOM   681  C  CA  . SER B 1 17 ? -13.430 -2.947  17.386  1.00 18.17 ? 17  SER B CA  1 
ATOM   682  C  C   . SER B 1 17 ? -12.671 -4.009  18.178  1.00 17.16 ? 17  SER B C   1 
ATOM   683  O  O   . SER B 1 17 ? -13.168 -4.530  19.208  1.00 20.44 ? 17  SER B O   1 
ATOM   684  C  CB  . SER B 1 17 ? -14.697 -3.588  16.777  1.00 18.35 ? 17  SER B CB  1 
ATOM   685  O  OG  . SER B 1 17 ? -14.285 -4.757  16.051  1.00 19.58 ? 17  SER B OG  1 
ATOM   686  N  N   . GLY B 1 18 ? -11.497 -4.393  17.697  1.00 18.57 ? 18  GLY B N   1 
ATOM   687  C  CA  . GLY B 1 18 ? -10.779 -5.515  18.268  1.00 18.61 ? 18  GLY B CA  1 
ATOM   688  C  C   . GLY B 1 18 ? -11.163 -6.908  17.772  1.00 20.91 ? 18  GLY B C   1 
ATOM   689  O  O   . GLY B 1 18 ? -10.705 -7.902  18.344  1.00 21.89 ? 18  GLY B O   1 
ATOM   690  N  N   . ASP B 1 19 ? -11.880 -6.962  16.658  1.00 19.62 ? 19  ASP B N   1 
ATOM   691  C  CA  . ASP B 1 19 ? -12.091 -8.260  16.004  1.00 17.48 ? 19  ASP B CA  1 
ATOM   692  C  C   . ASP B 1 19 ? -10.836 -8.649  15.233  1.00 20.84 ? 19  ASP B C   1 
ATOM   693  O  O   . ASP B 1 19 ? -10.628 -9.821  14.941  1.00 23.33 ? 19  ASP B O   1 
ATOM   694  C  CB  . ASP B 1 19 ? -13.276 -8.193  15.059  1.00 21.51 ? 19  ASP B CB  1 
ATOM   695  C  CG  . ASP B 1 19 ? -14.608 -8.336  15.775  1.00 19.25 ? 19  ASP B CG  1 
ATOM   696  O  OD1 . ASP B 1 19 ? -14.628 -8.572  16.984  1.00 20.43 ? 19  ASP B OD1 1 
ATOM   697  O  OD2 . ASP B 1 19 ? -15.626 -8.182  15.080  1.00 24.96 ? 19  ASP B OD2 1 
ATOM   698  N  N   . LEU B 1 20 ? -10.038 -7.635  14.874  1.00 18.94 ? 20  LEU B N   1 
ATOM   699  C  CA  . LEU B 1 20 ? -8.708  -7.859  14.290  1.00 20.12 ? 20  LEU B CA  1 
ATOM   700  C  C   . LEU B 1 20 ? -7.686  -7.096  15.081  1.00 19.96 ? 20  LEU B C   1 
ATOM   701  O  O   . LEU B 1 20 ? -8.040  -6.120  15.756  1.00 20.87 ? 20  LEU B O   1 
ATOM   702  C  CB  . LEU B 1 20 ? -8.638  -7.373  12.830  1.00 21.46 ? 20  LEU B CB  1 
ATOM   703  C  CG  . LEU B 1 20 ? -9.373  -8.267  11.835  1.00 19.96 ? 20  LEU B CG  1 
ATOM   704  C  CD1 . LEU B 1 20 ? -9.357  -7.563  10.487  1.00 23.07 ? 20  LEU B CD1 1 
ATOM   705  C  CD2 . LEU B 1 20 ? -8.657  -9.622  11.744  1.00 22.25 ? 20  LEU B CD2 1 
ATOM   706  N  N   . GLY B 1 21 ? -6.439  -7.555  15.013  1.00 21.44 ? 21  GLY B N   1 
ATOM   707  C  CA  . GLY B 1 21 ? -5.345  -6.821  15.603  1.00 21.51 ? 21  GLY B CA  1 
ATOM   708  C  C   . GLY B 1 21 ? -4.911  -5.614  14.763  1.00 22.60 ? 21  GLY B C   1 
ATOM   709  O  O   . GLY B 1 21 ? -5.293  -5.429  13.590  1.00 21.33 ? 21  GLY B O   1 
ATOM   710  N  N   . TYR B 1 22 ? -4.100  -4.783  15.399  1.00 22.34 ? 22  TYR B N   1 
ATOM   711  C  CA  . TYR B 1 22 ? -3.554  -3.580  14.794  1.00 20.54 ? 22  TYR B CA  1 
ATOM   712  C  C   . TYR B 1 22 ? -2.051  -3.678  14.667  1.00 21.76 ? 22  TYR B C   1 
ATOM   713  O  O   . TYR B 1 22 ? -1.403  -4.227  15.539  1.00 23.13 ? 22  TYR B O   1 
ATOM   714  C  CB  . TYR B 1 22 ? -3.930  -2.389  15.656  1.00 22.07 ? 22  TYR B CB  1 
ATOM   715  C  CG  . TYR B 1 22 ? -3.310  -1.086  15.268  1.00 21.54 ? 22  TYR B CG  1 
ATOM   716  C  CD1 . TYR B 1 22 ? -3.728  -0.435  14.100  1.00 20.06 ? 22  TYR B CD1 1 
ATOM   717  C  CD2 . TYR B 1 22 ? -2.336  -0.471  16.085  1.00 22.19 ? 22  TYR B CD2 1 
ATOM   718  C  CE1 . TYR B 1 22 ? -3.173  0.784   13.729  1.00 22.14 ? 22  TYR B CE1 1 
ATOM   719  C  CE2 . TYR B 1 22 ? -1.790  0.766   15.720  1.00 22.13 ? 22  TYR B CE2 1 
ATOM   720  C  CZ  . TYR B 1 22 ? -2.219  1.373   14.543  1.00 21.73 ? 22  TYR B CZ  1 
ATOM   721  O  OH  . TYR B 1 22 ? -1.700  2.587   14.148  1.00 25.36 ? 22  TYR B OH  1 
ATOM   722  N  N   . VAL B 1 23 ? -1.506  -3.162  13.562  1.00 21.23 ? 23  VAL B N   1 
ATOM   723  C  CA  . VAL B 1 23 ? -0.052  -3.140  13.354  1.00 21.81 ? 23  VAL B CA  1 
ATOM   724  C  C   . VAL B 1 23 ? 0.453   -1.711  13.476  1.00 20.14 ? 23  VAL B C   1 
ATOM   725  O  O   . VAL B 1 23 ? 0.208   -0.852  12.611  1.00 19.40 ? 23  VAL B O   1 
ATOM   726  C  CB  . VAL B 1 23 ? 0.338   -3.736  11.997  1.00 19.64 ? 23  VAL B CB  1 
ATOM   727  C  CG1 . VAL B 1 23 ? 1.861   -3.580  11.766  1.00 21.55 ? 23  VAL B CG1 1 
ATOM   728  C  CG2 . VAL B 1 23 ? -0.082  -5.166  11.949  1.00 22.06 ? 23  VAL B CG2 1 
ATOM   729  N  N   . PRO B 1 24 ? 1.154   -1.414  14.579  1.00 20.88 ? 24  PRO B N   1 
ATOM   730  C  CA  . PRO B 1 24 ? 1.548   -0.020  14.774  1.00 21.67 ? 24  PRO B CA  1 
ATOM   731  C  C   . PRO B 1 24 ? 2.462   0.537   13.679  1.00 20.09 ? 24  PRO B C   1 
ATOM   732  O  O   . PRO B 1 24 ? 2.378   1.717   13.363  1.00 22.01 ? 24  PRO B O   1 
ATOM   733  C  CB  . PRO B 1 24 ? 2.259   -0.054  16.134  1.00 23.65 ? 24  PRO B CB  1 
ATOM   734  C  CG  . PRO B 1 24 ? 1.604   -1.220  16.840  1.00 25.06 ? 24  PRO B CG  1 
ATOM   735  C  CD  . PRO B 1 24 ? 1.348   -2.249  15.784  1.00 21.45 ? 24  PRO B CD  1 
ATOM   736  N  N   . ASP B 1 25 ? 3.324   -0.316  13.132  1.00 22.06 ? 25  ASP B N   1 
ATOM   737  C  CA  . ASP B 1 25 ? 4.160   0.124   12.013  1.00 20.26 ? 25  ASP B CA  1 
ATOM   738  C  C   . ASP B 1 25 ? 3.343   0.061   10.736  1.00 20.46 ? 25  ASP B C   1 
ATOM   739  O  O   . ASP B 1 25 ? 3.483   -0.855  9.945   1.00 21.01 ? 25  ASP B O   1 
ATOM   740  C  CB  . ASP B 1 25 ? 5.411   -0.724  11.928  1.00 23.10 ? 25  ASP B CB  1 
ATOM   741  C  CG  . ASP B 1 25 ? 6.321   -0.299  10.771  1.00 27.84 ? 25  ASP B CG  1 
ATOM   742  O  OD1 . ASP B 1 25 ? 6.092   0.797   10.208  1.00 21.92 ? 25  ASP B OD1 1 
ATOM   743  O  OD2 . ASP B 1 25 ? 7.228   -1.108  10.426  1.00 34.00 ? 25  ASP B OD2 1 
ATOM   744  N  N   . ALA B 1 26 ? 2.465   1.036   10.598  1.00 18.97 ? 26  ALA B N   1 
ATOM   745  C  CA  . ALA B 1 26 ? 1.465   0.997   9.538   1.00 20.25 ? 26  ALA B CA  1 
ATOM   746  C  C   . ALA B 1 26 ? 2.070   1.229   8.165   1.00 18.37 ? 26  ALA B C   1 
ATOM   747  O  O   . ALA B 1 26 ? 1.608   0.637   7.176   1.00 18.98 ? 26  ALA B O   1 
ATOM   748  C  CB  . ALA B 1 26 ? 0.323   2.012   9.854   1.00 20.17 ? 26  ALA B CB  1 
ATOM   749  N  N   . LEU B 1 27 ? 3.086   2.076   8.087   1.00 19.58 ? 27  LEU B N   1 
ATOM   750  C  CA  . LEU B 1 27 ? 3.764   2.296   6.831   1.00 19.63 ? 27  LEU B CA  1 
ATOM   751  C  C   . LEU B 1 27 ? 4.528   1.046   6.450   1.00 19.59 ? 27  LEU B C   1 
ATOM   752  O  O   . LEU B 1 27 ? 4.540   0.647   5.288   1.00 19.29 ? 27  LEU B O   1 
ATOM   753  C  CB  . LEU B 1 27 ? 4.710   3.512   6.960   1.00 18.44 ? 27  LEU B CB  1 
ATOM   754  C  CG  . LEU B 1 27 ? 3.986   4.811   7.308   1.00 21.35 ? 27  LEU B CG  1 
ATOM   755  C  CD1 . LEU B 1 27 ? 5.008   5.942   7.406   1.00 25.80 ? 27  LEU B CD1 1 
ATOM   756  C  CD2 . LEU B 1 27 ? 2.933   5.119   6.266   1.00 21.57 ? 27  LEU B CD2 1 
ATOM   757  N  N   . GLY B 1 28 ? 5.171   0.413   7.424   1.00 19.44 ? 28  GLY B N   1 
ATOM   758  C  CA  . GLY B 1 28 ? 5.839   -0.854  7.140   1.00 19.36 ? 28  GLY B CA  1 
ATOM   759  C  C   . GLY B 1 28 ? 4.896   -1.944  6.657   1.00 19.87 ? 28  GLY B C   1 
ATOM   760  O  O   . GLY B 1 28 ? 5.221   -2.756  5.776   1.00 20.88 ? 28  GLY B O   1 
ATOM   761  N  N   . CYS B 1 29 ? 3.674   -1.942  7.196   1.00 19.67 ? 29  CYS B N   1 
ATOM   762  C  CA  . CYS B 1 29 ? 2.694   -2.924  6.825   1.00 19.46 ? 29  CYS B CA  1 
ATOM   763  C  C   . CYS B 1 29 ? 2.290   -2.721  5.365   1.00 19.23 ? 29  CYS B C   1 
ATOM   764  O  O   . CYS B 1 29 ? 2.243   -3.702  4.575   1.00 20.00 ? 29  CYS B O   1 
ATOM   765  C  CB  . CYS B 1 29 ? 1.496   -2.779  7.776   1.00 18.36 ? 29  CYS B CB  1 
ATOM   766  S  SG  . CYS B 1 29 ? 0.093   -3.885  7.415   1.00 22.04 ? 29  CYS B SG  1 
ATOM   767  N  N   . VAL B 1 30 ? 2.014   -1.468  4.995   1.00 18.16 ? 30  VAL B N   1 
ATOM   768  C  CA  . VAL B 1 30 ? 1.679   -1.252  3.575   1.00 19.65 ? 30  VAL B CA  1 
ATOM   769  C  C   . VAL B 1 30 ? 2.877   -1.571  2.643   1.00 19.34 ? 30  VAL B C   1 
ATOM   770  O  O   . VAL B 1 30 ? 2.682   -2.192  1.587   1.00 19.46 ? 30  VAL B O   1 
ATOM   771  C  CB  . VAL B 1 30 ? 1.152   0.182   3.285   1.00 22.23 ? 30  VAL B CB  1 
ATOM   772  C  CG1 . VAL B 1 30 ? -0.101  0.493   4.097   1.00 19.39 ? 30  VAL B CG1 1 
ATOM   773  C  CG2 . VAL B 1 30 ? 2.174   1.228   3.507   1.00 31.00 ? 30  VAL B CG2 1 
ATOM   774  N  N   . LEU B 1 31 ? 4.091   -1.253  3.067   1.00 19.70 ? 31  LEU B N   1 
ATOM   775  C  CA  . LEU B 1 31 ? 5.231   -1.560  2.203   1.00 20.29 ? 31  LEU B CA  1 
ATOM   776  C  C   . LEU B 1 31 ? 5.435   -3.062  2.043   1.00 20.76 ? 31  LEU B C   1 
ATOM   777  O  O   . LEU B 1 31 ? 5.785   -3.525  0.947   1.00 20.93 ? 31  LEU B O   1 
ATOM   778  C  CB  . LEU B 1 31 ? 6.480   -0.904  2.764   1.00 20.23 ? 31  LEU B CB  1 
ATOM   779  C  CG  . LEU B 1 31 ? 6.510   0.605   2.549   1.00 20.62 ? 31  LEU B CG  1 
ATOM   780  C  CD1 . LEU B 1 31 ? 7.525   1.223   3.466   1.00 23.39 ? 31  LEU B CD1 1 
ATOM   781  C  CD2 . LEU B 1 31 ? 6.792   0.956   1.044   1.00 20.89 ? 31  LEU B CD2 1 
ATOM   782  N  N   . LYS B 1 32 ? 5.204   -3.824  3.112   1.00 19.74 ? 32  LYS B N   1 
ATOM   783  C  CA  . LYS B 1 32 ? 5.356   -5.273  3.058   1.00 20.83 ? 32  LYS B CA  1 
ATOM   784  C  C   . LYS B 1 32 ? 4.363   -5.863  2.081   1.00 19.82 ? 32  LYS B C   1 
ATOM   785  O  O   . LYS B 1 32 ? 4.720   -6.688  1.241   1.00 20.86 ? 32  LYS B O   1 
ATOM   786  C  CB  . LYS B 1 32 ? 5.152   -5.881  4.451   1.00 22.21 ? 32  LYS B CB  1 
ATOM   787  C  CG  . LYS B 1 32 ? 5.119   -7.400  4.436   1.00 26.44 ? 32  LYS B CG  1 
ATOM   788  C  CD  . LYS B 1 32 ? 4.791   -7.933  5.813   1.00 31.32 ? 32  LYS B CD  1 
ATOM   789  C  CE  . LYS B 1 32 ? 4.920   -9.445  5.881   1.00 41.41 ? 32  LYS B CE  1 
ATOM   790  N  NZ  . LYS B 1 32 ? 5.615   -9.779  7.166   1.00 55.05 ? 32  LYS B NZ  1 
ATOM   791  N  N   . VAL B 1 33 ? 3.092   -5.459  2.188   1.00 20.24 ? 33  VAL B N   1 
ATOM   792  C  CA  . VAL B 1 33 ? 2.113   -6.009  1.263   1.00 22.66 ? 33  VAL B CA  1 
ATOM   793  C  C   . VAL B 1 33 ? 2.375   -5.585  -0.190  1.00 20.60 ? 33  VAL B C   1 
ATOM   794  O  O   . VAL B 1 33 ? 2.314   -6.437  -1.109  1.00 22.37 ? 33  VAL B O   1 
ATOM   795  C  CB  . VAL B 1 33 ? 0.654   -5.644  1.662   1.00 25.34 ? 33  VAL B CB  1 
ATOM   796  C  CG1 . VAL B 1 33 ? -0.290  -6.334  0.732   1.00 28.71 ? 33  VAL B CG1 1 
ATOM   797  C  CG2 . VAL B 1 33 ? 0.404   -6.136  3.068   1.00 32.76 ? 33  VAL B CG2 1 
ATOM   798  N  N   . LEU B 1 34 ? 2.710   -4.307  -0.401  1.00 18.94 ? 34  LEU B N   1 
ATOM   799  C  CA  . LEU B 1 34 ? 2.954   -3.855  -1.756  1.00 17.52 ? 34  LEU B CA  1 
ATOM   800  C  C   . LEU B 1 34 ? 4.161   -4.585  -2.321  1.00 18.18 ? 34  LEU B C   1 
ATOM   801  O  O   . LEU B 1 34 ? 4.177   -4.891  -3.510  1.00 19.87 ? 34  LEU B O   1 
ATOM   802  C  CB  . LEU B 1 34 ? 3.176   -2.323  -1.808  1.00 18.93 ? 34  LEU B CB  1 
ATOM   803  C  CG  . LEU B 1 34 ? 1.926   -1.486  -1.473  1.00 17.49 ? 34  LEU B CG  1 
ATOM   804  C  CD1 . LEU B 1 34 ? 2.263   -0.017  -1.451  1.00 20.06 ? 34  LEU B CD1 1 
ATOM   805  C  CD2 . LEU B 1 34 ? 0.856   -1.774  -2.517  1.00 24.02 ? 34  LEU B CD2 1 
ATOM   806  N  N   . ASN B 1 35 ? 5.180   -4.832  -1.496  1.00 18.35 ? 35  ASN B N   1 
ATOM   807  C  CA  . ASN B 1 35 ? 6.348   -5.561  -1.966  1.00 17.96 ? 35  ASN B CA  1 
ATOM   808  C  C   . ASN B 1 35 ? 6.004   -6.982  -2.320  1.00 19.54 ? 35  ASN B C   1 
ATOM   809  O  O   . ASN B 1 35 ? 6.484   -7.486  -3.336  1.00 21.70 ? 35  ASN B O   1 
ATOM   810  C  CB  . ASN B 1 35 ? 7.482   -5.475  -0.934  1.00 19.46 ? 35  ASN B CB  1 
ATOM   811  C  CG  . ASN B 1 35 ? 8.774   -6.146  -1.448  1.00 21.54 ? 35  ASN B CG  1 
ATOM   812  O  OD1 . ASN B 1 35 ? 9.320   -5.704  -2.444  1.00 20.65 ? 35  ASN B OD1 1 
ATOM   813  N  ND2 . ASN B 1 35 ? 9.179   -7.236  -0.826  1.00 26.28 ? 35  ASN B ND2 1 
ATOM   814  N  N   . GLU B 1 36 ? 5.186   -7.636  -1.506  1.00 20.96 ? 36  GLU B N   1 
ATOM   815  C  CA  . GLU B 1 36 ? 4.777   -9.004  -1.869  1.00 21.56 ? 36  GLU B CA  1 
ATOM   816  C  C   . GLU B 1 36 ? 4.036   -9.029  -3.180  1.00 21.48 ? 36  GLU B C   1 
ATOM   817  O  O   . GLU B 1 36 ? 4.270   -9.942  -4.012  1.00 24.14 ? 36  GLU B O   1 
ATOM   818  C  CB  . GLU B 1 36 ? 3.892   -9.602  -0.766  1.00 24.91 ? 36  GLU B CB  1 
ATOM   819  C  CG  . GLU B 1 36 ? 4.695   -9.853  0.467   1.00 28.38 ? 36  GLU B CG  1 
ATOM   820  C  CD  . GLU B 1 36 ? 3.881   -10.204 1.709   1.00 38.24 ? 36  GLU B CD  1 
ATOM   821  O  OE1 . GLU B 1 36 ? 2.641   -10.120 1.653   1.00 33.22 ? 36  GLU B OE1 1 
ATOM   822  O  OE2 . GLU B 1 36 ? 4.515   -10.549 2.736   1.00 33.21 ? 36  GLU B OE2 1 
HETATM 823  N  N   . MSE B 1 37 ? 3.150   -8.061  -3.404  1.00 21.69 ? 37  MSE B N   1 
HETATM 824  C  CA  . MSE B 1 37 ? 2.405   -8.089  -4.648  1.00 20.91 ? 37  MSE B CA  1 
HETATM 825  C  C   . MSE B 1 37 ? 3.280   -7.761  -5.829  1.00 19.98 ? 37  MSE B C   1 
HETATM 826  O  O   . MSE B 1 37 ? 3.148   -8.367  -6.903  1.00 24.12 ? 37  MSE B O   1 
HETATM 827  C  CB  . MSE B 1 37 ? 1.223   -7.164  -4.541  1.00 24.30 ? 37  MSE B CB  1 
HETATM 828  C  CG  . MSE B 1 37 ? 0.223   -7.892  -3.693  1.00 37.13 ? 37  MSE B CG  1 
HETATM 829  SE SE  . MSE B 1 37 ? -1.094  -6.692  -3.165  1.00 87.45 ? 37  MSE B SE  1 
HETATM 830  C  CE  . MSE B 1 37 ? -2.068  -7.926  -1.969  1.00 40.23 ? 37  MSE B CE  1 
ATOM   831  N  N   . ALA B 1 38 ? 4.163   -6.780  -5.657  1.00 20.59 ? 38  ALA B N   1 
ATOM   832  C  CA  . ALA B 1 38 ? 5.060   -6.377  -6.747  1.00 22.09 ? 38  ALA B CA  1 
ATOM   833  C  C   . ALA B 1 38 ? 5.919   -7.536  -7.243  1.00 21.66 ? 38  ALA B C   1 
ATOM   834  O  O   . ALA B 1 38 ? 6.294   -7.596  -8.418  1.00 22.98 ? 38  ALA B O   1 
ATOM   835  C  CB  . ALA B 1 38 ? 5.963   -5.219  -6.276  1.00 20.60 ? 38  ALA B CB  1 
ATOM   836  N  N   . ALA B 1 39 ? 6.218   -8.442  -6.331  1.00 23.08 ? 39  ALA B N   1 
ATOM   837  C  CA  . ALA B 1 39 ? 7.101   -9.573  -6.615  1.00 24.32 ? 39  ALA B CA  1 
ATOM   838  C  C   . ALA B 1 39 ? 6.343   -10.813 -7.049  1.00 34.26 ? 39  ALA B C   1 
ATOM   839  O  O   . ALA B 1 39 ? 6.979   -11.769 -7.462  1.00 35.48 ? 39  ALA B O   1 
ATOM   840  C  CB  . ALA B 1 39 ? 7.929   -9.888  -5.390  1.00 23.74 ? 39  ALA B CB  1 
ATOM   841  N  N   . ASP B 1 40 ? 5.007   -10.781 -7.007  1.00 26.32 ? 40  ASP B N   1 
ATOM   842  C  CA  . ASP B 1 40 ? 4.149   -11.969 -7.196  1.00 26.46 ? 40  ASP B CA  1 
ATOM   843  C  C   . ASP B 1 40 ? 3.905   -12.265 -8.673  1.00 34.25 ? 40  ASP B C   1 
ATOM   844  O  O   . ASP B 1 40 ? 3.065   -11.634 -9.301  1.00 30.47 ? 40  ASP B O   1 
ATOM   845  C  CB  . ASP B 1 40 ? 2.805   -11.766 -6.470  1.00 35.59 ? 40  ASP B CB  1 
ATOM   846  C  CG  . ASP B 1 40 ? 2.044   -13.078 -6.237  1.00 41.13 ? 40  ASP B CG  1 
ATOM   847  O  OD1 . ASP B 1 40 ? 2.345   -14.047 -6.950  1.00 36.11 ? 40  ASP B OD1 1 
ATOM   848  O  OD2 . ASP B 1 40 ? 1.142   -13.114 -5.367  1.00 45.21 ? 40  ASP B OD2 1 
ATOM   849  N  N   . ASP B 1 41 ? 4.636   -13.235 -9.221  1.00 40.95 ? 41  ASP B N   1 
ATOM   850  C  CA  . ASP B 1 41 ? 4.490   -13.609 -10.625 1.00 41.77 ? 41  ASP B CA  1 
ATOM   851  C  C   . ASP B 1 41 ? 3.147   -14.229 -10.926 1.00 35.16 ? 41  ASP B C   1 
ATOM   852  O  O   . ASP B 1 41 ? 2.785   -14.393 -12.085 1.00 44.44 ? 41  ASP B O   1 
ATOM   853  C  CB  . ASP B 1 41 ? 5.599   -14.572 -11.031 1.00 50.52 ? 41  ASP B CB  1 
ATOM   854  C  CG  . ASP B 1 41 ? 6.879   -13.854 -11.317 1.00 52.43 ? 41  ASP B CG  1 
ATOM   855  O  OD1 . ASP B 1 41 ? 6.789   -12.640 -11.632 1.00 46.93 ? 41  ASP B OD1 1 
ATOM   856  O  OD2 . ASP B 1 41 ? 7.960   -14.480 -11.200 1.00 56.03 ? 41  ASP B OD2 1 
ATOM   857  N  N   . ALA B 1 42 ? 2.389   -14.557 -9.891  1.00 37.34 ? 42  ALA B N   1 
ATOM   858  C  CA  . ALA B 1 42 ? 1.060   -15.075 -10.142 1.00 42.42 ? 42  ALA B CA  1 
ATOM   859  C  C   . ALA B 1 42 ? 0.107   -13.925 -10.488 1.00 40.78 ? 42  ALA B C   1 
ATOM   860  O  O   . ALA B 1 42 ? -0.910  -14.137 -11.143 1.00 44.78 ? 42  ALA B O   1 
ATOM   861  C  CB  . ALA B 1 42 ? 0.551   -15.858 -8.930  1.00 43.09 ? 42  ALA B CB  1 
ATOM   862  N  N   . LEU B 1 43 ? 0.481   -12.697 -10.125 1.00 32.73 ? 43  LEU B N   1 
ATOM   863  C  CA  . LEU B 1 43 ? -0.319  -11.528 -10.464 1.00 27.24 ? 43  LEU B CA  1 
ATOM   864  C  C   . LEU B 1 43 ? 0.084   -10.976 -11.814 1.00 26.47 ? 43  LEU B C   1 
ATOM   865  O  O   . LEU B 1 43 ? 1.243   -11.107 -12.210 1.00 32.43 ? 43  LEU B O   1 
ATOM   866  C  CB  . LEU B 1 43 ? -0.158  -10.435 -9.392  1.00 26.61 ? 43  LEU B CB  1 
ATOM   867  C  CG  . LEU B 1 43 ? -0.439  -10.842 -7.939  1.00 30.98 ? 43  LEU B CG  1 
ATOM   868  C  CD1 . LEU B 1 43 ? -0.183  -9.655  -6.979  1.00 31.21 ? 43  LEU B CD1 1 
ATOM   869  C  CD2 . LEU B 1 43 ? -1.866  -11.351 -7.800  1.00 33.98 ? 43  LEU B CD2 1 
ATOM   870  N  N   . SER B 1 44 ? -0.846  -10.325 -12.510 1.00 27.23 ? 44  SER B N   1 
ATOM   871  C  CA  . SER B 1 44 ? -0.526  -9.748  -13.818 1.00 24.84 ? 44  SER B CA  1 
ATOM   872  C  C   . SER B 1 44 ? 0.562   -8.691  -13.709 1.00 25.09 ? 44  SER B C   1 
ATOM   873  O  O   . SER B 1 44 ? 0.806   -8.138  -12.632 1.00 26.03 ? 44  SER B O   1 
ATOM   874  C  CB  . SER B 1 44 ? -1.761  -9.121  -14.456 1.00 30.47 ? 44  SER B CB  1 
ATOM   875  O  OG  . SER B 1 44 ? -2.123  -7.918  -13.787 1.00 31.99 ? 44  SER B OG  1 
ATOM   876  N  N   . GLU B 1 45 ? 1.247   -8.425  -14.810 1.00 24.88 ? 45  GLU B N   1 
ATOM   877  C  CA  . GLU B 1 45 ? 2.298   -7.421  -14.774 1.00 25.47 ? 45  GLU B CA  1 
ATOM   878  C  C   . GLU B 1 45 ? 1.694   -6.050  -14.438 1.00 25.73 ? 45  GLU B C   1 
ATOM   879  O  O   . GLU B 1 45 ? 2.304   -5.237  -13.715 1.00 24.46 ? 45  GLU B O   1 
ATOM   880  C  CB  . GLU B 1 45 ? 3.053   -7.385  -16.109 1.00 30.74 ? 45  GLU B CB  1 
ATOM   881  C  CG  . GLU B 1 45 ? 4.163   -6.340  -16.140 1.00 29.85 ? 45  GLU B CG  1 
ATOM   882  C  CD  . GLU B 1 45 ? 5.130   -6.530  -17.290 1.00 48.56 ? 45  GLU B CD  1 
ATOM   883  O  OE1 . GLU B 1 45 ? 4.650   -6.770  -18.425 1.00 44.94 ? 45  GLU B OE1 1 
ATOM   884  O  OE2 . GLU B 1 45 ? 6.367   -6.465  -17.030 1.00 40.21 ? 45  GLU B OE2 1 
ATOM   885  N  N   . ALA B 1 46 ? 0.485   -5.759  -14.919 1.00 25.07 ? 46  ALA B N   1 
ATOM   886  C  CA  . ALA B 1 46 ? -0.118  -4.468  -14.618 1.00 23.43 ? 46  ALA B CA  1 
ATOM   887  C  C   . ALA B 1 46 ? -0.324  -4.312  -13.102 1.00 22.38 ? 46  ALA B C   1 
ATOM   888  O  O   . ALA B 1 46 ? -0.083  -3.239  -12.517 1.00 24.37 ? 46  ALA B O   1 
ATOM   889  C  CB  . ALA B 1 46 ? -1.450  -4.294  -15.348 1.00 31.51 ? 46  ALA B CB  1 
ATOM   890  N  N   . VAL B 1 47 ? -0.749  -5.391  -12.463 1.00 24.11 ? 47  VAL B N   1 
ATOM   891  C  CA  . VAL B 1 47 ? -0.999  -5.344  -11.023 1.00 22.85 ? 47  VAL B CA  1 
ATOM   892  C  C   . VAL B 1 47 ? 0.331   -5.182  -10.252 1.00 22.90 ? 47  VAL B C   1 
ATOM   893  O  O   . VAL B 1 47 ? 0.431   -4.376  -9.321  1.00 22.52 ? 47  VAL B O   1 
ATOM   894  C  CB  . VAL B 1 47 ? -1.756  -6.605  -10.553 1.00 25.54 ? 47  VAL B CB  1 
ATOM   895  C  CG1 . VAL B 1 47 ? -1.681  -6.794  -9.063  1.00 27.35 ? 47  VAL B CG1 1 
ATOM   896  C  CG2 . VAL B 1 47 ? -3.262  -6.523  -11.013 1.00 25.71 ? 47  VAL B CG2 1 
ATOM   897  N  N   . ARG B 1 48 ? 1.341   -5.955  -10.641 1.00 22.02 ? 48  ARG B N   1 
ATOM   898  C  CA  . ARG B 1 48 ? 2.637   -5.861  -10.015 1.00 22.48 ? 48  ARG B CA  1 
ATOM   899  C  C   . ARG B 1 48 ? 3.156   -4.433  -10.146 1.00 21.82 ? 48  ARG B C   1 
ATOM   900  O  O   . ARG B 1 48 ? 3.690   -3.912  -9.203  1.00 21.01 ? 48  ARG B O   1 
ATOM   901  C  CB  . ARG B 1 48 ? 3.628   -6.851  -10.643 1.00 21.78 ? 48  ARG B CB  1 
ATOM   902  C  CG  . ARG B 1 48 ? 3.278   -8.305  -10.381 1.00 23.63 ? 48  ARG B CG  1 
ATOM   903  C  CD  . ARG B 1 48 ? 4.463   -9.215  -10.752 1.00 25.75 ? 48  ARG B CD  1 
ATOM   904  N  NE  . ARG B 1 48 ? 5.015   -8.991  -12.089 1.00 41.91 ? 48  ARG B NE  1 
ATOM   905  C  CZ  . ARG B 1 48 ? 4.688   -9.679  -13.195 1.00 43.45 ? 48  ARG B CZ  1 
ATOM   906  N  NH1 . ARG B 1 48 ? 3.758   -10.627 -13.171 1.00 38.54 ? 48  ARG B NH1 1 
ATOM   907  N  NH2 . ARG B 1 48 ? 5.284   -9.398  -14.348 1.00 44.36 ? 48  ARG B NH2 1 
ATOM   908  N  N   . GLU B 1 49 ? 2.999   -3.812  -11.317 1.00 20.80 ? 49  GLU B N   1 
ATOM   909  C  CA  . GLU B 1 49 ? 3.510   -2.476  -11.572 1.00 19.84 ? 49  GLU B CA  1 
ATOM   910  C  C   . GLU B 1 49 ? 2.802   -1.432  -10.730 1.00 20.43 ? 49  GLU B C   1 
ATOM   911  O  O   . GLU B 1 49 ? 3.438   -0.521  -10.185 1.00 19.76 ? 49  GLU B O   1 
ATOM   912  C  CB  . GLU B 1 49 ? 3.396   -2.146  -13.064 1.00 22.16 ? 49  GLU B CB  1 
ATOM   913  C  CG  . GLU B 1 49 ? 4.376   -2.910  -13.966 1.00 21.80 ? 49  GLU B CG  1 
ATOM   914  C  CD  . GLU B 1 49 ? 5.807   -2.371  -13.899 1.00 24.24 ? 49  GLU B CD  1 
ATOM   915  O  OE1 . GLU B 1 49 ? 6.076   -1.365  -13.210 1.00 23.34 ? 49  GLU B OE1 1 
ATOM   916  O  OE2 . GLU B 1 49 ? 6.655   -2.995  -14.559 1.00 21.76 ? 49  GLU B OE2 1 
ATOM   917  N  N   . LYS B 1 50 ? 1.486   -1.562  -10.626 1.00 21.02 ? 50  LYS B N   1 
ATOM   918  C  CA  . LYS B 1 50 ? 0.732   -0.631  -9.766  1.00 20.38 ? 50  LYS B CA  1 
ATOM   919  C  C   . LYS B 1 50 ? 1.190   -0.701  -8.303  1.00 19.78 ? 50  LYS B C   1 
ATOM   920  O  O   . LYS B 1 50 ? 1.389   0.339   -7.653  1.00 20.47 ? 50  LYS B O   1 
ATOM   921  C  CB  . LYS B 1 50 ? -0.782  -0.923  -9.856  1.00 23.56 ? 50  LYS B CB  1 
ATOM   922  C  CG  . LYS B 1 50 ? -1.450  -0.359  -11.106 1.00 39.83 ? 50  LYS B CG  1 
ATOM   923  C  CD  . LYS B 1 50 ? -2.866  -0.909  -11.242 1.00 37.33 ? 50  LYS B CD  1 
ATOM   924  C  CE  . LYS B 1 50 ? -3.715  -0.509  -10.058 1.00 48.33 ? 50  LYS B CE  1 
ATOM   925  N  NZ  . LYS B 1 50 ? -5.083  -1.182  -10.043 1.00 46.14 ? 50  LYS B NZ  1 
ATOM   926  N  N   . ALA B 1 51 ? 1.395   -1.903  -7.807  1.00 20.02 ? 51  ALA B N   1 
ATOM   927  C  CA  . ALA B 1 51 ? 1.867   -2.075  -6.458  1.00 18.15 ? 51  ALA B CA  1 
ATOM   928  C  C   . ALA B 1 51 ? 3.275   -1.502  -6.323  1.00 18.55 ? 51  ALA B C   1 
ATOM   929  O  O   . ALA B 1 51 ? 3.592   -0.792  -5.360  1.00 19.38 ? 51  ALA B O   1 
ATOM   930  C  CB  . ALA B 1 51 ? 1.859   -3.546  -6.090  1.00 21.80 ? 51  ALA B CB  1 
ATOM   931  N  N   . ALA B 1 52 ? 4.128   -1.808  -7.304  1.00 19.58 ? 52  ALA B N   1 
ATOM   932  C  CA  . ALA B 1 52 ? 5.503   -1.350  -7.226  1.00 18.27 ? 52  ALA B CA  1 
ATOM   933  C  C   . ALA B 1 52 ? 5.614   0.144   -7.237  1.00 18.02 ? 52  ALA B C   1 
ATOM   934  O  O   . ALA B 1 52 ? 6.423   0.686   -6.510  1.00 17.75 ? 52  ALA B O   1 
ATOM   935  C  CB  . ALA B 1 52 ? 6.334   -1.936  -8.400  1.00 19.18 ? 52  ALA B CB  1 
ATOM   936  N  N   . TYR B 1 53 ? 4.847   0.798   -8.105  1.00 18.62 ? 53  TYR B N   1 
ATOM   937  C  CA  . TYR B 1 53 ? 4.942   2.222   -8.196  1.00 18.60 ? 53  TYR B CA  1 
ATOM   938  C  C   . TYR B 1 53 ? 4.510   2.872   -6.869  1.00 18.51 ? 53  TYR B C   1 
ATOM   939  O  O   . TYR B 1 53 ? 5.183   3.802   -6.390  1.00 18.20 ? 53  TYR B O   1 
ATOM   940  C  CB  . TYR B 1 53 ? 4.111   2.772   -9.328  1.00 21.38 ? 53  TYR B CB  1 
ATOM   941  C  CG  . TYR B 1 53 ? 4.215   4.294   -9.360  1.00 20.96 ? 53  TYR B CG  1 
ATOM   942  C  CD1 . TYR B 1 53 ? 5.285   4.896   -9.986  1.00 21.69 ? 53  TYR B CD1 1 
ATOM   943  C  CD2 . TYR B 1 53 ? 3.299   5.103   -8.695  1.00 20.59 ? 53  TYR B CD2 1 
ATOM   944  C  CE1 . TYR B 1 53 ? 5.384   6.269   -10.012 1.00 20.63 ? 53  TYR B CE1 1 
ATOM   945  C  CE2 . TYR B 1 53 ? 3.387   6.469   -8.697  1.00 22.08 ? 53  TYR B CE2 1 
ATOM   946  C  CZ  . TYR B 1 53 ? 4.446   7.059   -9.352  1.00 20.88 ? 53  TYR B CZ  1 
ATOM   947  O  OH  . TYR B 1 53 ? 4.530   8.429   -9.324  1.00 22.36 ? 53  TYR B OH  1 
ATOM   948  N  N   . ALA B 1 54 ? 3.400   2.394   -6.287  1.00 18.19 ? 54  ALA B N   1 
ATOM   949  C  CA  . ALA B 1 54 ? 2.937   3.011   -5.049  1.00 18.12 ? 54  ALA B CA  1 
ATOM   950  C  C   . ALA B 1 54 ? 3.947   2.854   -3.946  1.00 15.08 ? 54  ALA B C   1 
ATOM   951  O  O   . ALA B 1 54 ? 4.175   3.808   -3.141  1.00 17.36 ? 54  ALA B O   1 
ATOM   952  C  CB  . ALA B 1 54 ? 1.592   2.403   -4.621  1.00 19.51 ? 54  ALA B CB  1 
ATOM   953  N  N   . ALA B 1 55 ? 4.590   1.681   -3.871  1.00 17.70 ? 55  ALA B N   1 
ATOM   954  C  CA  . ALA B 1 55 ? 5.628   1.470   -2.879  1.00 17.24 ? 55  ALA B CA  1 
ATOM   955  C  C   . ALA B 1 55 ? 6.865   2.339   -3.104  1.00 15.47 ? 55  ALA B C   1 
ATOM   956  O  O   . ALA B 1 55 ? 7.411   2.955   -2.189  1.00 16.89 ? 55  ALA B O   1 
ATOM   957  C  CB  . ALA B 1 55 ? 6.046   0.003   -2.863  1.00 17.39 ? 55  ALA B CB  1 
ATOM   958  N  N   . ALA B 1 56 ? 7.330   2.341   -4.343  1.00 16.06 ? 56  ALA B N   1 
ATOM   959  C  CA  . ALA B 1 56 ? 8.483   3.154   -4.669  1.00 16.85 ? 56  ALA B CA  1 
ATOM   960  C  C   . ALA B 1 56 ? 8.273   4.628   -4.382  1.00 16.59 ? 56  ALA B C   1 
ATOM   961  O  O   . ALA B 1 56 ? 9.179   5.293   -3.844  1.00 17.67 ? 56  ALA B O   1 
ATOM   962  C  CB  . ALA B 1 56 ? 8.838   2.936   -6.144  1.00 18.81 ? 56  ALA B CB  1 
ATOM   963  N  N   . ASN B 1 57 ? 7.093   5.139   -4.749  1.00 16.06 ? 57  ASN B N   1 
ATOM   964  C  CA  . ASN B 1 57 ? 6.740   6.504   -4.518  1.00 16.18 ? 57  ASN B CA  1 
ATOM   965  C  C   . ASN B 1 57 ? 6.698   6.813   -3.010  1.00 16.71 ? 57  ASN B C   1 
ATOM   966  O  O   . ASN B 1 57 ? 7.187   7.851   -2.567  1.00 17.72 ? 57  ASN B O   1 
ATOM   967  C  CB  . ASN B 1 57 ? 5.391   6.780   -5.216  1.00 17.59 ? 57  ASN B CB  1 
ATOM   968  C  CG  . ASN B 1 57 ? 5.025   8.230   -5.217  1.00 21.71 ? 57  ASN B CG  1 
ATOM   969  O  OD1 . ASN B 1 57 ? 5.468   9.007   -6.066  1.00 18.73 ? 57  ASN B OD1 1 
ATOM   970  N  ND2 . ASN B 1 57 ? 4.166   8.633   -4.237  1.00 19.60 ? 57  ASN B ND2 1 
ATOM   971  N  N   . LEU B 1 58 ? 6.159   5.883   -2.233  1.00 16.87 ? 58  LEU B N   1 
ATOM   972  C  CA  . LEU B 1 58 ? 6.190   6.097   -0.783  1.00 17.94 ? 58  LEU B CA  1 
ATOM   973  C  C   . LEU B 1 58 ? 7.607   6.125   -0.226  1.00 18.10 ? 58  LEU B C   1 
ATOM   974  O  O   . LEU B 1 58 ? 7.938   6.973   0.628   1.00 18.43 ? 58  LEU B O   1 
ATOM   975  C  CB  . LEU B 1 58 ? 5.368   5.006   -0.085  1.00 19.09 ? 58  LEU B CB  1 
ATOM   976  C  CG  . LEU B 1 58 ? 5.278   5.157   1.436   1.00 18.66 ? 58  LEU B CG  1 
ATOM   977  C  CD1 . LEU B 1 58 ? 4.599   6.470   1.862   1.00 21.13 ? 58  LEU B CD1 1 
ATOM   978  C  CD2 . LEU B 1 58 ? 4.489   3.999   2.059   1.00 18.07 ? 58  LEU B CD2 1 
ATOM   979  N  N   . LEU B 1 59 ? 8.461   5.214   -0.701  1.00 16.61 ? 59  LEU B N   1 
ATOM   980  C  CA  . LEU B 1 59 ? 9.842   5.190   -0.234  1.00 16.72 ? 59  LEU B CA  1 
ATOM   981  C  C   . LEU B 1 59 ? 10.582  6.463   -0.576  1.00 16.46 ? 59  LEU B C   1 
ATOM   982  O  O   . LEU B 1 59 ? 11.390  6.931   0.236   1.00 17.29 ? 59  LEU B O   1 
ATOM   983  C  CB  . LEU B 1 59 ? 10.591  4.001   -0.849  1.00 16.96 ? 59  LEU B CB  1 
ATOM   984  C  CG  . LEU B 1 59 ? 10.088  2.642   -0.322  1.00 15.32 ? 59  LEU B CG  1 
ATOM   985  C  CD1 . LEU B 1 59 ? 10.472  1.514   -1.316  1.00 17.15 ? 59  LEU B CD1 1 
ATOM   986  C  CD2 . LEU B 1 59 ? 10.729  2.369   1.046   1.00 20.01 ? 59  LEU B CD2 1 
ATOM   987  N  N   . VAL B 1 60 ? 10.360  6.998   -1.763  1.00 16.89 ? 60  VAL B N   1 
ATOM   988  C  CA  . VAL B 1 60 ? 11.110  8.177   -2.151  1.00 18.39 ? 60  VAL B CA  1 
ATOM   989  C  C   . VAL B 1 60 ? 10.527  9.417   -1.458  1.00 20.81 ? 60  VAL B C   1 
ATOM   990  O  O   . VAL B 1 60 ? 11.237  10.395  -1.249  1.00 21.94 ? 60  VAL B O   1 
ATOM   991  C  CB  . VAL B 1 60 ? 11.163  8.280   -3.707  1.00 23.66 ? 60  VAL B CB  1 
ATOM   992  C  CG1 . VAL B 1 60 ? 9.956   8.907   -4.261  1.00 24.72 ? 60  VAL B CG1 1 
ATOM   993  C  CG2 . VAL B 1 60 ? 12.456  9.052   -4.169  1.00 23.63 ? 60  VAL B CG2 1 
ATOM   994  N  N   . SER B 1 61 ? 9.261   9.347   -1.039  1.00 18.68 ? 61  SER B N   1 
ATOM   995  C  CA  . SER B 1 61 ? 8.657   10.431  -0.265  1.00 21.67 ? 61  SER B CA  1 
ATOM   996  C  C   . SER B 1 61 ? 9.323   10.590  1.070   1.00 20.80 ? 61  SER B C   1 
ATOM   997  O  O   . SER B 1 61 ? 10.016  9.707   1.548   1.00 19.61 ? 61  SER B O   1 
ATOM   998  C  CB  . SER B 1 61 ? 7.156   10.177  -0.035  1.00 19.57 ? 61  SER B CB  1 
ATOM   999  O  OG  . SER B 1 61 ? 6.916   9.338   1.095   1.00 19.93 ? 61  SER B OG  1 
ATOM   1000 N  N   . ASP B 1 62 ? 9.030   11.709  1.737   1.00 21.23 ? 62  ASP B N   1 
ATOM   1001 C  CA  . ASP B 1 62 ? 9.581   11.912  3.068   1.00 22.72 ? 62  ASP B CA  1 
ATOM   1002 C  C   . ASP B 1 62 ? 8.739   11.271  4.210   1.00 22.35 ? 62  ASP B C   1 
ATOM   1003 O  O   . ASP B 1 62 ? 9.052   11.412  5.383   1.00 23.63 ? 62  ASP B O   1 
ATOM   1004 C  CB  . ASP B 1 62 ? 9.756   13.398  3.319   1.00 23.85 ? 62  ASP B CB  1 
ATOM   1005 C  CG  . ASP B 1 62 ? 10.953  13.971  2.598   1.00 36.68 ? 62  ASP B CG  1 
ATOM   1006 O  OD1 . ASP B 1 62 ? 11.871  13.211  2.181   1.00 30.79 ? 62  ASP B OD1 1 
ATOM   1007 O  OD2 . ASP B 1 62 ? 10.983  15.204  2.436   1.00 30.39 ? 62  ASP B OD2 1 
ATOM   1008 N  N   . TYR B 1 63 ? 7.697   10.506  3.856   1.00 19.80 ? 63  TYR B N   1 
ATOM   1009 C  CA  . TYR B 1 63 ? 6.959   9.784   4.896   1.00 20.86 ? 63  TYR B CA  1 
ATOM   1010 C  C   . TYR B 1 63 ? 7.757   8.634   5.494   1.00 21.50 ? 63  TYR B C   1 
ATOM   1011 O  O   . TYR B 1 63 ? 7.457   8.170   6.588   1.00 23.13 ? 63  TYR B O   1 
ATOM   1012 C  CB  . TYR B 1 63 ? 5.653   9.230   4.343   1.00 21.52 ? 63  TYR B CB  1 
ATOM   1013 C  CG  . TYR B 1 63 ? 4.632   10.307  4.063   1.00 20.25 ? 63  TYR B CG  1 
ATOM   1014 C  CD1 . TYR B 1 63 ? 3.823   10.788  5.093   1.00 23.91 ? 63  TYR B CD1 1 
ATOM   1015 C  CD2 . TYR B 1 63 ? 4.503   10.875  2.817   1.00 23.47 ? 63  TYR B CD2 1 
ATOM   1016 C  CE1 . TYR B 1 63 ? 2.925   11.777  4.861   1.00 23.29 ? 63  TYR B CE1 1 
ATOM   1017 C  CE2 . TYR B 1 63 ? 3.586   11.877  2.572   1.00 27.58 ? 63  TYR B CE2 1 
ATOM   1018 C  CZ  . TYR B 1 63 ? 2.798   12.311  3.610   1.00 26.71 ? 63  TYR B CZ  1 
ATOM   1019 O  OH  . TYR B 1 63 ? 1.874   13.309  3.370   1.00 30.24 ? 63  TYR B OH  1 
ATOM   1020 N  N   . VAL B 1 64 ? 8.758   8.150   4.754   1.00 21.20 ? 64  VAL B N   1 
ATOM   1021 C  CA  . VAL B 1 64 ? 9.579   7.022   5.168   1.00 22.53 ? 64  VAL B CA  1 
ATOM   1022 C  C   . VAL B 1 64 ? 11.052  7.340   4.925   1.00 21.24 ? 64  VAL B C   1 
ATOM   1023 O  O   . VAL B 1 64 ? 11.401  8.000   3.928   1.00 20.13 ? 64  VAL B O   1 
ATOM   1024 C  CB  . VAL B 1 64 ? 9.180   5.727   4.383   1.00 25.48 ? 64  VAL B CB  1 
ATOM   1025 C  CG1 . VAL B 1 64 ? 10.132  4.589   4.611   1.00 29.92 ? 64  VAL B CG1 1 
ATOM   1026 C  CG2 . VAL B 1 64 ? 7.779   5.269   4.826   1.00 26.02 ? 64  VAL B CG2 1 
ATOM   1027 N  N   . ASN B 1 65 ? 11.892  6.910   5.857   1.00 20.63 ? 65  ASN B N   1 
ATOM   1028 C  CA  . ASN B 1 65 ? 13.331  6.874   5.644   1.00 22.15 ? 65  ASN B CA  1 
ATOM   1029 C  C   . ASN B 1 65 ? 13.613  5.547   4.996   1.00 20.00 ? 65  ASN B C   1 
ATOM   1030 O  O   . ASN B 1 65 ? 13.653  4.511   5.643   1.00 21.22 ? 65  ASN B O   1 
ATOM   1031 C  CB  . ASN B 1 65 ? 14.074  7.044   6.986   1.00 24.30 ? 65  ASN B CB  1 
ATOM   1032 C  CG  . ASN B 1 65 ? 13.700  8.350   7.685   1.00 39.41 ? 65  ASN B CG  1 
ATOM   1033 O  OD1 . ASN B 1 65 ? 13.630  9.400   7.042   1.00 41.77 ? 65  ASN B OD1 1 
ATOM   1034 N  ND2 . ASN B 1 65 ? 13.410  8.284   8.991   1.00 43.78 ? 65  ASN B ND2 1 
ATOM   1035 N  N   . GLU B 1 66 ? 13.763  5.579   3.677   1.00 18.38 ? 66  GLU B N   1 
ATOM   1036 C  CA  . GLU B 1 66 ? 13.690  4.326   2.948   1.00 20.46 ? 66  GLU B CA  1 
ATOM   1037 C  C   . GLU B 1 66 ? 14.874  3.397   3.201   1.00 19.21 ? 66  GLU B C   1 
ATOM   1038 O  O   . GLU B 1 66 ? 14.798  2.214   2.883   1.00 22.56 ? 66  GLU B O   1 
ATOM   1039 C  CB  . GLU B 1 66 ? 13.542  4.591   1.437   1.00 19.40 ? 66  GLU B CB  1 
ATOM   1040 C  CG  . GLU B 1 66 ? 14.688  5.415   0.782   1.00 18.58 ? 66  GLU B CG  1 
ATOM   1041 C  CD  . GLU B 1 66 ? 14.468  6.887   0.756   1.00 17.10 ? 66  GLU B CD  1 
ATOM   1042 O  OE1 . GLU B 1 66 ? 13.983  7.520   1.759   1.00 17.96 ? 66  GLU B OE1 1 
ATOM   1043 O  OE2 . GLU B 1 66 ? 14.718  7.543   -0.263  1.00 17.87 ? 66  GLU B OE2 1 
ATOM   1044 N  N   . LEU B 1 67 ? 15.978  3.947   3.713   1.00 21.88 ? 67  LEU B N   1 
ATOM   1045 C  CA  . LEU B 1 67 ? 17.131  3.101   4.031   1.00 22.86 ? 67  LEU B CA  1 
ATOM   1046 C  C   . LEU B 1 67 ? 16.995  2.400   5.353   1.00 27.89 ? 67  LEU B C   1 
ATOM   1047 O  O   . LEU B 1 67 ? 17.715  1.453   5.606   1.00 28.29 ? 67  LEU B O   1 
ATOM   1048 C  CB  . LEU B 1 67 ? 18.416  3.919   4.072   1.00 22.88 ? 67  LEU B CB  1 
ATOM   1049 C  CG  . LEU B 1 67 ? 18.774  4.573   2.751   1.00 22.37 ? 67  LEU B CG  1 
ATOM   1050 C  CD1 . LEU B 1 67 ? 20.092  5.353   2.979   1.00 26.13 ? 67  LEU B CD1 1 
ATOM   1051 C  CD2 . LEU B 1 67 ? 18.953  3.594   1.606   1.00 33.70 ? 67  LEU B CD2 1 
ATOM   1052 N  N   . GLU B 1 68 ? 16.169  2.917   6.247   1.00 26.68 ? 68  GLU B N   1 
ATOM   1053 C  CA  . GLU B 1 68 ? 16.328  2.466   7.616   1.00 35.13 ? 68  GLU B CA  1 
ATOM   1054 C  C   . GLU B 1 68 ? 15.024  2.275   8.326   1.00 34.99 ? 68  GLU B C   1 
ATOM   1055 O  O   . GLU B 1 68 ? 15.033  1.979   9.512   1.00 42.53 ? 68  GLU B O   1 
ATOM   1056 C  CB  . GLU B 1 68 ? 17.231  3.430   8.416   1.00 36.41 ? 68  GLU B CB  1 
ATOM   1057 C  CG  . GLU B 1 68 ? 16.615  4.711   8.868   1.00 41.89 ? 68  GLU B CG  1 
ATOM   1058 C  CD  . GLU B 1 68 ? 17.623  5.656   9.535   1.00 44.97 ? 68  GLU B CD  1 
ATOM   1059 O  OE1 . GLU B 1 68 ? 17.432  6.894   9.454   1.00 58.43 ? 68  GLU B OE1 1 
ATOM   1060 O  OE2 . GLU B 1 68 ? 18.603  5.180   10.150  1.00 41.75 ? 68  GLU B OE2 1 
ATOM   1061 N  N   . HIS B 1 69 ? 13.909  2.377   7.609   1.00 31.15 ? 69  HIS B N   1 
ATOM   1062 C  CA  . HIS B 1 69 ? 12.613  2.039   8.189   1.00 34.64 ? 69  HIS B CA  1 
ATOM   1063 C  C   . HIS B 1 69 ? 12.619  0.612   8.801   1.00 47.04 ? 69  HIS B C   1 
ATOM   1064 O  O   . HIS B 1 69 ? 12.105  0.403   9.916   1.00 42.09 ? 69  HIS B O   1 
ATOM   1065 C  CB  . HIS B 1 69 ? 11.497  2.186   7.122   1.00 30.77 ? 69  HIS B CB  1 
ATOM   1066 C  CG  . HIS B 1 69 ? 10.129  2.298   7.718   1.00 35.75 ? 69  HIS B CG  1 
ATOM   1067 N  ND1 . HIS B 1 69 ? 9.585   3.490   8.133   1.00 37.60 ? 69  HIS B ND1 1 
ATOM   1068 C  CD2 . HIS B 1 69 ? 9.226   1.339   8.030   1.00 31.11 ? 69  HIS B CD2 1 
ATOM   1069 C  CE1 . HIS B 1 69 ? 8.396   3.264   8.679   1.00 26.31 ? 69  HIS B CE1 1 
ATOM   1070 N  NE2 . HIS B 1 69 ? 8.161   1.965   8.635   1.00 38.15 ? 69  HIS B NE2 1 
ATOM   1071 N  N   . HIS B 1 70 ? 13.274  -0.323  8.107   1.00 48.38 ? 70  HIS B N   1 
ATOM   1072 C  CA  . HIS B 1 70 ? 13.273  -1.751  8.428   1.00 42.57 ? 70  HIS B CA  1 
ATOM   1073 C  C   . HIS B 1 70 ? 14.013  -2.573  7.366   1.00 50.53 ? 70  HIS B C   1 
ATOM   1074 O  O   . HIS B 1 70 ? 15.241  -2.716  7.382   1.00 52.25 ? 70  HIS B O   1 
ATOM   1075 C  CB  . HIS B 1 70 ? 11.848  -2.276  8.547   1.00 55.84 ? 70  HIS B CB  1 
ATOM   1076 C  CG  . HIS B 1 70 ? 11.100  -2.331  7.239   1.00 63.07 ? 70  HIS B CG  1 
ATOM   1077 N  ND1 . HIS B 1 70 ? 10.407  -1.249  6.729   1.00 62.05 ? 70  HIS B ND1 1 
ATOM   1078 C  CD2 . HIS B 1 70 ? 10.913  -3.343  6.355   1.00 64.01 ? 70  HIS B CD2 1 
ATOM   1079 C  CE1 . HIS B 1 70 ? 9.840   -1.587  5.582   1.00 50.26 ? 70  HIS B CE1 1 
ATOM   1080 N  NE2 . HIS B 1 70 ? 10.129  -2.855  5.335   1.00 64.72 ? 70  HIS B NE2 1 
HETATM 1081 O  O   . HOH C 2 .  ? -5.597  11.719  12.656  1.00 47.60 ? 101 HOH A O   1 
HETATM 1082 O  O   . HOH C 2 .  ? -0.539  -10.797 -1.178  1.00 51.41 ? 102 HOH A O   1 
HETATM 1083 O  O   . HOH C 2 .  ? 15.132  -2.168  2.741   1.00 38.36 ? 103 HOH A O   1 
HETATM 1084 O  O   . HOH C 2 .  ? 21.892  -6.591  4.331   1.00 52.54 ? 104 HOH A O   1 
HETATM 1085 O  O   . HOH C 2 .  ? -4.497  12.582  6.364   1.00 25.88 ? 105 HOH A O   1 
HETATM 1086 O  O   . HOH C 2 .  ? 13.763  -10.087 -10.317 1.00 28.18 ? 106 HOH A O   1 
HETATM 1087 O  O   . HOH C 2 .  ? 10.427  8.044   -18.849 1.00 34.97 ? 107 HOH A O   1 
HETATM 1088 O  O   . HOH C 2 .  ? 14.087  4.179   -17.280 1.00 25.52 ? 108 HOH A O   1 
HETATM 1089 O  O   . HOH C 2 .  ? -15.051 -7.847  -4.338  1.00 45.23 ? 109 HOH A O   1 
HETATM 1090 O  O   . HOH C 2 .  ? 5.324   14.214  -0.874  1.00 28.22 ? 110 HOH A O   1 
HETATM 1091 O  O   . HOH C 2 .  ? 18.379  -0.378  3.291   1.00 33.97 ? 111 HOH A O   1 
HETATM 1092 O  O   . HOH C 2 .  ? 9.110   2.724   -15.775 1.00 27.11 ? 112 HOH A O   1 
HETATM 1093 O  O   . HOH C 2 .  ? -10.620 -2.832  -8.441  1.00 34.51 ? 113 HOH A O   1 
HETATM 1094 O  O   . HOH C 2 .  ? -4.076  13.915  1.965   1.00 41.99 ? 114 HOH A O   1 
HETATM 1095 O  O   . HOH C 2 .  ? 14.934  1.081   -14.898 1.00 39.78 ? 115 HOH A O   1 
HETATM 1096 O  O   . HOH C 2 .  ? -8.176  -8.518  5.753   1.00 26.64 ? 116 HOH A O   1 
HETATM 1097 O  O   . HOH C 2 .  ? 18.078  5.893   -1.424  1.00 33.19 ? 117 HOH A O   1 
HETATM 1098 O  O   . HOH C 2 .  ? 16.263  10.363  -16.032 1.00 20.27 ? 118 HOH A O   1 
HETATM 1099 O  O   . HOH C 2 .  ? -13.603 -7.078  -2.230  1.00 24.88 ? 119 HOH A O   1 
HETATM 1100 O  O   . HOH C 2 .  ? 5.200   8.953   -14.290 1.00 42.76 ? 120 HOH A O   1 
HETATM 1101 O  O   . HOH C 2 .  ? 10.149  12.180  -10.579 1.00 23.25 ? 121 HOH A O   1 
HETATM 1102 O  O   . HOH C 2 .  ? 10.383  -6.162  -13.812 1.00 38.85 ? 122 HOH A O   1 
HETATM 1103 O  O   . HOH C 2 .  ? 16.472  6.015   -14.160 1.00 25.33 ? 123 HOH A O   1 
HETATM 1104 O  O   . HOH C 2 .  ? 16.791  1.628   -6.341  1.00 24.51 ? 124 HOH A O   1 
HETATM 1105 O  O   . HOH C 2 .  ? 0.302   11.595  1.671   1.00 24.90 ? 125 HOH A O   1 
HETATM 1106 O  O   . HOH C 2 .  ? -11.941 -13.668 3.912   1.00 40.21 ? 126 HOH A O   1 
HETATM 1107 O  O   . HOH C 2 .  ? -3.588  2.690   -9.183  1.00 49.64 ? 127 HOH A O   1 
HETATM 1108 O  O   . HOH C 2 .  ? -13.700 -9.689  -1.486  1.00 30.76 ? 128 HOH A O   1 
HETATM 1109 O  O   . HOH C 2 .  ? -8.364  6.191   13.852  1.00 31.99 ? 129 HOH A O   1 
HETATM 1110 O  O   . HOH C 2 .  ? 17.455  -4.070  -11.964 1.00 30.03 ? 130 HOH A O   1 
HETATM 1111 O  O   . HOH C 2 .  ? -3.076  12.154  10.640  1.00 38.48 ? 131 HOH A O   1 
HETATM 1112 O  O   . HOH C 2 .  ? -6.327  8.539   13.187  1.00 22.30 ? 132 HOH A O   1 
HETATM 1113 O  O   . HOH C 2 .  ? -4.846  -12.782 3.086   1.00 34.45 ? 133 HOH A O   1 
HETATM 1114 O  O   . HOH C 2 .  ? -4.915  -13.488 -7.635  1.00 43.32 ? 134 HOH A O   1 
HETATM 1115 O  O   . HOH C 2 .  ? 15.640  1.725   -12.548 1.00 24.14 ? 135 HOH A O   1 
HETATM 1116 O  O   . HOH C 2 .  ? -8.690  9.651   13.078  1.00 45.38 ? 136 HOH A O   1 
HETATM 1117 O  O   . HOH C 2 .  ? 1.260   11.352  8.383   1.00 33.33 ? 137 HOH A O   1 
HETATM 1118 O  O   . HOH C 2 .  ? 17.271  6.812   -18.039 1.00 31.59 ? 138 HOH A O   1 
HETATM 1119 O  O   . HOH C 2 .  ? -9.629  9.004   3.474   1.00 37.14 ? 139 HOH A O   1 
HETATM 1120 O  O   . HOH C 2 .  ? -6.749  -6.856  -12.584 1.00 48.34 ? 140 HOH A O   1 
HETATM 1121 O  O   . HOH C 2 .  ? -13.345 -10.945 1.181   1.00 26.94 ? 141 HOH A O   1 
HETATM 1122 O  O   . HOH C 2 .  ? -15.620 -14.524 2.513   1.00 46.67 ? 142 HOH A O   1 
HETATM 1123 O  O   . HOH C 2 .  ? -1.911  -7.246  5.138   1.00 29.32 ? 143 HOH A O   1 
HETATM 1124 O  O   . HOH C 2 .  ? 12.321  -2.192  -16.093 1.00 25.42 ? 144 HOH A O   1 
HETATM 1125 O  O   . HOH C 2 .  ? 10.759  -7.863  -8.968  1.00 22.08 ? 145 HOH A O   1 
HETATM 1126 O  O   . HOH C 2 .  ? 13.444  -9.421  -6.723  1.00 22.62 ? 146 HOH A O   1 
HETATM 1127 O  O   . HOH C 2 .  ? -13.847 -6.479  -9.453  1.00 41.68 ? 147 HOH A O   1 
HETATM 1128 O  O   . HOH C 2 .  ? -0.230  5.802   14.291  1.00 29.63 ? 148 HOH A O   1 
HETATM 1129 O  O   . HOH C 2 .  ? 17.969  7.093   -9.349  1.00 28.39 ? 149 HOH A O   1 
HETATM 1130 O  O   . HOH C 2 .  ? -0.440  14.165  -5.139  1.00 27.60 ? 150 HOH A O   1 
HETATM 1131 O  O   . HOH C 2 .  ? -9.084  3.360   -5.122  1.00 29.76 ? 151 HOH A O   1 
HETATM 1132 O  O   . HOH C 2 .  ? 6.588   14.517  -10.832 1.00 32.23 ? 152 HOH A O   1 
HETATM 1133 O  O   . HOH C 2 .  ? 15.547  -8.287  -3.683  1.00 41.04 ? 153 HOH A O   1 
HETATM 1134 O  O   . HOH C 2 .  ? 9.671   5.214   -17.134 1.00 40.36 ? 154 HOH A O   1 
HETATM 1135 O  O   . HOH C 2 .  ? -8.106  -3.720  -11.612 1.00 50.98 ? 155 HOH A O   1 
HETATM 1136 O  O   . HOH C 2 .  ? -5.561  14.643  3.255   1.00 40.95 ? 156 HOH A O   1 
HETATM 1137 O  O   . HOH C 2 .  ? 11.100  -8.140  2.119   1.00 40.02 ? 157 HOH A O   1 
HETATM 1138 O  O   . HOH C 2 .  ? -13.985 1.591   -4.016  1.00 30.96 ? 158 HOH A O   1 
HETATM 1139 O  O   . HOH C 2 .  ? -6.297  -3.977  -9.045  1.00 39.32 ? 159 HOH A O   1 
HETATM 1140 O  O   . HOH C 2 .  ? -9.722  4.279   -7.753  1.00 47.17 ? 160 HOH A O   1 
HETATM 1141 O  O   . HOH C 2 .  ? -3.180  -14.948 -6.110  1.00 44.77 ? 161 HOH A O   1 
HETATM 1142 O  O   . HOH C 2 .  ? -16.048 -5.240  -5.492  1.00 36.45 ? 162 HOH A O   1 
HETATM 1143 O  O   . HOH C 2 .  ? -5.937  15.313  6.176   1.00 27.97 ? 163 HOH A O   1 
HETATM 1144 O  O   . HOH C 2 .  ? -6.950  -15.265 -8.899  1.00 52.45 ? 164 HOH A O   1 
HETATM 1145 O  O   . HOH C 2 .  ? 11.783  -7.140  -11.764 1.00 28.38 ? 165 HOH A O   1 
HETATM 1146 O  O   . HOH C 2 .  ? -9.490  4.877   -4.119  1.00 47.36 ? 166 HOH A O   1 
HETATM 1147 O  O   . HOH C 2 .  ? 18.024  -0.104  -8.753  1.00 44.86 ? 167 HOH A O   1 
HETATM 1148 O  O   . HOH C 2 .  ? 18.554  9.999   -8.348  1.00 36.02 ? 168 HOH A O   1 
HETATM 1149 O  O   . HOH C 2 .  ? 1.516   8.433   13.158  1.00 40.42 ? 169 HOH A O   1 
HETATM 1150 O  O   . HOH C 2 .  ? 6.618   9.246   -17.132 1.00 46.20 ? 170 HOH A O   1 
HETATM 1151 O  O   . HOH C 2 .  ? 17.325  -1.946  -9.566  1.00 41.35 ? 171 HOH A O   1 
HETATM 1152 O  O   . HOH C 2 .  ? 6.687   2.250   -15.442 1.00 27.90 ? 172 HOH A O   1 
HETATM 1153 O  O   . HOH C 2 .  ? -4.495  -12.832 -10.235 1.00 39.55 ? 173 HOH A O   1 
HETATM 1154 O  O   . HOH C 2 .  ? -16.175 -10.611 -1.896  1.00 43.03 ? 174 HOH A O   1 
HETATM 1155 O  O   . HOH C 2 .  ? -2.061  14.891  2.557   1.00 39.20 ? 175 HOH A O   1 
HETATM 1156 O  O   . HOH C 2 .  ? 11.873  -10.065 -7.999  1.00 32.51 ? 176 HOH A O   1 
HETATM 1157 O  O   . HOH C 2 .  ? -2.504  12.656  -5.571  1.00 44.69 ? 177 HOH A O   1 
HETATM 1158 O  O   . HOH C 2 .  ? 9.247   0.697   -18.167 1.00 42.52 ? 178 HOH A O   1 
HETATM 1159 O  O   . HOH C 2 .  ? 10.733  -8.005  -15.393 1.00 34.01 ? 179 HOH A O   1 
HETATM 1160 O  O   . HOH C 2 .  ? 2.400   10.290  12.228  1.00 46.38 ? 180 HOH A O   1 
HETATM 1161 O  O   . HOH C 2 .  ? 18.133  4.117   -6.808  1.00 26.71 ? 181 HOH A O   1 
HETATM 1162 O  O   . HOH C 2 .  ? 19.319  7.153   -14.291 1.00 43.85 ? 182 HOH A O   1 
HETATM 1163 O  O   . HOH C 2 .  ? 19.048  7.519   0.306   1.00 38.70 ? 183 HOH A O   1 
HETATM 1164 O  O   . HOH C 2 .  ? 12.080  -10.379 -3.828  1.00 38.72 ? 184 HOH A O   1 
HETATM 1165 O  O   . HOH C 2 .  ? -8.533  7.014   16.320  1.00 35.62 ? 185 HOH A O   1 
HETATM 1166 O  O   . HOH C 2 .  ? 19.755  5.830   -10.447 1.00 41.54 ? 186 HOH A O   1 
HETATM 1167 O  O   . HOH C 2 .  ? 17.804  0.294   -11.299 1.00 37.36 ? 187 HOH A O   1 
HETATM 1168 O  O   . HOH C 2 .  ? 17.332  3.662   -13.405 1.00 28.56 ? 188 HOH A O   1 
HETATM 1169 O  O   . HOH C 2 .  ? 19.269  5.277   -17.655 1.00 48.09 ? 189 HOH A O   1 
HETATM 1170 O  O   . HOH C 2 .  ? -3.048  -9.466  6.345   1.00 34.82 ? 190 HOH A O   1 
HETATM 1171 O  O   . HOH C 2 .  ? 17.937  6.493   -6.556  1.00 36.38 ? 191 HOH A O   1 
HETATM 1172 O  O   . HOH C 2 .  ? -7.258  -14.503 3.818   1.00 43.10 ? 192 HOH A O   1 
HETATM 1173 O  O   . HOH C 2 .  ? -0.700  5.287   -8.409  1.00 50.31 ? 193 HOH A O   1 
HETATM 1174 O  O   . HOH C 2 .  ? 20.036  8.060   -11.703 1.00 37.23 ? 194 HOH A O   1 
HETATM 1175 O  O   . HOH C 2 .  ? 19.248  3.957   -12.144 1.00 46.21 ? 195 HOH A O   1 
HETATM 1176 O  O   . HOH C 2 .  ? -14.190 1.281   -7.904  1.00 52.16 ? 196 HOH A O   1 
HETATM 1177 O  O   . HOH C 2 .  ? -13.931 2.592   -10.168 1.00 53.07 ? 197 HOH A O   1 
HETATM 1178 O  O   . HOH D 2 .  ? -13.250 8.232   2.461   1.00 37.32 ? 101 HOH B O   1 
HETATM 1179 O  O   . HOH D 2 .  ? 8.965   -3.872  3.634   1.00 45.12 ? 102 HOH B O   1 
HETATM 1180 O  O   . HOH D 2 .  ? -11.663 -11.975 15.700  1.00 34.89 ? 103 HOH B O   1 
HETATM 1181 O  O   . HOH D 2 .  ? 14.977  11.319  7.964   1.00 44.79 ? 104 HOH B O   1 
HETATM 1182 O  O   . HOH D 2 .  ? 13.079  14.124  0.165   1.00 44.48 ? 105 HOH B O   1 
HETATM 1183 O  O   . HOH D 2 .  ? 10.797  5.733   8.291   1.00 24.68 ? 106 HOH B O   1 
HETATM 1184 O  O   . HOH D 2 .  ? 0.682   3.325   14.815  1.00 28.97 ? 107 HOH B O   1 
HETATM 1185 O  O   . HOH D 2 .  ? -8.655  8.550   1.712   1.00 39.65 ? 108 HOH B O   1 
HETATM 1186 O  O   . HOH D 2 .  ? 9.083   -2.062  8.883   1.00 46.66 ? 109 HOH B O   1 
HETATM 1187 O  O   . HOH D 2 .  ? -10.835 -10.338 19.269  1.00 39.59 ? 110 HOH B O   1 
HETATM 1188 O  O   . HOH D 2 .  ? -19.103 -5.273  -2.137  1.00 28.39 ? 111 HOH B O   1 
HETATM 1189 O  O   . HOH D 2 .  ? 5.494   0.739   -11.751 1.00 25.89 ? 112 HOH B O   1 
HETATM 1190 O  O   . HOH D 2 .  ? 14.096  10.071  -0.614  1.00 33.26 ? 113 HOH B O   1 
HETATM 1191 O  O   . HOH D 2 .  ? -15.230 -11.142 9.573   1.00 25.51 ? 114 HOH B O   1 
HETATM 1192 O  O   . HOH D 2 .  ? 8.253   -8.334  -10.061 1.00 25.83 ? 115 HOH B O   1 
HETATM 1193 O  O   . HOH D 2 .  ? -15.844 -9.693  12.900  1.00 26.72 ? 116 HOH B O   1 
HETATM 1194 O  O   . HOH D 2 .  ? -7.320  -3.932  17.106  1.00 23.63 ? 117 HOH B O   1 
HETATM 1195 O  O   . HOH D 2 .  ? 4.835   3.166   10.245  1.00 24.41 ? 118 HOH B O   1 
HETATM 1196 O  O   . HOH D 2 .  ? -20.391 -4.538  4.964   1.00 28.80 ? 119 HOH B O   1 
HETATM 1197 O  O   . HOH D 2 .  ? -17.774 -8.726  16.591  1.00 33.21 ? 120 HOH B O   1 
HETATM 1198 O  O   . HOH D 2 .  ? -16.366 -5.627  14.599  1.00 25.37 ? 121 HOH B O   1 
HETATM 1199 O  O   . HOH D 2 .  ? 0.044   -0.981  -13.966 1.00 33.53 ? 122 HOH B O   1 
HETATM 1200 O  O   . HOH D 2 .  ? -13.860 6.589   11.608  1.00 34.30 ? 123 HOH B O   1 
HETATM 1201 O  O   . HOH D 2 .  ? 11.285  13.089  -1.186  1.00 27.14 ? 124 HOH B O   1 
HETATM 1202 O  O   . HOH D 2 .  ? 19.055  9.052   9.608   1.00 41.27 ? 125 HOH B O   1 
HETATM 1203 O  O   . HOH D 2 .  ? -11.849 4.554   14.313  1.00 41.05 ? 126 HOH B O   1 
HETATM 1204 O  O   . HOH D 2 .  ? -17.194 -7.532  9.682   1.00 38.49 ? 127 HOH B O   1 
HETATM 1205 O  O   . HOH D 2 .  ? -11.852 -10.491 9.755   1.00 27.47 ? 128 HOH B O   1 
HETATM 1206 O  O   . HOH D 2 .  ? -15.937 1.028   8.504   1.00 23.55 ? 129 HOH B O   1 
HETATM 1207 O  O   . HOH D 2 .  ? -15.068 -6.720  18.926  1.00 20.59 ? 130 HOH B O   1 
HETATM 1208 O  O   . HOH D 2 .  ? -14.111 -11.083 17.901  1.00 24.10 ? 131 HOH B O   1 
HETATM 1209 O  O   . HOH D 2 .  ? 5.514   -12.333 -3.544  1.00 33.14 ? 132 HOH B O   1 
HETATM 1210 O  O   . HOH D 2 .  ? -15.752 -9.761  1.604   1.00 38.62 ? 133 HOH B O   1 
HETATM 1211 O  O   . HOH D 2 .  ? 6.058   -3.163  -17.232 1.00 37.32 ? 134 HOH B O   1 
HETATM 1212 O  O   . HOH D 2 .  ? 6.010   9.583   8.442   1.00 33.77 ? 135 HOH B O   1 
HETATM 1213 O  O   . HOH D 2 .  ? 8.392   -5.801  -18.779 1.00 47.83 ? 136 HOH B O   1 
HETATM 1214 O  O   . HOH D 2 .  ? -20.623 11.657  -0.497  1.00 55.19 ? 137 HOH B O   1 
HETATM 1215 O  O   . HOH D 2 .  ? -5.547  -9.847  13.724  1.00 38.25 ? 138 HOH B O   1 
HETATM 1216 O  O   . HOH D 2 .  ? 13.154  0.598   4.436   1.00 41.41 ? 139 HOH B O   1 
HETATM 1217 O  O   . HOH D 2 .  ? 0.440   14.255  5.570   1.00 37.31 ? 140 HOH B O   1 
HETATM 1218 O  O   . HOH D 2 .  ? -15.177 10.303  4.503   1.00 37.25 ? 141 HOH B O   1 
HETATM 1219 O  O   . HOH D 2 .  ? -19.543 -8.353  2.824   1.00 23.91 ? 142 HOH B O   1 
HETATM 1220 O  O   . HOH D 2 .  ? -16.796 -5.081  9.919   1.00 25.56 ? 143 HOH B O   1 
HETATM 1221 O  O   . HOH D 2 .  ? -0.971  -0.432  7.453   1.00 18.66 ? 144 HOH B O   1 
HETATM 1222 O  O   . HOH D 2 .  ? 7.590   -5.640  -14.441 1.00 27.01 ? 145 HOH B O   1 
HETATM 1223 O  O   . HOH D 2 .  ? -16.542 -10.140 6.168   1.00 24.96 ? 146 HOH B O   1 
HETATM 1224 O  O   . HOH D 2 .  ? 12.886  10.590  2.180   1.00 23.58 ? 147 HOH B O   1 
HETATM 1225 O  O   . HOH D 2 .  ? 3.002   6.325   -2.706  1.00 18.27 ? 148 HOH B O   1 
HETATM 1226 O  O   . HOH D 2 .  ? -17.789 1.778   -1.488  1.00 36.97 ? 149 HOH B O   1 
HETATM 1227 O  O   . HOH D 2 .  ? -0.947  -14.948 -4.778  1.00 43.92 ? 150 HOH B O   1 
HETATM 1228 O  O   . HOH D 2 .  ? -3.606  -10.567 -11.849 1.00 41.72 ? 151 HOH B O   1 
HETATM 1229 O  O   . HOH D 2 .  ? 1.010   -11.192 -3.265  1.00 39.23 ? 152 HOH B O   1 
HETATM 1230 O  O   . HOH D 2 .  ? 7.631   -8.010  -12.691 1.00 32.14 ? 153 HOH B O   1 
HETATM 1231 O  O   . HOH D 2 .  ? 7.067   13.783  1.321   1.00 29.68 ? 154 HOH B O   1 
HETATM 1232 O  O   . HOH D 2 .  ? -15.182 -5.009  -1.284  1.00 22.32 ? 155 HOH B O   1 
HETATM 1233 O  O   . HOH D 2 .  ? -12.206 5.295   -4.266  1.00 44.32 ? 156 HOH B O   1 
HETATM 1234 O  O   . HOH D 2 .  ? -3.540  -5.107  18.234  1.00 31.75 ? 157 HOH B O   1 
HETATM 1235 O  O   . HOH D 2 .  ? 7.425   -10.509 2.749   1.00 46.39 ? 158 HOH B O   1 
HETATM 1236 O  O   . HOH D 2 .  ? -15.618 -0.420  14.709  1.00 28.37 ? 159 HOH B O   1 
HETATM 1237 O  O   . HOH D 2 .  ? -1.157  -7.129  15.636  1.00 50.29 ? 160 HOH B O   1 
HETATM 1238 O  O   . HOH D 2 .  ? 16.390  6.503   5.066   1.00 30.94 ? 161 HOH B O   1 
HETATM 1239 O  O   . HOH D 2 .  ? 8.870   -10.758 -10.807 1.00 42.89 ? 162 HOH B O   1 
HETATM 1240 O  O   . HOH D 2 .  ? 2.646   9.301   -11.400 1.00 37.19 ? 163 HOH B O   1 
HETATM 1241 O  O   . HOH D 2 .  ? 0.354   2.904   -8.649  1.00 32.97 ? 164 HOH B O   1 
HETATM 1242 O  O   . HOH D 2 .  ? -17.470 -2.158  -2.503  1.00 22.71 ? 165 HOH B O   1 
HETATM 1243 O  O   . HOH D 2 .  ? 8.855   7.276   9.027   1.00 35.11 ? 166 HOH B O   1 
HETATM 1244 O  O   . HOH D 2 .  ? 13.425  16.857  2.274   1.00 43.25 ? 167 HOH B O   1 
HETATM 1245 O  O   . HOH D 2 .  ? 4.261   -2.941  14.207  1.00 27.65 ? 168 HOH B O   1 
HETATM 1246 O  O   . HOH D 2 .  ? -2.339  4.481   16.374  1.00 39.40 ? 169 HOH B O   1 
HETATM 1247 O  O   . HOH D 2 .  ? 2.603   15.596  1.577   1.00 41.88 ? 170 HOH B O   1 
HETATM 1248 O  O   . HOH D 2 .  ? 11.514  -8.969  -1.816  1.00 35.05 ? 171 HOH B O   1 
HETATM 1249 O  O   . HOH D 2 .  ? 15.523  3.123   12.347  1.00 47.20 ? 172 HOH B O   1 
HETATM 1250 O  O   . HOH D 2 .  ? 9.034   -13.285 -5.638  1.00 55.02 ? 173 HOH B O   1 
HETATM 1251 O  O   . HOH D 2 .  ? 10.046  -11.921 -8.211  1.00 38.60 ? 174 HOH B O   1 
HETATM 1252 O  O   . HOH D 2 .  ? 12.962  5.434   10.290  1.00 26.99 ? 175 HOH B O   1 
HETATM 1253 O  O   . HOH D 2 .  ? -5.017  -9.100  -12.927 1.00 46.75 ? 176 HOH B O   1 
HETATM 1254 O  O   . HOH D 2 .  ? -14.613 -12.820 6.540   1.00 42.38 ? 177 HOH B O   1 
HETATM 1255 O  O   . HOH D 2 .  ? -2.568  -3.538  -8.114  1.00 41.87 ? 178 HOH B O   1 
HETATM 1256 O  O   . HOH D 2 .  ? -8.336  -2.188  -10.384 1.00 45.94 ? 179 HOH B O   1 
HETATM 1257 O  O   . HOH D 2 .  ? -16.675 -7.091  0.304   1.00 29.81 ? 180 HOH B O   1 
HETATM 1258 O  O   . HOH D 2 .  ? 6.119   13.615  4.615   1.00 40.67 ? 181 HOH B O   1 
HETATM 1259 O  O   . HOH D 2 .  ? -21.344 2.322   0.219   1.00 45.26 ? 182 HOH B O   1 
HETATM 1260 O  O   . HOH D 2 .  ? 1.795   1.279   -13.005 1.00 43.80 ? 183 HOH B O   1 
HETATM 1261 O  O   . HOH D 2 .  ? -7.204  9.076   -0.326  1.00 38.50 ? 184 HOH B O   1 
HETATM 1262 O  O   . HOH D 2 .  ? -18.888 -9.088  0.616   1.00 44.10 ? 185 HOH B O   1 
HETATM 1263 O  O   . HOH D 2 .  ? -17.569 -6.675  18.592  1.00 40.71 ? 186 HOH B O   1 
HETATM 1264 O  O   . HOH D 2 .  ? -9.662  -11.111 8.366   1.00 27.65 ? 187 HOH B O   1 
HETATM 1265 O  O   . HOH D 2 .  ? -18.833 -2.034  6.409   1.00 38.83 ? 188 HOH B O   1 
HETATM 1266 O  O   . HOH D 2 .  ? 11.017  -10.497 0.514   1.00 44.08 ? 189 HOH B O   1 
HETATM 1267 O  O   . HOH D 2 .  ? 5.418   2.559   -13.016 1.00 42.88 ? 190 HOH B O   1 
HETATM 1268 O  O   . HOH D 2 .  ? -16.847 -4.011  -3.261  1.00 30.37 ? 191 HOH B O   1 
HETATM 1269 O  O   . HOH D 2 .  ? 17.654  10.235  -1.271  1.00 42.75 ? 192 HOH B O   1 
HETATM 1270 O  O   . HOH D 2 .  ? -21.075 5.496   -0.593  1.00 47.89 ? 193 HOH B O   1 
HETATM 1271 O  O   . HOH D 2 .  ? 5.124   -14.697 -3.967  1.00 45.64 ? 194 HOH B O   1 
HETATM 1272 O  O   . HOH D 2 .  ? -18.435 -4.578  16.330  1.00 46.02 ? 195 HOH B O   1 
HETATM 1273 O  O   . HOH D 2 .  ? -16.236 1.508   11.190  1.00 27.92 ? 196 HOH B O   1 
HETATM 1274 O  O   . HOH D 2 .  ? 13.578  2.657   13.444  1.00 47.49 ? 197 HOH B O   1 
HETATM 1275 O  O   . HOH D 2 .  ? -17.296 -11.066 0.292   1.00 33.14 ? 198 HOH B O   1 
HETATM 1276 O  O   . HOH D 2 .  ? -15.908 -0.115  -4.401  1.00 36.26 ? 199 HOH B O   1 
HETATM 1277 O  O   . HOH D 2 .  ? -13.552 8.654   12.852  1.00 42.84 ? 200 HOH B O   1 
HETATM 1278 O  O   . HOH D 2 .  ? -19.970 -7.809  15.309  1.00 50.38 ? 201 HOH B O   1 
HETATM 1279 O  O   . HOH D 2 .  ? 5.457   13.441  6.885   1.00 45.40 ? 202 HOH B O   1 
HETATM 1280 O  O   . HOH D 2 .  ? 15.272  12.457  -0.627  1.00 39.92 ? 203 HOH B O   1 
HETATM 1281 O  O   . HOH D 2 .  ? 7.678   -11.974 -1.845  1.00 40.78 ? 204 HOH B O   1 
HETATM 1282 O  O   . HOH D 2 .  ? 16.930  11.203  1.258   1.00 50.53 ? 205 HOH B O   1 
HETATM 1283 O  O   . HOH D 2 .  ? 1.400   -1.413  -16.454 1.00 41.19 ? 206 HOH B O   1 
HETATM 1284 O  O   . HOH D 2 .  ? -17.779 -4.858  12.507  1.00 27.55 ? 207 HOH B O   1 
HETATM 1285 O  O   . HOH D 2 .  ? 0.666   3.244   -11.151 1.00 36.50 ? 208 HOH B O   1 
HETATM 1286 O  O   . HOH D 2 .  ? 3.139   -5.567  15.005  1.00 46.08 ? 209 HOH B O   1 
HETATM 1287 O  O   . HOH D 2 .  ? -2.172  0.164   -14.880 1.00 50.66 ? 210 HOH B O   1 
HETATM 1288 O  O   . HOH D 2 .  ? 5.746   15.861  3.981   1.00 57.06 ? 211 HOH B O   1 
HETATM 1289 O  O   . HOH D 2 .  ? -18.928 -3.306  9.036   1.00 40.48 ? 212 HOH B O   1 
HETATM 1290 O  O   . HOH D 2 .  ? 5.154   -4.804  12.851  1.00 47.05 ? 213 HOH B O   1 
HETATM 1291 O  O   . HOH D 2 .  ? 3.836   11.074  8.806   1.00 28.78 ? 214 HOH B O   1 
HETATM 1292 O  O   . HOH D 2 .  ? -19.072 -2.906  13.010  1.00 53.35 ? 215 HOH B O   1 
HETATM 1293 O  O   . HOH D 2 .  ? -4.224  -1.230  -16.231 1.00 53.18 ? 216 HOH B O   1 
HETATM 1294 O  O   . HOH D 2 .  ? 18.129  12.694  -0.366  0.33 42.93 ? 217 HOH B O   1 
HETATM 1295 O  O   . HOH D 2 .  ? -21.702 -7.274  14.060  1.00 55.92 ? 218 HOH B O   1 
HETATM 1296 O  O   . HOH D 2 .  ? -1.942  2.239   -15.338 1.00 51.76 ? 219 HOH B O   1 
# 
